data_4BD6
# 
_entry.id   4BD6 
# 
_audit_conform.dict_name       mmcif_pdbx.dic 
_audit_conform.dict_version    5.391 
_audit_conform.dict_location   http://mmcif.pdb.org/dictionaries/ascii/mmcif_pdbx.dic 
# 
loop_
_database_2.database_id 
_database_2.database_code 
_database_2.pdbx_database_accession 
_database_2.pdbx_DOI 
PDB   4BD6         pdb_00004bd6 10.2210/pdb4bd6/pdb 
PDBE  EBI-54283    ?            ?                   
WWPDB D_1290054283 ?            ?                   
# 
loop_
_pdbx_audit_revision_history.ordinal 
_pdbx_audit_revision_history.data_content_type 
_pdbx_audit_revision_history.major_revision 
_pdbx_audit_revision_history.minor_revision 
_pdbx_audit_revision_history.revision_date 
1 'Structure model' 1 0 2013-02-13 
2 'Structure model' 1 1 2024-05-01 
# 
_pdbx_audit_revision_details.ordinal             1 
_pdbx_audit_revision_details.revision_ordinal    1 
_pdbx_audit_revision_details.data_content_type   'Structure model' 
_pdbx_audit_revision_details.provider            repository 
_pdbx_audit_revision_details.type                'Initial release' 
_pdbx_audit_revision_details.description         ? 
_pdbx_audit_revision_details.details             ? 
# 
loop_
_pdbx_audit_revision_group.ordinal 
_pdbx_audit_revision_group.revision_ordinal 
_pdbx_audit_revision_group.data_content_type 
_pdbx_audit_revision_group.group 
1 2 'Structure model' 'Data collection'        
2 2 'Structure model' 'Database references'    
3 2 'Structure model' Other                    
4 2 'Structure model' 'Refinement description' 
# 
loop_
_pdbx_audit_revision_category.ordinal 
_pdbx_audit_revision_category.revision_ordinal 
_pdbx_audit_revision_category.data_content_type 
_pdbx_audit_revision_category.category 
1 2 'Structure model' chem_comp_atom                
2 2 'Structure model' chem_comp_bond                
3 2 'Structure model' database_2                    
4 2 'Structure model' pdbx_database_status          
5 2 'Structure model' pdbx_initial_refinement_model 
# 
loop_
_pdbx_audit_revision_item.ordinal 
_pdbx_audit_revision_item.revision_ordinal 
_pdbx_audit_revision_item.data_content_type 
_pdbx_audit_revision_item.item 
1 2 'Structure model' '_database_2.pdbx_DOI'                 
2 2 'Structure model' '_database_2.pdbx_database_accession'  
3 2 'Structure model' '_pdbx_database_status.status_code_sf' 
# 
_pdbx_database_status.status_code                     REL 
_pdbx_database_status.entry_id                        4BD6 
_pdbx_database_status.deposit_site                    PDBE 
_pdbx_database_status.process_site                    PDBE 
_pdbx_database_status.SG_entry                        . 
_pdbx_database_status.recvd_initial_deposition_date   2012-10-05 
_pdbx_database_status.pdb_format_compatible           Y 
_pdbx_database_status.status_code_sf                  REL 
_pdbx_database_status.status_code_mr                  ? 
_pdbx_database_status.status_code_cs                  ? 
_pdbx_database_status.methods_development_category    ? 
_pdbx_database_status.status_code_nmr_data            ? 
# 
loop_
_pdbx_database_related.db_name 
_pdbx_database_related.db_id 
_pdbx_database_related.content_type 
_pdbx_database_related.details 
PDB 4BD2 unspecified 'BAX DOMAIN SWAPPED DIMER IN COMPLEX WITH BIDBH3'       
PDB 4BD7 unspecified 'BAX DOMAIN SWAPPED DIMER INDUCED BY OCTYLMALTOSIDE'    
PDB 4BD8 unspecified 'BAX DOMAIN SWAPPED DIMER INDUCED BY BIMBH3 WITH CHAPS' 
PDB 4BDU unspecified 'BAX BH3-IN-GROOVE DIMER (GFP)'                         
# 
loop_
_audit_author.name 
_audit_author.pdbx_ordinal 
'Czabotar, P.E.' 1 
'Westphal, D.'   2 
'Adams, J.M.'    3 
'Colman, P.M.'   4 
# 
_citation.id                        primary 
_citation.title                     
'Bax Crystal Structures Reveal How Bh3 Domains Activate Bax and Nucleate its Oligomerization to Induce Apoptosis.' 
_citation.journal_abbrev            'Cell(Cambridge,Mass.)' 
_citation.journal_volume            152 
_citation.page_first                519 
_citation.page_last                 ? 
_citation.year                      2013 
_citation.journal_id_ASTM           CELLB5 
_citation.country                   US 
_citation.journal_id_ISSN           0092-8674 
_citation.journal_id_CSD            0998 
_citation.book_publisher            ? 
_citation.pdbx_database_id_PubMed   23374347 
_citation.pdbx_database_id_DOI      10.1016/J.CELL.2012.12.031 
# 
loop_
_citation_author.citation_id 
_citation_author.name 
_citation_author.ordinal 
_citation_author.identifier_ORCID 
primary 'Czabotar, P.E.' 1  ? 
primary 'Westphal, D.'   2  ? 
primary 'Dewson, G.'     3  ? 
primary 'Ma, S.'         4  ? 
primary 'Hockings, C.'   5  ? 
primary 'Fairlie, W.D.'  6  ? 
primary 'Lee, E.F.'      7  ? 
primary 'Yao, S.'        8  ? 
primary 'Robin, A.Y.'    9  ? 
primary 'Smith, B.J.'    10 ? 
primary 'Huang, D.C.'    11 ? 
primary 'Kluck, R.M.'    12 ? 
primary 'Adams, J.M.'    13 ? 
primary 'Colman, P.M.'   14 ? 
# 
loop_
_entity.id 
_entity.type 
_entity.src_method 
_entity.pdbx_description 
_entity.formula_weight 
_entity.pdbx_number_of_molecules 
_entity.pdbx_ec 
_entity.pdbx_mutation 
_entity.pdbx_fragment 
_entity.details 
1 polymer man 'APOPTOSIS REGULATOR BAX' 19182.711 1 ? YES 'RESIDUES 1-171' ? 
2 polymer syn 'APOPTOSIS REGULATOR BAX' 3837.381  1 ? ?   'RESIDUES 48-81' ? 
3 water   nat water                     18.015    9 ? ?   ?                ? 
# 
loop_
_entity_name_com.entity_id 
_entity_name_com.name 
1 'BCL-2-LIKE PROTEIN 4, BCL2-L-4' 
2 'BCL-2-LIKE PROTEIN 4, BCL2-L-4' 
# 
loop_
_entity_poly.entity_id 
_entity_poly.type 
_entity_poly.nstd_linkage 
_entity_poly.nstd_monomer 
_entity_poly.pdbx_seq_one_letter_code 
_entity_poly.pdbx_seq_one_letter_code_can 
_entity_poly.pdbx_strand_id 
_entity_poly.pdbx_target_identifier 
1 'polypeptide(L)' no no 
;MDGSGEQPRGGGPTSSEQIMKTGALLLQGFIQDRAGRMGGEAPELALDPVPQDASTKKLSESLKRIGDELDSNMELQRMI
AAVDTDSPREVFFRVAADMFSDGNFNWGRVVALFYFASKLVLKALSTKVPELIRTIMGWTLDFLRERLLGWIQDQGGWDG
LLSYFGTPTWQGSS
;
;MDGSGEQPRGGGPTSSEQIMKTGALLLQGFIQDRAGRMGGEAPELALDPVPQDASTKKLSESLKRIGDELDSNMELQRMI
AAVDTDSPREVFFRVAADMFSDGNFNWGRVVALFYFASKLVLKALSTKVPELIRTIMGWTLDFLRERLLGWIQDQGGWDG
LLSYFGTPTWQGSS
;
A ? 
2 'polypeptide(L)' no no DPVPQDASTKKLSECLKRIGDELDSNMELQRMIA DPVPQDASTKKLSECLKRIGDELDSNMELQRMIA C ? 
# 
_pdbx_entity_nonpoly.entity_id   3 
_pdbx_entity_nonpoly.name        water 
_pdbx_entity_nonpoly.comp_id     HOH 
# 
loop_
_entity_poly_seq.entity_id 
_entity_poly_seq.num 
_entity_poly_seq.mon_id 
_entity_poly_seq.hetero 
1 1   MET n 
1 2   ASP n 
1 3   GLY n 
1 4   SER n 
1 5   GLY n 
1 6   GLU n 
1 7   GLN n 
1 8   PRO n 
1 9   ARG n 
1 10  GLY n 
1 11  GLY n 
1 12  GLY n 
1 13  PRO n 
1 14  THR n 
1 15  SER n 
1 16  SER n 
1 17  GLU n 
1 18  GLN n 
1 19  ILE n 
1 20  MET n 
1 21  LYS n 
1 22  THR n 
1 23  GLY n 
1 24  ALA n 
1 25  LEU n 
1 26  LEU n 
1 27  LEU n 
1 28  GLN n 
1 29  GLY n 
1 30  PHE n 
1 31  ILE n 
1 32  GLN n 
1 33  ASP n 
1 34  ARG n 
1 35  ALA n 
1 36  GLY n 
1 37  ARG n 
1 38  MET n 
1 39  GLY n 
1 40  GLY n 
1 41  GLU n 
1 42  ALA n 
1 43  PRO n 
1 44  GLU n 
1 45  LEU n 
1 46  ALA n 
1 47  LEU n 
1 48  ASP n 
1 49  PRO n 
1 50  VAL n 
1 51  PRO n 
1 52  GLN n 
1 53  ASP n 
1 54  ALA n 
1 55  SER n 
1 56  THR n 
1 57  LYS n 
1 58  LYS n 
1 59  LEU n 
1 60  SER n 
1 61  GLU n 
1 62  SER n 
1 63  LEU n 
1 64  LYS n 
1 65  ARG n 
1 66  ILE n 
1 67  GLY n 
1 68  ASP n 
1 69  GLU n 
1 70  LEU n 
1 71  ASP n 
1 72  SER n 
1 73  ASN n 
1 74  MET n 
1 75  GLU n 
1 76  LEU n 
1 77  GLN n 
1 78  ARG n 
1 79  MET n 
1 80  ILE n 
1 81  ALA n 
1 82  ALA n 
1 83  VAL n 
1 84  ASP n 
1 85  THR n 
1 86  ASP n 
1 87  SER n 
1 88  PRO n 
1 89  ARG n 
1 90  GLU n 
1 91  VAL n 
1 92  PHE n 
1 93  PHE n 
1 94  ARG n 
1 95  VAL n 
1 96  ALA n 
1 97  ALA n 
1 98  ASP n 
1 99  MET n 
1 100 PHE n 
1 101 SER n 
1 102 ASP n 
1 103 GLY n 
1 104 ASN n 
1 105 PHE n 
1 106 ASN n 
1 107 TRP n 
1 108 GLY n 
1 109 ARG n 
1 110 VAL n 
1 111 VAL n 
1 112 ALA n 
1 113 LEU n 
1 114 PHE n 
1 115 TYR n 
1 116 PHE n 
1 117 ALA n 
1 118 SER n 
1 119 LYS n 
1 120 LEU n 
1 121 VAL n 
1 122 LEU n 
1 123 LYS n 
1 124 ALA n 
1 125 LEU n 
1 126 SER n 
1 127 THR n 
1 128 LYS n 
1 129 VAL n 
1 130 PRO n 
1 131 GLU n 
1 132 LEU n 
1 133 ILE n 
1 134 ARG n 
1 135 THR n 
1 136 ILE n 
1 137 MET n 
1 138 GLY n 
1 139 TRP n 
1 140 THR n 
1 141 LEU n 
1 142 ASP n 
1 143 PHE n 
1 144 LEU n 
1 145 ARG n 
1 146 GLU n 
1 147 ARG n 
1 148 LEU n 
1 149 LEU n 
1 150 GLY n 
1 151 TRP n 
1 152 ILE n 
1 153 GLN n 
1 154 ASP n 
1 155 GLN n 
1 156 GLY n 
1 157 GLY n 
1 158 TRP n 
1 159 ASP n 
1 160 GLY n 
1 161 LEU n 
1 162 LEU n 
1 163 SER n 
1 164 TYR n 
1 165 PHE n 
1 166 GLY n 
1 167 THR n 
1 168 PRO n 
1 169 THR n 
1 170 TRP n 
1 171 GLN n 
1 172 GLY n 
1 173 SER n 
1 174 SER n 
2 1   ASP n 
2 2   PRO n 
2 3   VAL n 
2 4   PRO n 
2 5   GLN n 
2 6   ASP n 
2 7   ALA n 
2 8   SER n 
2 9   THR n 
2 10  LYS n 
2 11  LYS n 
2 12  LEU n 
2 13  SER n 
2 14  GLU n 
2 15  CYS n 
2 16  LEU n 
2 17  LYS n 
2 18  ARG n 
2 19  ILE n 
2 20  GLY n 
2 21  ASP n 
2 22  GLU n 
2 23  LEU n 
2 24  ASP n 
2 25  SER n 
2 26  ASN n 
2 27  MET n 
2 28  GLU n 
2 29  LEU n 
2 30  GLN n 
2 31  ARG n 
2 32  MET n 
2 33  ILE n 
2 34  ALA n 
# 
_entity_src_gen.entity_id                          1 
_entity_src_gen.pdbx_src_id                        1 
_entity_src_gen.pdbx_alt_source_flag               sample 
_entity_src_gen.pdbx_seq_type                      ? 
_entity_src_gen.pdbx_beg_seq_num                   ? 
_entity_src_gen.pdbx_end_seq_num                   ? 
_entity_src_gen.gene_src_common_name               HUMAN 
_entity_src_gen.gene_src_genus                     ? 
_entity_src_gen.pdbx_gene_src_gene                 ? 
_entity_src_gen.gene_src_species                   ? 
_entity_src_gen.gene_src_strain                    ? 
_entity_src_gen.gene_src_tissue                    ? 
_entity_src_gen.gene_src_tissue_fraction           ? 
_entity_src_gen.gene_src_details                   ? 
_entity_src_gen.pdbx_gene_src_fragment             ? 
_entity_src_gen.pdbx_gene_src_scientific_name      'HOMO SAPIENS' 
_entity_src_gen.pdbx_gene_src_ncbi_taxonomy_id     9606 
_entity_src_gen.pdbx_gene_src_variant              ? 
_entity_src_gen.pdbx_gene_src_cell_line            ? 
_entity_src_gen.pdbx_gene_src_atcc                 ? 
_entity_src_gen.pdbx_gene_src_organ                ? 
_entity_src_gen.pdbx_gene_src_organelle            ? 
_entity_src_gen.pdbx_gene_src_cell                 ? 
_entity_src_gen.pdbx_gene_src_cellular_location    ? 
_entity_src_gen.host_org_common_name               ? 
_entity_src_gen.pdbx_host_org_scientific_name      'ESCHERICHIA COLI' 
_entity_src_gen.pdbx_host_org_ncbi_taxonomy_id     562 
_entity_src_gen.host_org_genus                     ? 
_entity_src_gen.pdbx_host_org_gene                 ? 
_entity_src_gen.pdbx_host_org_organ                ? 
_entity_src_gen.host_org_species                   ? 
_entity_src_gen.pdbx_host_org_tissue               ? 
_entity_src_gen.pdbx_host_org_tissue_fraction      ? 
_entity_src_gen.pdbx_host_org_strain               ? 
_entity_src_gen.pdbx_host_org_variant              ? 
_entity_src_gen.pdbx_host_org_cell_line            ? 
_entity_src_gen.pdbx_host_org_atcc                 ? 
_entity_src_gen.pdbx_host_org_culture_collection   ? 
_entity_src_gen.pdbx_host_org_cell                 ? 
_entity_src_gen.pdbx_host_org_organelle            ? 
_entity_src_gen.pdbx_host_org_cellular_location    ? 
_entity_src_gen.pdbx_host_org_vector_type          ? 
_entity_src_gen.pdbx_host_org_vector               ? 
_entity_src_gen.host_org_details                   ? 
_entity_src_gen.expression_system_id               ? 
_entity_src_gen.plasmid_name                       ? 
_entity_src_gen.plasmid_details                    ? 
_entity_src_gen.pdbx_description                   ? 
# 
_pdbx_entity_src_syn.entity_id              2 
_pdbx_entity_src_syn.pdbx_src_id            1 
_pdbx_entity_src_syn.pdbx_alt_source_flag   sample 
_pdbx_entity_src_syn.pdbx_beg_seq_num       ? 
_pdbx_entity_src_syn.pdbx_end_seq_num       ? 
_pdbx_entity_src_syn.organism_scientific    'HOMO SAPIENS' 
_pdbx_entity_src_syn.organism_common_name   HUMAN 
_pdbx_entity_src_syn.ncbi_taxonomy_id       9606 
_pdbx_entity_src_syn.details                ? 
# 
loop_
_chem_comp.id 
_chem_comp.type 
_chem_comp.mon_nstd_flag 
_chem_comp.name 
_chem_comp.pdbx_synonyms 
_chem_comp.formula 
_chem_comp.formula_weight 
ALA 'L-peptide linking' y ALANINE         ? 'C3 H7 N O2'     89.093  
ARG 'L-peptide linking' y ARGININE        ? 'C6 H15 N4 O2 1' 175.209 
ASN 'L-peptide linking' y ASPARAGINE      ? 'C4 H8 N2 O3'    132.118 
ASP 'L-peptide linking' y 'ASPARTIC ACID' ? 'C4 H7 N O4'     133.103 
CYS 'L-peptide linking' y CYSTEINE        ? 'C3 H7 N O2 S'   121.158 
GLN 'L-peptide linking' y GLUTAMINE       ? 'C5 H10 N2 O3'   146.144 
GLU 'L-peptide linking' y 'GLUTAMIC ACID' ? 'C5 H9 N O4'     147.129 
GLY 'peptide linking'   y GLYCINE         ? 'C2 H5 N O2'     75.067  
HOH non-polymer         . WATER           ? 'H2 O'           18.015  
ILE 'L-peptide linking' y ISOLEUCINE      ? 'C6 H13 N O2'    131.173 
LEU 'L-peptide linking' y LEUCINE         ? 'C6 H13 N O2'    131.173 
LYS 'L-peptide linking' y LYSINE          ? 'C6 H15 N2 O2 1' 147.195 
MET 'L-peptide linking' y METHIONINE      ? 'C5 H11 N O2 S'  149.211 
PHE 'L-peptide linking' y PHENYLALANINE   ? 'C9 H11 N O2'    165.189 
PRO 'L-peptide linking' y PROLINE         ? 'C5 H9 N O2'     115.130 
SER 'L-peptide linking' y SERINE          ? 'C3 H7 N O3'     105.093 
THR 'L-peptide linking' y THREONINE       ? 'C4 H9 N O3'     119.119 
TRP 'L-peptide linking' y TRYPTOPHAN      ? 'C11 H12 N2 O2'  204.225 
TYR 'L-peptide linking' y TYROSINE        ? 'C9 H11 N O3'    181.189 
VAL 'L-peptide linking' y VALINE          ? 'C5 H11 N O2'    117.146 
# 
loop_
_pdbx_poly_seq_scheme.asym_id 
_pdbx_poly_seq_scheme.entity_id 
_pdbx_poly_seq_scheme.seq_id 
_pdbx_poly_seq_scheme.mon_id 
_pdbx_poly_seq_scheme.ndb_seq_num 
_pdbx_poly_seq_scheme.pdb_seq_num 
_pdbx_poly_seq_scheme.auth_seq_num 
_pdbx_poly_seq_scheme.pdb_mon_id 
_pdbx_poly_seq_scheme.auth_mon_id 
_pdbx_poly_seq_scheme.pdb_strand_id 
_pdbx_poly_seq_scheme.pdb_ins_code 
_pdbx_poly_seq_scheme.hetero 
A 1 1   MET 1   1   ?   ?   ?   A . n 
A 1 2   ASP 2   2   ?   ?   ?   A . n 
A 1 3   GLY 3   3   ?   ?   ?   A . n 
A 1 4   SER 4   4   ?   ?   ?   A . n 
A 1 5   GLY 5   5   ?   ?   ?   A . n 
A 1 6   GLU 6   6   ?   ?   ?   A . n 
A 1 7   GLN 7   7   ?   ?   ?   A . n 
A 1 8   PRO 8   8   ?   ?   ?   A . n 
A 1 9   ARG 9   9   ?   ?   ?   A . n 
A 1 10  GLY 10  10  10  GLY GLY A . n 
A 1 11  GLY 11  11  11  GLY GLY A . n 
A 1 12  GLY 12  12  12  GLY GLY A . n 
A 1 13  PRO 13  13  13  PRO PRO A . n 
A 1 14  THR 14  14  14  THR THR A . n 
A 1 15  SER 15  15  15  SER SER A . n 
A 1 16  SER 16  16  16  SER SER A . n 
A 1 17  GLU 17  17  17  GLU GLU A . n 
A 1 18  GLN 18  18  18  GLN GLN A . n 
A 1 19  ILE 19  19  19  ILE ILE A . n 
A 1 20  MET 20  20  20  MET MET A . n 
A 1 21  LYS 21  21  21  LYS LYS A . n 
A 1 22  THR 22  22  22  THR THR A . n 
A 1 23  GLY 23  23  23  GLY GLY A . n 
A 1 24  ALA 24  24  24  ALA ALA A . n 
A 1 25  LEU 25  25  25  LEU LEU A . n 
A 1 26  LEU 26  26  26  LEU LEU A . n 
A 1 27  LEU 27  27  27  LEU LEU A . n 
A 1 28  GLN 28  28  28  GLN GLN A . n 
A 1 29  GLY 29  29  29  GLY GLY A . n 
A 1 30  PHE 30  30  30  PHE PHE A . n 
A 1 31  ILE 31  31  31  ILE ILE A . n 
A 1 32  GLN 32  32  32  GLN GLN A . n 
A 1 33  ASP 33  33  33  ASP ASP A . n 
A 1 34  ARG 34  34  34  ARG ARG A . n 
A 1 35  ALA 35  35  35  ALA ALA A . n 
A 1 36  GLY 36  36  36  GLY GLY A . n 
A 1 37  ARG 37  37  37  ARG ARG A . n 
A 1 38  MET 38  38  ?   ?   ?   A . n 
A 1 39  GLY 39  39  ?   ?   ?   A . n 
A 1 40  GLY 40  40  ?   ?   ?   A . n 
A 1 41  GLU 41  41  ?   ?   ?   A . n 
A 1 42  ALA 42  42  ?   ?   ?   A . n 
A 1 43  PRO 43  43  ?   ?   ?   A . n 
A 1 44  GLU 44  44  ?   ?   ?   A . n 
A 1 45  LEU 45  45  ?   ?   ?   A . n 
A 1 46  ALA 46  46  ?   ?   ?   A . n 
A 1 47  LEU 47  47  ?   ?   ?   A . n 
A 1 48  ASP 48  48  ?   ?   ?   A . n 
A 1 49  PRO 49  49  49  PRO PRO A . n 
A 1 50  VAL 50  50  50  VAL VAL A . n 
A 1 51  PRO 51  51  51  PRO PRO A . n 
A 1 52  GLN 52  52  52  GLN GLN A . n 
A 1 53  ASP 53  53  53  ASP ASP A . n 
A 1 54  ALA 54  54  54  ALA ALA A . n 
A 1 55  SER 55  55  55  SER SER A . n 
A 1 56  THR 56  56  56  THR THR A . n 
A 1 57  LYS 57  57  57  LYS LYS A . n 
A 1 58  LYS 58  58  58  LYS LYS A . n 
A 1 59  LEU 59  59  59  LEU LEU A . n 
A 1 60  SER 60  60  60  SER SER A . n 
A 1 61  GLU 61  61  61  GLU GLU A . n 
A 1 62  SER 62  62  62  SER SER A . n 
A 1 63  LEU 63  63  63  LEU LEU A . n 
A 1 64  LYS 64  64  64  LYS LYS A . n 
A 1 65  ARG 65  65  65  ARG ARG A . n 
A 1 66  ILE 66  66  66  ILE ILE A . n 
A 1 67  GLY 67  67  67  GLY GLY A . n 
A 1 68  ASP 68  68  68  ASP ASP A . n 
A 1 69  GLU 69  69  69  GLU GLU A . n 
A 1 70  LEU 70  70  70  LEU LEU A . n 
A 1 71  ASP 71  71  71  ASP ASP A . n 
A 1 72  SER 72  72  72  SER SER A . n 
A 1 73  ASN 73  73  73  ASN ASN A . n 
A 1 74  MET 74  74  74  MET MET A . n 
A 1 75  GLU 75  75  75  GLU GLU A . n 
A 1 76  LEU 76  76  76  LEU LEU A . n 
A 1 77  GLN 77  77  77  GLN GLN A . n 
A 1 78  ARG 78  78  78  ARG ARG A . n 
A 1 79  MET 79  79  79  MET MET A . n 
A 1 80  ILE 80  80  80  ILE ILE A . n 
A 1 81  ALA 81  81  81  ALA ALA A . n 
A 1 82  ALA 82  82  82  ALA ALA A . n 
A 1 83  VAL 83  83  83  VAL VAL A . n 
A 1 84  ASP 84  84  84  ASP ASP A . n 
A 1 85  THR 85  85  85  THR THR A . n 
A 1 86  ASP 86  86  86  ASP ASP A . n 
A 1 87  SER 87  87  87  SER SER A . n 
A 1 88  PRO 88  88  88  PRO PRO A . n 
A 1 89  ARG 89  89  89  ARG ARG A . n 
A 1 90  GLU 90  90  90  GLU GLU A . n 
A 1 91  VAL 91  91  91  VAL VAL A . n 
A 1 92  PHE 92  92  92  PHE PHE A . n 
A 1 93  PHE 93  93  93  PHE PHE A . n 
A 1 94  ARG 94  94  94  ARG ARG A . n 
A 1 95  VAL 95  95  95  VAL VAL A . n 
A 1 96  ALA 96  96  96  ALA ALA A . n 
A 1 97  ALA 97  97  97  ALA ALA A . n 
A 1 98  ASP 98  98  98  ASP ASP A . n 
A 1 99  MET 99  99  99  MET MET A . n 
A 1 100 PHE 100 100 100 PHE PHE A . n 
A 1 101 SER 101 101 101 SER SER A . n 
A 1 102 ASP 102 102 102 ASP ASP A . n 
A 1 103 GLY 103 103 103 GLY GLY A . n 
A 1 104 ASN 104 104 104 ASN ASN A . n 
A 1 105 PHE 105 105 105 PHE PHE A . n 
A 1 106 ASN 106 106 106 ASN ASN A . n 
A 1 107 TRP 107 107 107 TRP TRP A . n 
A 1 108 GLY 108 108 108 GLY GLY A . n 
A 1 109 ARG 109 109 109 ARG ARG A . n 
A 1 110 VAL 110 110 110 VAL VAL A . n 
A 1 111 VAL 111 111 111 VAL VAL A . n 
A 1 112 ALA 112 112 112 ALA ALA A . n 
A 1 113 LEU 113 113 113 LEU LEU A . n 
A 1 114 PHE 114 114 114 PHE PHE A . n 
A 1 115 TYR 115 115 115 TYR TYR A . n 
A 1 116 PHE 116 116 116 PHE PHE A . n 
A 1 117 ALA 117 117 117 ALA ALA A . n 
A 1 118 SER 118 118 118 SER SER A . n 
A 1 119 LYS 119 119 119 LYS LYS A . n 
A 1 120 LEU 120 120 120 LEU LEU A . n 
A 1 121 VAL 121 121 121 VAL VAL A . n 
A 1 122 LEU 122 122 122 LEU LEU A . n 
A 1 123 LYS 123 123 123 LYS LYS A . n 
A 1 124 ALA 124 124 124 ALA ALA A . n 
A 1 125 LEU 125 125 125 LEU LEU A . n 
A 1 126 SER 126 126 126 SER SER A . n 
A 1 127 THR 127 127 127 THR THR A . n 
A 1 128 LYS 128 128 128 LYS LYS A . n 
A 1 129 VAL 129 129 129 VAL VAL A . n 
A 1 130 PRO 130 130 130 PRO PRO A . n 
A 1 131 GLU 131 131 131 GLU GLU A . n 
A 1 132 LEU 132 132 132 LEU LEU A . n 
A 1 133 ILE 133 133 133 ILE ILE A . n 
A 1 134 ARG 134 134 134 ARG ARG A . n 
A 1 135 THR 135 135 135 THR THR A . n 
A 1 136 ILE 136 136 136 ILE ILE A . n 
A 1 137 MET 137 137 137 MET MET A . n 
A 1 138 GLY 138 138 138 GLY GLY A . n 
A 1 139 TRP 139 139 139 TRP TRP A . n 
A 1 140 THR 140 140 140 THR THR A . n 
A 1 141 LEU 141 141 141 LEU LEU A . n 
A 1 142 ASP 142 142 142 ASP ASP A . n 
A 1 143 PHE 143 143 143 PHE PHE A . n 
A 1 144 LEU 144 144 144 LEU LEU A . n 
A 1 145 ARG 145 145 145 ARG ARG A . n 
A 1 146 GLU 146 146 146 GLU GLU A . n 
A 1 147 ARG 147 147 147 ARG ARG A . n 
A 1 148 LEU 148 148 148 LEU LEU A . n 
A 1 149 LEU 149 149 149 LEU LEU A . n 
A 1 150 GLY 150 150 150 GLY GLY A . n 
A 1 151 TRP 151 151 151 TRP TRP A . n 
A 1 152 ILE 152 152 152 ILE ILE A . n 
A 1 153 GLN 153 153 153 GLN GLN A . n 
A 1 154 ASP 154 154 154 ASP ASP A . n 
A 1 155 GLN 155 155 155 GLN GLN A . n 
A 1 156 GLY 156 156 156 GLY GLY A . n 
A 1 157 GLY 157 157 157 GLY GLY A . n 
A 1 158 TRP 158 158 158 TRP TRP A . n 
A 1 159 ASP 159 159 159 ASP ASP A . n 
A 1 160 GLY 160 160 160 GLY GLY A . n 
A 1 161 LEU 161 161 161 LEU LEU A . n 
A 1 162 LEU 162 162 162 LEU LEU A . n 
A 1 163 SER 163 163 163 SER SER A . n 
A 1 164 TYR 164 164 164 TYR TYR A . n 
A 1 165 PHE 165 165 165 PHE PHE A . n 
A 1 166 GLY 166 166 166 GLY GLY A . n 
A 1 167 THR 167 167 167 THR THR A . n 
A 1 168 PRO 168 168 ?   ?   ?   A . n 
A 1 169 THR 169 169 ?   ?   ?   A . n 
A 1 170 TRP 170 170 ?   ?   ?   A . n 
A 1 171 GLN 171 171 ?   ?   ?   A . n 
A 1 172 GLY 172 172 ?   ?   ?   A . n 
A 1 173 SER 173 173 ?   ?   ?   A . n 
A 1 174 SER 174 174 ?   ?   ?   A . n 
B 2 1   ASP 1   48  ?   ?   ?   C . n 
B 2 2   PRO 2   49  ?   ?   ?   C . n 
B 2 3   VAL 3   50  ?   ?   ?   C . n 
B 2 4   PRO 4   51  ?   ?   ?   C . n 
B 2 5   GLN 5   52  ?   ?   ?   C . n 
B 2 6   ASP 6   53  ?   ?   ?   C . n 
B 2 7   ALA 7   54  54  ALA ALA C . n 
B 2 8   SER 8   55  55  SER SER C . n 
B 2 9   THR 9   56  56  THR THR C . n 
B 2 10  LYS 10  57  57  LYS LYS C . n 
B 2 11  LYS 11  58  58  LYS LYS C . n 
B 2 12  LEU 12  59  59  LEU LEU C . n 
B 2 13  SER 13  60  60  SER SER C . n 
B 2 14  GLU 14  61  61  GLU GLU C . n 
B 2 15  CYS 15  62  62  CYS CYS C . n 
B 2 16  LEU 16  63  63  LEU LEU C . n 
B 2 17  LYS 17  64  64  LYS LYS C . n 
B 2 18  ARG 18  65  65  ARG ARG C . n 
B 2 19  ILE 19  66  66  ILE ILE C . n 
B 2 20  GLY 20  67  67  GLY GLY C . n 
B 2 21  ASP 21  68  68  ASP ASP C . n 
B 2 22  GLU 22  69  69  GLU GLU C . n 
B 2 23  LEU 23  70  70  LEU LEU C . n 
B 2 24  ASP 24  71  71  ASP ASP C . n 
B 2 25  SER 25  72  72  SER SER C . n 
B 2 26  ASN 26  73  73  ASN ASN C . n 
B 2 27  MET 27  74  ?   ?   ?   C . n 
B 2 28  GLU 28  75  ?   ?   ?   C . n 
B 2 29  LEU 29  76  ?   ?   ?   C . n 
B 2 30  GLN 30  77  ?   ?   ?   C . n 
B 2 31  ARG 31  78  ?   ?   ?   C . n 
B 2 32  MET 32  79  ?   ?   ?   C . n 
B 2 33  ILE 33  80  ?   ?   ?   C . n 
B 2 34  ALA 34  81  ?   ?   ?   C . n 
# 
loop_
_pdbx_nonpoly_scheme.asym_id 
_pdbx_nonpoly_scheme.entity_id 
_pdbx_nonpoly_scheme.mon_id 
_pdbx_nonpoly_scheme.ndb_seq_num 
_pdbx_nonpoly_scheme.pdb_seq_num 
_pdbx_nonpoly_scheme.auth_seq_num 
_pdbx_nonpoly_scheme.pdb_mon_id 
_pdbx_nonpoly_scheme.auth_mon_id 
_pdbx_nonpoly_scheme.pdb_strand_id 
_pdbx_nonpoly_scheme.pdb_ins_code 
C 3 HOH 1 2001 2001 HOH HOH A . 
C 3 HOH 2 2002 2002 HOH HOH A . 
C 3 HOH 3 2003 2003 HOH HOH A . 
C 3 HOH 4 2004 2004 HOH HOH A . 
C 3 HOH 5 2005 2005 HOH HOH A . 
C 3 HOH 6 2006 2006 HOH HOH A . 
C 3 HOH 7 2007 2007 HOH HOH A . 
C 3 HOH 8 2008 2008 HOH HOH A . 
D 3 HOH 1 2001 2001 HOH HOH C . 
# 
loop_
_software.name 
_software.classification 
_software.version 
_software.citation_id 
_software.pdbx_ordinal 
PHENIX refinement       '(PHENIX.REFINE)' ? 1 
XDS    'data reduction' .                 ? 2 
XDS    'data scaling'   .                 ? 3 
PHASER phasing          .                 ? 4 
# 
_cell.entry_id           4BD6 
_cell.length_a           103.715 
_cell.length_b           103.715 
_cell.length_c           40.555 
_cell.angle_alpha        90.00 
_cell.angle_beta         90.00 
_cell.angle_gamma        90.00 
_cell.Z_PDB              8 
_cell.pdbx_unique_axis   ? 
# 
_symmetry.entry_id                         4BD6 
_symmetry.space_group_name_H-M             'P 43 21 2' 
_symmetry.pdbx_full_space_group_name_H-M   ? 
_symmetry.cell_setting                     ? 
_symmetry.Int_Tables_number                96 
# 
_exptl.entry_id          4BD6 
_exptl.method            'X-RAY DIFFRACTION' 
_exptl.crystals_number   1 
# 
_exptl_crystal.id                    1 
_exptl_crystal.density_meas          ? 
_exptl_crystal.density_Matthews      2.37 
_exptl_crystal.density_percent_sol   48.1 
_exptl_crystal.description           NONE 
# 
_exptl_crystal_grow.crystal_id      1 
_exptl_crystal_grow.method          ? 
_exptl_crystal_grow.temp            ? 
_exptl_crystal_grow.temp_details    ? 
_exptl_crystal_grow.pH              ? 
_exptl_crystal_grow.pdbx_pH_range   ? 
_exptl_crystal_grow.pdbx_details    '1.4 M SODIUM CITRATE, 0.1 M SODIUM CACODYLATE PH 5.75' 
# 
_diffrn.id                     1 
_diffrn.ambient_temp           100 
_diffrn.ambient_temp_details   ? 
_diffrn.crystal_id             1 
# 
_diffrn_detector.diffrn_id              1 
_diffrn_detector.detector               CCD 
_diffrn_detector.type                   'ADSC CCD' 
_diffrn_detector.pdbx_collection_date   2012-02-14 
_diffrn_detector.details                ? 
# 
_diffrn_radiation.diffrn_id                        1 
_diffrn_radiation.wavelength_id                    1 
_diffrn_radiation.pdbx_monochromatic_or_laue_m_l   M 
_diffrn_radiation.monochromator                    'SI(111)' 
_diffrn_radiation.pdbx_diffrn_protocol             'SINGLE WAVELENGTH' 
_diffrn_radiation.pdbx_scattering_type             x-ray 
# 
_diffrn_radiation_wavelength.id           1 
_diffrn_radiation_wavelength.wavelength   0.9537 
_diffrn_radiation_wavelength.wt           1.0 
# 
_diffrn_source.diffrn_id                   1 
_diffrn_source.source                      SYNCHROTRON 
_diffrn_source.type                        'AUSTRALIAN SYNCHROTRON BEAMLINE MX2' 
_diffrn_source.pdbx_synchrotron_site       'Australian Synchrotron' 
_diffrn_source.pdbx_synchrotron_beamline   MX2 
_diffrn_source.pdbx_wavelength             0.9537 
_diffrn_source.pdbx_wavelength_list        ? 
# 
_reflns.pdbx_diffrn_id               1 
_reflns.pdbx_ordinal                 1 
_reflns.entry_id                     4BD6 
_reflns.observed_criterion_sigma_I   -3.0 
_reflns.observed_criterion_sigma_F   ? 
_reflns.d_resolution_low             51.80 
_reflns.d_resolution_high            2.49 
_reflns.number_obs                   8067 
_reflns.number_all                   ? 
_reflns.percent_possible_obs         98.9 
_reflns.pdbx_Rmerge_I_obs            0.06 
_reflns.pdbx_Rsym_value              ? 
_reflns.pdbx_netI_over_sigmaI        26.72 
_reflns.B_iso_Wilson_estimate        72.90 
_reflns.pdbx_redundancy              12.2 
# 
_reflns_shell.pdbx_diffrn_id         1 
_reflns_shell.pdbx_ordinal           1 
_reflns_shell.d_res_high             2.49 
_reflns_shell.d_res_low              2.85 
_reflns_shell.percent_possible_all   94.1 
_reflns_shell.Rmerge_I_obs           1.693 
_reflns_shell.pdbx_Rsym_value        ? 
_reflns_shell.meanI_over_sigI_obs    1.45 
_reflns_shell.pdbx_redundancy        11.5 
# 
_refine.pdbx_refine_id                           'X-RAY DIFFRACTION' 
_refine.entry_id                                 4BD6 
_refine.pdbx_diffrn_id                           1 
_refine.pdbx_TLS_residual_ADP_flag               ? 
_refine.ls_number_reflns_obs                     8067 
_refine.ls_number_reflns_all                     ? 
_refine.pdbx_ls_sigma_I                          ? 
_refine.pdbx_ls_sigma_F                          1.99 
_refine.pdbx_data_cutoff_high_absF               ? 
_refine.pdbx_data_cutoff_low_absF                ? 
_refine.pdbx_data_cutoff_high_rms_absF           ? 
_refine.ls_d_res_low                             51.858 
_refine.ls_d_res_high                            2.494 
_refine.ls_percent_reflns_obs                    98.98 
_refine.ls_R_factor_obs                          0.2482 
_refine.ls_R_factor_all                          ? 
_refine.ls_R_factor_R_work                       0.2463 
_refine.ls_R_factor_R_free                       0.2853 
_refine.ls_R_factor_R_free_error                 ? 
_refine.ls_R_factor_R_free_error_details         ? 
_refine.ls_percent_reflns_R_free                 5.0 
_refine.ls_number_reflns_R_free                  404 
_refine.ls_number_parameters                     ? 
_refine.ls_number_restraints                     ? 
_refine.occupancy_min                            ? 
_refine.occupancy_max                            ? 
_refine.correlation_coeff_Fo_to_Fc               ? 
_refine.correlation_coeff_Fo_to_Fc_free          ? 
_refine.B_iso_mean                               83.2 
_refine.aniso_B[1][1]                            -0.0606 
_refine.aniso_B[2][2]                            -0.0606 
_refine.aniso_B[3][3]                            0.1213 
_refine.aniso_B[1][2]                            0.0000 
_refine.aniso_B[1][3]                            0.0000 
_refine.aniso_B[2][3]                            0.0000 
_refine.solvent_model_details                    'FLAT BULK SOLVENT MODEL' 
_refine.solvent_model_param_ksol                 0.341 
_refine.solvent_model_param_bsol                 65.462 
_refine.pdbx_solvent_vdw_probe_radii             1.20 
_refine.pdbx_solvent_ion_probe_radii             ? 
_refine.pdbx_solvent_shrinkage_radii             0.98 
_refine.pdbx_ls_cross_valid_method               ? 
_refine.details                                  ? 
_refine.pdbx_starting_model                      'BAX DOMAIN SWAPPED DIMER INDUCED BY OCTYLMALTOSIDE' 
_refine.pdbx_method_to_determine_struct          'MOLECULAR REPLACEMENT' 
_refine.pdbx_isotropic_thermal_model             ? 
_refine.pdbx_stereochemistry_target_values       ML 
_refine.pdbx_stereochem_target_val_spec_case     ? 
_refine.pdbx_R_Free_selection_details            ? 
_refine.pdbx_overall_ESU_R                       ? 
_refine.pdbx_overall_ESU_R_Free                  ? 
_refine.overall_SU_ML                            0.42 
_refine.pdbx_overall_phase_error                 28.82 
_refine.overall_SU_B                             ? 
_refine.overall_SU_R_Cruickshank_DPI             ? 
_refine.pdbx_overall_SU_R_free_Cruickshank_DPI   ? 
_refine.pdbx_overall_SU_R_Blow_DPI               ? 
_refine.pdbx_overall_SU_R_free_Blow_DPI          ? 
# 
_refine_hist.pdbx_refine_id                   'X-RAY DIFFRACTION' 
_refine_hist.cycle_id                         LAST 
_refine_hist.pdbx_number_atoms_protein        1305 
_refine_hist.pdbx_number_atoms_nucleic_acid   0 
_refine_hist.pdbx_number_atoms_ligand         0 
_refine_hist.number_atoms_solvent             9 
_refine_hist.number_atoms_total               1314 
_refine_hist.d_res_high                       2.494 
_refine_hist.d_res_low                        51.858 
# 
loop_
_refine_ls_restr.type 
_refine_ls_restr.dev_ideal 
_refine_ls_restr.dev_ideal_target 
_refine_ls_restr.weight 
_refine_ls_restr.number 
_refine_ls_restr.pdbx_refine_id 
_refine_ls_restr.pdbx_restraint_function 
f_bond_d           0.012  ? ? 1326 'X-RAY DIFFRACTION' ? 
f_angle_d          1.480  ? ? 1781 'X-RAY DIFFRACTION' ? 
f_dihedral_angle_d 15.174 ? ? 493  'X-RAY DIFFRACTION' ? 
f_chiral_restr     0.078  ? ? 197  'X-RAY DIFFRACTION' ? 
f_plane_restr      0.008  ? ? 227  'X-RAY DIFFRACTION' ? 
# 
loop_
_refine_ls_shell.pdbx_refine_id 
_refine_ls_shell.pdbx_total_number_of_bins_used 
_refine_ls_shell.d_res_high 
_refine_ls_shell.d_res_low 
_refine_ls_shell.number_reflns_R_work 
_refine_ls_shell.R_factor_R_work 
_refine_ls_shell.percent_reflns_obs 
_refine_ls_shell.R_factor_R_free 
_refine_ls_shell.R_factor_R_free_error 
_refine_ls_shell.percent_reflns_R_free 
_refine_ls_shell.number_reflns_R_free 
_refine_ls_shell.number_reflns_all 
_refine_ls_shell.R_factor_all 
'X-RAY DIFFRACTION' . 2.4938 2.8546  2444 0.3183 97.00  0.3799 . . 130 . . 
'X-RAY DIFFRACTION' . 2.8546 3.5964  2538 0.2547 100.00 0.3018 . . 133 . . 
'X-RAY DIFFRACTION' . 3.5964 51.8687 2681 0.2347 100.00 0.2687 . . 141 . . 
# 
_struct.entry_id                  4BD6 
_struct.title                     'Bax domain swapped dimer in complex with BaxBH3' 
_struct.pdbx_model_details        ? 
_struct.pdbx_CASP_flag            ? 
_struct.pdbx_model_type_details   ? 
# 
_struct_keywords.entry_id        4BD6 
_struct_keywords.pdbx_keywords   APOPTOSIS 
_struct_keywords.text            'APOPTOSIS, PROGRAMMED CELL DEATH' 
# 
loop_
_struct_asym.id 
_struct_asym.pdbx_blank_PDB_chainid_flag 
_struct_asym.pdbx_modified 
_struct_asym.entity_id 
_struct_asym.details 
A N N 1 ? 
B N N 2 ? 
C N N 3 ? 
D N N 3 ? 
# 
loop_
_struct_ref.id 
_struct_ref.db_name 
_struct_ref.db_code 
_struct_ref.entity_id 
_struct_ref.pdbx_seq_one_letter_code 
_struct_ref.pdbx_align_begin 
_struct_ref.pdbx_db_accession 
_struct_ref.pdbx_db_isoform 
1 UNP BAX_HUMAN 1 ? ? Q07812 ? 
2 UNP BAX_HUMAN 2 ? ? Q07812 ? 
# 
loop_
_struct_ref_seq.align_id 
_struct_ref_seq.ref_id 
_struct_ref_seq.pdbx_PDB_id_code 
_struct_ref_seq.pdbx_strand_id 
_struct_ref_seq.seq_align_beg 
_struct_ref_seq.pdbx_seq_align_beg_ins_code 
_struct_ref_seq.seq_align_end 
_struct_ref_seq.pdbx_seq_align_end_ins_code 
_struct_ref_seq.pdbx_db_accession 
_struct_ref_seq.db_align_beg 
_struct_ref_seq.pdbx_db_align_beg_ins_code 
_struct_ref_seq.db_align_end 
_struct_ref_seq.pdbx_db_align_end_ins_code 
_struct_ref_seq.pdbx_auth_seq_align_beg 
_struct_ref_seq.pdbx_auth_seq_align_end 
1 1 4BD6 A 1 ? 171 ? Q07812 1  ? 171 ? 1  171 
2 2 4BD6 C 1 ? 34  ? Q07812 48 ? 81  ? 48 81  
# 
loop_
_struct_ref_seq_dif.align_id 
_struct_ref_seq_dif.pdbx_pdb_id_code 
_struct_ref_seq_dif.mon_id 
_struct_ref_seq_dif.pdbx_pdb_strand_id 
_struct_ref_seq_dif.seq_num 
_struct_ref_seq_dif.pdbx_pdb_ins_code 
_struct_ref_seq_dif.pdbx_seq_db_name 
_struct_ref_seq_dif.pdbx_seq_db_accession_code 
_struct_ref_seq_dif.db_mon_id 
_struct_ref_seq_dif.pdbx_seq_db_seq_num 
_struct_ref_seq_dif.details 
_struct_ref_seq_dif.pdbx_auth_seq_num 
_struct_ref_seq_dif.pdbx_ordinal 
1 4BD6 GLY A 172 ? UNP Q07812 ?   ?   'expression tag'      172 1 
1 4BD6 SER A 173 ? UNP Q07812 ?   ?   'expression tag'      173 2 
1 4BD6 SER A 174 ? UNP Q07812 ?   ?   'expression tag'      174 3 
1 4BD6 SER A 62  ? UNP Q07812 CYS 62  'engineered mutation' 62  4 
1 4BD6 SER A 126 ? UNP Q07812 CYS 126 'engineered mutation' 126 5 
# 
_pdbx_struct_assembly.id                   1 
_pdbx_struct_assembly.details              author_and_software_defined_assembly 
_pdbx_struct_assembly.method_details       PISA 
_pdbx_struct_assembly.oligomeric_details   tetrameric 
_pdbx_struct_assembly.oligomeric_count     4 
# 
loop_
_pdbx_struct_assembly_prop.biol_id 
_pdbx_struct_assembly_prop.type 
_pdbx_struct_assembly_prop.value 
_pdbx_struct_assembly_prop.details 
1 'ABSA (A^2)' 10370  ? 
1 MORE         -116.4 ? 
1 'SSA (A^2)'  16230  ? 
# 
_pdbx_struct_assembly_gen.assembly_id       1 
_pdbx_struct_assembly_gen.oper_expression   1,2 
_pdbx_struct_assembly_gen.asym_id_list      A,B,C,D 
# 
loop_
_pdbx_struct_oper_list.id 
_pdbx_struct_oper_list.type 
_pdbx_struct_oper_list.name 
_pdbx_struct_oper_list.symmetry_operation 
_pdbx_struct_oper_list.matrix[1][1] 
_pdbx_struct_oper_list.matrix[1][2] 
_pdbx_struct_oper_list.matrix[1][3] 
_pdbx_struct_oper_list.vector[1] 
_pdbx_struct_oper_list.matrix[2][1] 
_pdbx_struct_oper_list.matrix[2][2] 
_pdbx_struct_oper_list.matrix[2][3] 
_pdbx_struct_oper_list.vector[2] 
_pdbx_struct_oper_list.matrix[3][1] 
_pdbx_struct_oper_list.matrix[3][2] 
_pdbx_struct_oper_list.matrix[3][3] 
_pdbx_struct_oper_list.vector[3] 
1 'identity operation'         1_555 x,y,z  1.0000000000 0.0000000000 0.0000000000 0.0000000000  0.0000000000 1.0000000000  0.0000000000 0.0000000000  0.0000000000 0.0000000000 1.0000000000  0.0000000000  
2 'crystal symmetry operation' 7_555 y,x,-z 0.8659524044 0.2397729085 0.4389024785 -4.1198498360 0.2397729085 -0.9691894351 0.0563985038 -0.4026062912 0.4389024785 0.0563985038 -0.8967629693 17.7350964487 
# 
_struct_biol.id   1 
# 
loop_
_struct_conf.conf_type_id 
_struct_conf.id 
_struct_conf.pdbx_PDB_helix_id 
_struct_conf.beg_label_comp_id 
_struct_conf.beg_label_asym_id 
_struct_conf.beg_label_seq_id 
_struct_conf.pdbx_beg_PDB_ins_code 
_struct_conf.end_label_comp_id 
_struct_conf.end_label_asym_id 
_struct_conf.end_label_seq_id 
_struct_conf.pdbx_end_PDB_ins_code 
_struct_conf.beg_auth_comp_id 
_struct_conf.beg_auth_asym_id 
_struct_conf.beg_auth_seq_id 
_struct_conf.end_auth_comp_id 
_struct_conf.end_auth_asym_id 
_struct_conf.end_auth_seq_id 
_struct_conf.pdbx_PDB_helix_class 
_struct_conf.details 
_struct_conf.pdbx_PDB_helix_length 
HELX_P HELX_P1 1 SER A 15  ? ARG A 37  ? SER A 15  ARG A 37  1 ? 23 
HELX_P HELX_P2 2 ASP A 53  ? ASN A 73  ? ASP A 53  ASN A 73  1 ? 21 
HELX_P HELX_P3 3 ASN A 73  ? VAL A 83  ? ASN A 73  VAL A 83  1 ? 11 
HELX_P HELX_P4 4 SER A 87  ? PHE A 100 ? SER A 87  PHE A 100 1 ? 14 
HELX_P HELX_P5 5 ASN A 106 ? GLN A 155 ? ASN A 106 GLN A 155 1 ? 50 
HELX_P HELX_P6 6 TRP A 158 ? PHE A 165 ? TRP A 158 PHE A 165 1 ? 8  
HELX_P HELX_P7 7 SER B 8   ? ASN B 26  ? SER C 55  ASN C 73  1 ? 19 
# 
_struct_conf_type.id          HELX_P 
_struct_conf_type.criteria    ? 
_struct_conf_type.reference   ? 
# 
_pdbx_validate_symm_contact.id                1 
_pdbx_validate_symm_contact.PDB_model_num     1 
_pdbx_validate_symm_contact.auth_atom_id_1    OH 
_pdbx_validate_symm_contact.auth_asym_id_1    A 
_pdbx_validate_symm_contact.auth_comp_id_1    TYR 
_pdbx_validate_symm_contact.auth_seq_id_1     164 
_pdbx_validate_symm_contact.PDB_ins_code_1    ? 
_pdbx_validate_symm_contact.label_alt_id_1    ? 
_pdbx_validate_symm_contact.site_symmetry_1   1_555 
_pdbx_validate_symm_contact.auth_atom_id_2    OD1 
_pdbx_validate_symm_contact.auth_asym_id_2    C 
_pdbx_validate_symm_contact.auth_comp_id_2    ASP 
_pdbx_validate_symm_contact.auth_seq_id_2     71 
_pdbx_validate_symm_contact.PDB_ins_code_2    ? 
_pdbx_validate_symm_contact.label_alt_id_2    ? 
_pdbx_validate_symm_contact.site_symmetry_2   7_555 
_pdbx_validate_symm_contact.dist              2.08 
# 
loop_
_pdbx_validate_torsion.id 
_pdbx_validate_torsion.PDB_model_num 
_pdbx_validate_torsion.auth_comp_id 
_pdbx_validate_torsion.auth_asym_id 
_pdbx_validate_torsion.auth_seq_id 
_pdbx_validate_torsion.PDB_ins_code 
_pdbx_validate_torsion.label_alt_id 
_pdbx_validate_torsion.phi 
_pdbx_validate_torsion.psi 
1 1 ASN A 73 ? ? -65.37  99.19 
2 1 SER A 87 ? ? -117.92 70.10 
# 
loop_
_pdbx_unobs_or_zero_occ_residues.id 
_pdbx_unobs_or_zero_occ_residues.PDB_model_num 
_pdbx_unobs_or_zero_occ_residues.polymer_flag 
_pdbx_unobs_or_zero_occ_residues.occupancy_flag 
_pdbx_unobs_or_zero_occ_residues.auth_asym_id 
_pdbx_unobs_or_zero_occ_residues.auth_comp_id 
_pdbx_unobs_or_zero_occ_residues.auth_seq_id 
_pdbx_unobs_or_zero_occ_residues.PDB_ins_code 
_pdbx_unobs_or_zero_occ_residues.label_asym_id 
_pdbx_unobs_or_zero_occ_residues.label_comp_id 
_pdbx_unobs_or_zero_occ_residues.label_seq_id 
1  1 Y 1 A MET 1   ? A MET 1   
2  1 Y 1 A ASP 2   ? A ASP 2   
3  1 Y 1 A GLY 3   ? A GLY 3   
4  1 Y 1 A SER 4   ? A SER 4   
5  1 Y 1 A GLY 5   ? A GLY 5   
6  1 Y 1 A GLU 6   ? A GLU 6   
7  1 Y 1 A GLN 7   ? A GLN 7   
8  1 Y 1 A PRO 8   ? A PRO 8   
9  1 Y 1 A ARG 9   ? A ARG 9   
10 1 Y 1 A MET 38  ? A MET 38  
11 1 Y 1 A GLY 39  ? A GLY 39  
12 1 Y 1 A GLY 40  ? A GLY 40  
13 1 Y 1 A GLU 41  ? A GLU 41  
14 1 Y 1 A ALA 42  ? A ALA 42  
15 1 Y 1 A PRO 43  ? A PRO 43  
16 1 Y 1 A GLU 44  ? A GLU 44  
17 1 Y 1 A LEU 45  ? A LEU 45  
18 1 Y 1 A ALA 46  ? A ALA 46  
19 1 Y 1 A LEU 47  ? A LEU 47  
20 1 Y 1 A ASP 48  ? A ASP 48  
21 1 Y 1 A PRO 168 ? A PRO 168 
22 1 Y 1 A THR 169 ? A THR 169 
23 1 Y 1 A TRP 170 ? A TRP 170 
24 1 Y 1 A GLN 171 ? A GLN 171 
25 1 Y 1 A GLY 172 ? A GLY 172 
26 1 Y 1 A SER 173 ? A SER 173 
27 1 Y 1 A SER 174 ? A SER 174 
28 1 Y 1 C ASP 48  ? B ASP 1   
29 1 Y 1 C PRO 49  ? B PRO 2   
30 1 Y 1 C VAL 50  ? B VAL 3   
31 1 Y 1 C PRO 51  ? B PRO 4   
32 1 Y 1 C GLN 52  ? B GLN 5   
33 1 Y 1 C ASP 53  ? B ASP 6   
34 1 Y 1 C MET 74  ? B MET 27  
35 1 Y 1 C GLU 75  ? B GLU 28  
36 1 Y 1 C LEU 76  ? B LEU 29  
37 1 Y 1 C GLN 77  ? B GLN 30  
38 1 Y 1 C ARG 78  ? B ARG 31  
39 1 Y 1 C MET 79  ? B MET 32  
40 1 Y 1 C ILE 80  ? B ILE 33  
41 1 Y 1 C ALA 81  ? B ALA 34  
# 
loop_
_chem_comp_atom.comp_id 
_chem_comp_atom.atom_id 
_chem_comp_atom.type_symbol 
_chem_comp_atom.pdbx_aromatic_flag 
_chem_comp_atom.pdbx_stereo_config 
_chem_comp_atom.pdbx_ordinal 
ALA N    N N N 1   
ALA CA   C N S 2   
ALA C    C N N 3   
ALA O    O N N 4   
ALA CB   C N N 5   
ALA OXT  O N N 6   
ALA H    H N N 7   
ALA H2   H N N 8   
ALA HA   H N N 9   
ALA HB1  H N N 10  
ALA HB2  H N N 11  
ALA HB3  H N N 12  
ALA HXT  H N N 13  
ARG N    N N N 14  
ARG CA   C N S 15  
ARG C    C N N 16  
ARG O    O N N 17  
ARG CB   C N N 18  
ARG CG   C N N 19  
ARG CD   C N N 20  
ARG NE   N N N 21  
ARG CZ   C N N 22  
ARG NH1  N N N 23  
ARG NH2  N N N 24  
ARG OXT  O N N 25  
ARG H    H N N 26  
ARG H2   H N N 27  
ARG HA   H N N 28  
ARG HB2  H N N 29  
ARG HB3  H N N 30  
ARG HG2  H N N 31  
ARG HG3  H N N 32  
ARG HD2  H N N 33  
ARG HD3  H N N 34  
ARG HE   H N N 35  
ARG HH11 H N N 36  
ARG HH12 H N N 37  
ARG HH21 H N N 38  
ARG HH22 H N N 39  
ARG HXT  H N N 40  
ASN N    N N N 41  
ASN CA   C N S 42  
ASN C    C N N 43  
ASN O    O N N 44  
ASN CB   C N N 45  
ASN CG   C N N 46  
ASN OD1  O N N 47  
ASN ND2  N N N 48  
ASN OXT  O N N 49  
ASN H    H N N 50  
ASN H2   H N N 51  
ASN HA   H N N 52  
ASN HB2  H N N 53  
ASN HB3  H N N 54  
ASN HD21 H N N 55  
ASN HD22 H N N 56  
ASN HXT  H N N 57  
ASP N    N N N 58  
ASP CA   C N S 59  
ASP C    C N N 60  
ASP O    O N N 61  
ASP CB   C N N 62  
ASP CG   C N N 63  
ASP OD1  O N N 64  
ASP OD2  O N N 65  
ASP OXT  O N N 66  
ASP H    H N N 67  
ASP H2   H N N 68  
ASP HA   H N N 69  
ASP HB2  H N N 70  
ASP HB3  H N N 71  
ASP HD2  H N N 72  
ASP HXT  H N N 73  
CYS N    N N N 74  
CYS CA   C N R 75  
CYS C    C N N 76  
CYS O    O N N 77  
CYS CB   C N N 78  
CYS SG   S N N 79  
CYS OXT  O N N 80  
CYS H    H N N 81  
CYS H2   H N N 82  
CYS HA   H N N 83  
CYS HB2  H N N 84  
CYS HB3  H N N 85  
CYS HG   H N N 86  
CYS HXT  H N N 87  
GLN N    N N N 88  
GLN CA   C N S 89  
GLN C    C N N 90  
GLN O    O N N 91  
GLN CB   C N N 92  
GLN CG   C N N 93  
GLN CD   C N N 94  
GLN OE1  O N N 95  
GLN NE2  N N N 96  
GLN OXT  O N N 97  
GLN H    H N N 98  
GLN H2   H N N 99  
GLN HA   H N N 100 
GLN HB2  H N N 101 
GLN HB3  H N N 102 
GLN HG2  H N N 103 
GLN HG3  H N N 104 
GLN HE21 H N N 105 
GLN HE22 H N N 106 
GLN HXT  H N N 107 
GLU N    N N N 108 
GLU CA   C N S 109 
GLU C    C N N 110 
GLU O    O N N 111 
GLU CB   C N N 112 
GLU CG   C N N 113 
GLU CD   C N N 114 
GLU OE1  O N N 115 
GLU OE2  O N N 116 
GLU OXT  O N N 117 
GLU H    H N N 118 
GLU H2   H N N 119 
GLU HA   H N N 120 
GLU HB2  H N N 121 
GLU HB3  H N N 122 
GLU HG2  H N N 123 
GLU HG3  H N N 124 
GLU HE2  H N N 125 
GLU HXT  H N N 126 
GLY N    N N N 127 
GLY CA   C N N 128 
GLY C    C N N 129 
GLY O    O N N 130 
GLY OXT  O N N 131 
GLY H    H N N 132 
GLY H2   H N N 133 
GLY HA2  H N N 134 
GLY HA3  H N N 135 
GLY HXT  H N N 136 
HOH O    O N N 137 
HOH H1   H N N 138 
HOH H2   H N N 139 
ILE N    N N N 140 
ILE CA   C N S 141 
ILE C    C N N 142 
ILE O    O N N 143 
ILE CB   C N S 144 
ILE CG1  C N N 145 
ILE CG2  C N N 146 
ILE CD1  C N N 147 
ILE OXT  O N N 148 
ILE H    H N N 149 
ILE H2   H N N 150 
ILE HA   H N N 151 
ILE HB   H N N 152 
ILE HG12 H N N 153 
ILE HG13 H N N 154 
ILE HG21 H N N 155 
ILE HG22 H N N 156 
ILE HG23 H N N 157 
ILE HD11 H N N 158 
ILE HD12 H N N 159 
ILE HD13 H N N 160 
ILE HXT  H N N 161 
LEU N    N N N 162 
LEU CA   C N S 163 
LEU C    C N N 164 
LEU O    O N N 165 
LEU CB   C N N 166 
LEU CG   C N N 167 
LEU CD1  C N N 168 
LEU CD2  C N N 169 
LEU OXT  O N N 170 
LEU H    H N N 171 
LEU H2   H N N 172 
LEU HA   H N N 173 
LEU HB2  H N N 174 
LEU HB3  H N N 175 
LEU HG   H N N 176 
LEU HD11 H N N 177 
LEU HD12 H N N 178 
LEU HD13 H N N 179 
LEU HD21 H N N 180 
LEU HD22 H N N 181 
LEU HD23 H N N 182 
LEU HXT  H N N 183 
LYS N    N N N 184 
LYS CA   C N S 185 
LYS C    C N N 186 
LYS O    O N N 187 
LYS CB   C N N 188 
LYS CG   C N N 189 
LYS CD   C N N 190 
LYS CE   C N N 191 
LYS NZ   N N N 192 
LYS OXT  O N N 193 
LYS H    H N N 194 
LYS H2   H N N 195 
LYS HA   H N N 196 
LYS HB2  H N N 197 
LYS HB3  H N N 198 
LYS HG2  H N N 199 
LYS HG3  H N N 200 
LYS HD2  H N N 201 
LYS HD3  H N N 202 
LYS HE2  H N N 203 
LYS HE3  H N N 204 
LYS HZ1  H N N 205 
LYS HZ2  H N N 206 
LYS HZ3  H N N 207 
LYS HXT  H N N 208 
MET N    N N N 209 
MET CA   C N S 210 
MET C    C N N 211 
MET O    O N N 212 
MET CB   C N N 213 
MET CG   C N N 214 
MET SD   S N N 215 
MET CE   C N N 216 
MET OXT  O N N 217 
MET H    H N N 218 
MET H2   H N N 219 
MET HA   H N N 220 
MET HB2  H N N 221 
MET HB3  H N N 222 
MET HG2  H N N 223 
MET HG3  H N N 224 
MET HE1  H N N 225 
MET HE2  H N N 226 
MET HE3  H N N 227 
MET HXT  H N N 228 
PHE N    N N N 229 
PHE CA   C N S 230 
PHE C    C N N 231 
PHE O    O N N 232 
PHE CB   C N N 233 
PHE CG   C Y N 234 
PHE CD1  C Y N 235 
PHE CD2  C Y N 236 
PHE CE1  C Y N 237 
PHE CE2  C Y N 238 
PHE CZ   C Y N 239 
PHE OXT  O N N 240 
PHE H    H N N 241 
PHE H2   H N N 242 
PHE HA   H N N 243 
PHE HB2  H N N 244 
PHE HB3  H N N 245 
PHE HD1  H N N 246 
PHE HD2  H N N 247 
PHE HE1  H N N 248 
PHE HE2  H N N 249 
PHE HZ   H N N 250 
PHE HXT  H N N 251 
PRO N    N N N 252 
PRO CA   C N S 253 
PRO C    C N N 254 
PRO O    O N N 255 
PRO CB   C N N 256 
PRO CG   C N N 257 
PRO CD   C N N 258 
PRO OXT  O N N 259 
PRO H    H N N 260 
PRO HA   H N N 261 
PRO HB2  H N N 262 
PRO HB3  H N N 263 
PRO HG2  H N N 264 
PRO HG3  H N N 265 
PRO HD2  H N N 266 
PRO HD3  H N N 267 
PRO HXT  H N N 268 
SER N    N N N 269 
SER CA   C N S 270 
SER C    C N N 271 
SER O    O N N 272 
SER CB   C N N 273 
SER OG   O N N 274 
SER OXT  O N N 275 
SER H    H N N 276 
SER H2   H N N 277 
SER HA   H N N 278 
SER HB2  H N N 279 
SER HB3  H N N 280 
SER HG   H N N 281 
SER HXT  H N N 282 
THR N    N N N 283 
THR CA   C N S 284 
THR C    C N N 285 
THR O    O N N 286 
THR CB   C N R 287 
THR OG1  O N N 288 
THR CG2  C N N 289 
THR OXT  O N N 290 
THR H    H N N 291 
THR H2   H N N 292 
THR HA   H N N 293 
THR HB   H N N 294 
THR HG1  H N N 295 
THR HG21 H N N 296 
THR HG22 H N N 297 
THR HG23 H N N 298 
THR HXT  H N N 299 
TRP N    N N N 300 
TRP CA   C N S 301 
TRP C    C N N 302 
TRP O    O N N 303 
TRP CB   C N N 304 
TRP CG   C Y N 305 
TRP CD1  C Y N 306 
TRP CD2  C Y N 307 
TRP NE1  N Y N 308 
TRP CE2  C Y N 309 
TRP CE3  C Y N 310 
TRP CZ2  C Y N 311 
TRP CZ3  C Y N 312 
TRP CH2  C Y N 313 
TRP OXT  O N N 314 
TRP H    H N N 315 
TRP H2   H N N 316 
TRP HA   H N N 317 
TRP HB2  H N N 318 
TRP HB3  H N N 319 
TRP HD1  H N N 320 
TRP HE1  H N N 321 
TRP HE3  H N N 322 
TRP HZ2  H N N 323 
TRP HZ3  H N N 324 
TRP HH2  H N N 325 
TRP HXT  H N N 326 
TYR N    N N N 327 
TYR CA   C N S 328 
TYR C    C N N 329 
TYR O    O N N 330 
TYR CB   C N N 331 
TYR CG   C Y N 332 
TYR CD1  C Y N 333 
TYR CD2  C Y N 334 
TYR CE1  C Y N 335 
TYR CE2  C Y N 336 
TYR CZ   C Y N 337 
TYR OH   O N N 338 
TYR OXT  O N N 339 
TYR H    H N N 340 
TYR H2   H N N 341 
TYR HA   H N N 342 
TYR HB2  H N N 343 
TYR HB3  H N N 344 
TYR HD1  H N N 345 
TYR HD2  H N N 346 
TYR HE1  H N N 347 
TYR HE2  H N N 348 
TYR HH   H N N 349 
TYR HXT  H N N 350 
VAL N    N N N 351 
VAL CA   C N S 352 
VAL C    C N N 353 
VAL O    O N N 354 
VAL CB   C N N 355 
VAL CG1  C N N 356 
VAL CG2  C N N 357 
VAL OXT  O N N 358 
VAL H    H N N 359 
VAL H2   H N N 360 
VAL HA   H N N 361 
VAL HB   H N N 362 
VAL HG11 H N N 363 
VAL HG12 H N N 364 
VAL HG13 H N N 365 
VAL HG21 H N N 366 
VAL HG22 H N N 367 
VAL HG23 H N N 368 
VAL HXT  H N N 369 
# 
loop_
_chem_comp_bond.comp_id 
_chem_comp_bond.atom_id_1 
_chem_comp_bond.atom_id_2 
_chem_comp_bond.value_order 
_chem_comp_bond.pdbx_aromatic_flag 
_chem_comp_bond.pdbx_stereo_config 
_chem_comp_bond.pdbx_ordinal 
ALA N   CA   sing N N 1   
ALA N   H    sing N N 2   
ALA N   H2   sing N N 3   
ALA CA  C    sing N N 4   
ALA CA  CB   sing N N 5   
ALA CA  HA   sing N N 6   
ALA C   O    doub N N 7   
ALA C   OXT  sing N N 8   
ALA CB  HB1  sing N N 9   
ALA CB  HB2  sing N N 10  
ALA CB  HB3  sing N N 11  
ALA OXT HXT  sing N N 12  
ARG N   CA   sing N N 13  
ARG N   H    sing N N 14  
ARG N   H2   sing N N 15  
ARG CA  C    sing N N 16  
ARG CA  CB   sing N N 17  
ARG CA  HA   sing N N 18  
ARG C   O    doub N N 19  
ARG C   OXT  sing N N 20  
ARG CB  CG   sing N N 21  
ARG CB  HB2  sing N N 22  
ARG CB  HB3  sing N N 23  
ARG CG  CD   sing N N 24  
ARG CG  HG2  sing N N 25  
ARG CG  HG3  sing N N 26  
ARG CD  NE   sing N N 27  
ARG CD  HD2  sing N N 28  
ARG CD  HD3  sing N N 29  
ARG NE  CZ   sing N N 30  
ARG NE  HE   sing N N 31  
ARG CZ  NH1  sing N N 32  
ARG CZ  NH2  doub N N 33  
ARG NH1 HH11 sing N N 34  
ARG NH1 HH12 sing N N 35  
ARG NH2 HH21 sing N N 36  
ARG NH2 HH22 sing N N 37  
ARG OXT HXT  sing N N 38  
ASN N   CA   sing N N 39  
ASN N   H    sing N N 40  
ASN N   H2   sing N N 41  
ASN CA  C    sing N N 42  
ASN CA  CB   sing N N 43  
ASN CA  HA   sing N N 44  
ASN C   O    doub N N 45  
ASN C   OXT  sing N N 46  
ASN CB  CG   sing N N 47  
ASN CB  HB2  sing N N 48  
ASN CB  HB3  sing N N 49  
ASN CG  OD1  doub N N 50  
ASN CG  ND2  sing N N 51  
ASN ND2 HD21 sing N N 52  
ASN ND2 HD22 sing N N 53  
ASN OXT HXT  sing N N 54  
ASP N   CA   sing N N 55  
ASP N   H    sing N N 56  
ASP N   H2   sing N N 57  
ASP CA  C    sing N N 58  
ASP CA  CB   sing N N 59  
ASP CA  HA   sing N N 60  
ASP C   O    doub N N 61  
ASP C   OXT  sing N N 62  
ASP CB  CG   sing N N 63  
ASP CB  HB2  sing N N 64  
ASP CB  HB3  sing N N 65  
ASP CG  OD1  doub N N 66  
ASP CG  OD2  sing N N 67  
ASP OD2 HD2  sing N N 68  
ASP OXT HXT  sing N N 69  
CYS N   CA   sing N N 70  
CYS N   H    sing N N 71  
CYS N   H2   sing N N 72  
CYS CA  C    sing N N 73  
CYS CA  CB   sing N N 74  
CYS CA  HA   sing N N 75  
CYS C   O    doub N N 76  
CYS C   OXT  sing N N 77  
CYS CB  SG   sing N N 78  
CYS CB  HB2  sing N N 79  
CYS CB  HB3  sing N N 80  
CYS SG  HG   sing N N 81  
CYS OXT HXT  sing N N 82  
GLN N   CA   sing N N 83  
GLN N   H    sing N N 84  
GLN N   H2   sing N N 85  
GLN CA  C    sing N N 86  
GLN CA  CB   sing N N 87  
GLN CA  HA   sing N N 88  
GLN C   O    doub N N 89  
GLN C   OXT  sing N N 90  
GLN CB  CG   sing N N 91  
GLN CB  HB2  sing N N 92  
GLN CB  HB3  sing N N 93  
GLN CG  CD   sing N N 94  
GLN CG  HG2  sing N N 95  
GLN CG  HG3  sing N N 96  
GLN CD  OE1  doub N N 97  
GLN CD  NE2  sing N N 98  
GLN NE2 HE21 sing N N 99  
GLN NE2 HE22 sing N N 100 
GLN OXT HXT  sing N N 101 
GLU N   CA   sing N N 102 
GLU N   H    sing N N 103 
GLU N   H2   sing N N 104 
GLU CA  C    sing N N 105 
GLU CA  CB   sing N N 106 
GLU CA  HA   sing N N 107 
GLU C   O    doub N N 108 
GLU C   OXT  sing N N 109 
GLU CB  CG   sing N N 110 
GLU CB  HB2  sing N N 111 
GLU CB  HB3  sing N N 112 
GLU CG  CD   sing N N 113 
GLU CG  HG2  sing N N 114 
GLU CG  HG3  sing N N 115 
GLU CD  OE1  doub N N 116 
GLU CD  OE2  sing N N 117 
GLU OE2 HE2  sing N N 118 
GLU OXT HXT  sing N N 119 
GLY N   CA   sing N N 120 
GLY N   H    sing N N 121 
GLY N   H2   sing N N 122 
GLY CA  C    sing N N 123 
GLY CA  HA2  sing N N 124 
GLY CA  HA3  sing N N 125 
GLY C   O    doub N N 126 
GLY C   OXT  sing N N 127 
GLY OXT HXT  sing N N 128 
HOH O   H1   sing N N 129 
HOH O   H2   sing N N 130 
ILE N   CA   sing N N 131 
ILE N   H    sing N N 132 
ILE N   H2   sing N N 133 
ILE CA  C    sing N N 134 
ILE CA  CB   sing N N 135 
ILE CA  HA   sing N N 136 
ILE C   O    doub N N 137 
ILE C   OXT  sing N N 138 
ILE CB  CG1  sing N N 139 
ILE CB  CG2  sing N N 140 
ILE CB  HB   sing N N 141 
ILE CG1 CD1  sing N N 142 
ILE CG1 HG12 sing N N 143 
ILE CG1 HG13 sing N N 144 
ILE CG2 HG21 sing N N 145 
ILE CG2 HG22 sing N N 146 
ILE CG2 HG23 sing N N 147 
ILE CD1 HD11 sing N N 148 
ILE CD1 HD12 sing N N 149 
ILE CD1 HD13 sing N N 150 
ILE OXT HXT  sing N N 151 
LEU N   CA   sing N N 152 
LEU N   H    sing N N 153 
LEU N   H2   sing N N 154 
LEU CA  C    sing N N 155 
LEU CA  CB   sing N N 156 
LEU CA  HA   sing N N 157 
LEU C   O    doub N N 158 
LEU C   OXT  sing N N 159 
LEU CB  CG   sing N N 160 
LEU CB  HB2  sing N N 161 
LEU CB  HB3  sing N N 162 
LEU CG  CD1  sing N N 163 
LEU CG  CD2  sing N N 164 
LEU CG  HG   sing N N 165 
LEU CD1 HD11 sing N N 166 
LEU CD1 HD12 sing N N 167 
LEU CD1 HD13 sing N N 168 
LEU CD2 HD21 sing N N 169 
LEU CD2 HD22 sing N N 170 
LEU CD2 HD23 sing N N 171 
LEU OXT HXT  sing N N 172 
LYS N   CA   sing N N 173 
LYS N   H    sing N N 174 
LYS N   H2   sing N N 175 
LYS CA  C    sing N N 176 
LYS CA  CB   sing N N 177 
LYS CA  HA   sing N N 178 
LYS C   O    doub N N 179 
LYS C   OXT  sing N N 180 
LYS CB  CG   sing N N 181 
LYS CB  HB2  sing N N 182 
LYS CB  HB3  sing N N 183 
LYS CG  CD   sing N N 184 
LYS CG  HG2  sing N N 185 
LYS CG  HG3  sing N N 186 
LYS CD  CE   sing N N 187 
LYS CD  HD2  sing N N 188 
LYS CD  HD3  sing N N 189 
LYS CE  NZ   sing N N 190 
LYS CE  HE2  sing N N 191 
LYS CE  HE3  sing N N 192 
LYS NZ  HZ1  sing N N 193 
LYS NZ  HZ2  sing N N 194 
LYS NZ  HZ3  sing N N 195 
LYS OXT HXT  sing N N 196 
MET N   CA   sing N N 197 
MET N   H    sing N N 198 
MET N   H2   sing N N 199 
MET CA  C    sing N N 200 
MET CA  CB   sing N N 201 
MET CA  HA   sing N N 202 
MET C   O    doub N N 203 
MET C   OXT  sing N N 204 
MET CB  CG   sing N N 205 
MET CB  HB2  sing N N 206 
MET CB  HB3  sing N N 207 
MET CG  SD   sing N N 208 
MET CG  HG2  sing N N 209 
MET CG  HG3  sing N N 210 
MET SD  CE   sing N N 211 
MET CE  HE1  sing N N 212 
MET CE  HE2  sing N N 213 
MET CE  HE3  sing N N 214 
MET OXT HXT  sing N N 215 
PHE N   CA   sing N N 216 
PHE N   H    sing N N 217 
PHE N   H2   sing N N 218 
PHE CA  C    sing N N 219 
PHE CA  CB   sing N N 220 
PHE CA  HA   sing N N 221 
PHE C   O    doub N N 222 
PHE C   OXT  sing N N 223 
PHE CB  CG   sing N N 224 
PHE CB  HB2  sing N N 225 
PHE CB  HB3  sing N N 226 
PHE CG  CD1  doub Y N 227 
PHE CG  CD2  sing Y N 228 
PHE CD1 CE1  sing Y N 229 
PHE CD1 HD1  sing N N 230 
PHE CD2 CE2  doub Y N 231 
PHE CD2 HD2  sing N N 232 
PHE CE1 CZ   doub Y N 233 
PHE CE1 HE1  sing N N 234 
PHE CE2 CZ   sing Y N 235 
PHE CE2 HE2  sing N N 236 
PHE CZ  HZ   sing N N 237 
PHE OXT HXT  sing N N 238 
PRO N   CA   sing N N 239 
PRO N   CD   sing N N 240 
PRO N   H    sing N N 241 
PRO CA  C    sing N N 242 
PRO CA  CB   sing N N 243 
PRO CA  HA   sing N N 244 
PRO C   O    doub N N 245 
PRO C   OXT  sing N N 246 
PRO CB  CG   sing N N 247 
PRO CB  HB2  sing N N 248 
PRO CB  HB3  sing N N 249 
PRO CG  CD   sing N N 250 
PRO CG  HG2  sing N N 251 
PRO CG  HG3  sing N N 252 
PRO CD  HD2  sing N N 253 
PRO CD  HD3  sing N N 254 
PRO OXT HXT  sing N N 255 
SER N   CA   sing N N 256 
SER N   H    sing N N 257 
SER N   H2   sing N N 258 
SER CA  C    sing N N 259 
SER CA  CB   sing N N 260 
SER CA  HA   sing N N 261 
SER C   O    doub N N 262 
SER C   OXT  sing N N 263 
SER CB  OG   sing N N 264 
SER CB  HB2  sing N N 265 
SER CB  HB3  sing N N 266 
SER OG  HG   sing N N 267 
SER OXT HXT  sing N N 268 
THR N   CA   sing N N 269 
THR N   H    sing N N 270 
THR N   H2   sing N N 271 
THR CA  C    sing N N 272 
THR CA  CB   sing N N 273 
THR CA  HA   sing N N 274 
THR C   O    doub N N 275 
THR C   OXT  sing N N 276 
THR CB  OG1  sing N N 277 
THR CB  CG2  sing N N 278 
THR CB  HB   sing N N 279 
THR OG1 HG1  sing N N 280 
THR CG2 HG21 sing N N 281 
THR CG2 HG22 sing N N 282 
THR CG2 HG23 sing N N 283 
THR OXT HXT  sing N N 284 
TRP N   CA   sing N N 285 
TRP N   H    sing N N 286 
TRP N   H2   sing N N 287 
TRP CA  C    sing N N 288 
TRP CA  CB   sing N N 289 
TRP CA  HA   sing N N 290 
TRP C   O    doub N N 291 
TRP C   OXT  sing N N 292 
TRP CB  CG   sing N N 293 
TRP CB  HB2  sing N N 294 
TRP CB  HB3  sing N N 295 
TRP CG  CD1  doub Y N 296 
TRP CG  CD2  sing Y N 297 
TRP CD1 NE1  sing Y N 298 
TRP CD1 HD1  sing N N 299 
TRP CD2 CE2  doub Y N 300 
TRP CD2 CE3  sing Y N 301 
TRP NE1 CE2  sing Y N 302 
TRP NE1 HE1  sing N N 303 
TRP CE2 CZ2  sing Y N 304 
TRP CE3 CZ3  doub Y N 305 
TRP CE3 HE3  sing N N 306 
TRP CZ2 CH2  doub Y N 307 
TRP CZ2 HZ2  sing N N 308 
TRP CZ3 CH2  sing Y N 309 
TRP CZ3 HZ3  sing N N 310 
TRP CH2 HH2  sing N N 311 
TRP OXT HXT  sing N N 312 
TYR N   CA   sing N N 313 
TYR N   H    sing N N 314 
TYR N   H2   sing N N 315 
TYR CA  C    sing N N 316 
TYR CA  CB   sing N N 317 
TYR CA  HA   sing N N 318 
TYR C   O    doub N N 319 
TYR C   OXT  sing N N 320 
TYR CB  CG   sing N N 321 
TYR CB  HB2  sing N N 322 
TYR CB  HB3  sing N N 323 
TYR CG  CD1  doub Y N 324 
TYR CG  CD2  sing Y N 325 
TYR CD1 CE1  sing Y N 326 
TYR CD1 HD1  sing N N 327 
TYR CD2 CE2  doub Y N 328 
TYR CD2 HD2  sing N N 329 
TYR CE1 CZ   doub Y N 330 
TYR CE1 HE1  sing N N 331 
TYR CE2 CZ   sing Y N 332 
TYR CE2 HE2  sing N N 333 
TYR CZ  OH   sing N N 334 
TYR OH  HH   sing N N 335 
TYR OXT HXT  sing N N 336 
VAL N   CA   sing N N 337 
VAL N   H    sing N N 338 
VAL N   H2   sing N N 339 
VAL CA  C    sing N N 340 
VAL CA  CB   sing N N 341 
VAL CA  HA   sing N N 342 
VAL C   O    doub N N 343 
VAL C   OXT  sing N N 344 
VAL CB  CG1  sing N N 345 
VAL CB  CG2  sing N N 346 
VAL CB  HB   sing N N 347 
VAL CG1 HG11 sing N N 348 
VAL CG1 HG12 sing N N 349 
VAL CG1 HG13 sing N N 350 
VAL CG2 HG21 sing N N 351 
VAL CG2 HG22 sing N N 352 
VAL CG2 HG23 sing N N 353 
VAL OXT HXT  sing N N 354 
# 
_pdbx_initial_refinement_model.accession_code   ? 
_pdbx_initial_refinement_model.id               1 
_pdbx_initial_refinement_model.entity_id_list   ? 
_pdbx_initial_refinement_model.type             other 
_pdbx_initial_refinement_model.source_name      ? 
_pdbx_initial_refinement_model.details          'BAX DOMAIN SWAPPED DIMER INDUCED BY OCTYLMALTOSIDE' 
# 
_atom_sites.entry_id                    4BD6 
_atom_sites.fract_transf_matrix[1][1]   -0.00553074 
_atom_sites.fract_transf_matrix[1][2]   0.00206470 
_atom_sites.fract_transf_matrix[1][3]   -0.00762339 
_atom_sites.fract_transf_matrix[2][1]   -0.00764022 
_atom_sites.fract_transf_matrix[2][2]   -0.00375715 
_atom_sites.fract_transf_matrix[2][3]   0.00452537 
_atom_sites.fract_transf_matrix[3][1]   -0.00511861 
_atom_sites.fract_transf_matrix[3][2]   0.02208656 
_atom_sites.fract_transf_matrix[3][3]   0.00969539 
_atom_sites.fract_transf_vector[1]      -0.082685 
_atom_sites.fract_transf_vector[2]      -0.195932 
_atom_sites.fract_transf_vector[3]      -0.092072 
# 
loop_
_atom_type.symbol 
C 
N 
O 
S 
# 
loop_
_atom_site.group_PDB 
_atom_site.id 
_atom_site.type_symbol 
_atom_site.label_atom_id 
_atom_site.label_alt_id 
_atom_site.label_comp_id 
_atom_site.label_asym_id 
_atom_site.label_entity_id 
_atom_site.label_seq_id 
_atom_site.pdbx_PDB_ins_code 
_atom_site.Cartn_x 
_atom_site.Cartn_y 
_atom_site.Cartn_z 
_atom_site.occupancy 
_atom_site.B_iso_or_equiv 
_atom_site.pdbx_formal_charge 
_atom_site.auth_seq_id 
_atom_site.auth_comp_id 
_atom_site.auth_asym_id 
_atom_site.auth_atom_id 
_atom_site.pdbx_PDB_model_num 
ATOM   1    N N   . GLY A 1 10  ? 4.631   32.185  -14.268 1.00 79.09  ? 10   GLY A N   1 
ATOM   2    C CA  . GLY A 1 10  ? 4.811   30.742  -14.137 1.00 89.27  ? 10   GLY A CA  1 
ATOM   3    C C   . GLY A 1 10  ? 4.842   29.927  -15.436 1.00 90.22  ? 10   GLY A C   1 
ATOM   4    O O   . GLY A 1 10  ? 4.537   30.421  -16.532 1.00 81.63  ? 10   GLY A O   1 
ATOM   5    N N   . GLY A 1 11  ? 5.198   28.651  -15.311 1.00 84.32  ? 11   GLY A N   1 
ATOM   6    C CA  . GLY A 1 11  ? 5.232   27.781  -16.464 1.00 74.32  ? 11   GLY A CA  1 
ATOM   7    C C   . GLY A 1 11  ? 3.886   27.127  -16.718 1.00 71.31  ? 11   GLY A C   1 
ATOM   8    O O   . GLY A 1 11  ? 3.063   27.002  -15.812 1.00 72.18  ? 11   GLY A O   1 
ATOM   9    N N   . GLY A 1 12  ? 3.649   26.705  -17.957 1.00 62.32  ? 12   GLY A N   1 
ATOM   10   C CA  . GLY A 1 12  ? 2.403   26.057  -18.252 1.00 55.04  ? 12   GLY A CA  1 
ATOM   11   C C   . GLY A 1 12  ? 2.603   24.603  -17.901 1.00 62.44  ? 12   GLY A C   1 
ATOM   12   O O   . GLY A 1 12  ? 3.590   24.258  -17.222 1.00 59.95  ? 12   GLY A O   1 
ATOM   13   N N   . PRO A 1 13  ? 1.678   23.740  -18.363 1.00 63.23  ? 13   PRO A N   1 
ATOM   14   C CA  . PRO A 1 13  ? 1.633   22.300  -18.054 1.00 62.78  ? 13   PRO A CA  1 
ATOM   15   C C   . PRO A 1 13  ? 2.909   21.554  -18.502 1.00 62.84  ? 13   PRO A C   1 
ATOM   16   O O   . PRO A 1 13  ? 3.252   20.495  -17.938 1.00 62.67  ? 13   PRO A O   1 
ATOM   17   C CB  . PRO A 1 13  ? 0.434   21.809  -18.875 1.00 63.64  ? 13   PRO A CB  1 
ATOM   18   C CG  . PRO A 1 13  ? -0.429  23.040  -19.055 1.00 59.18  ? 13   PRO A CG  1 
ATOM   19   C CD  . PRO A 1 13  ? 0.535   24.173  -19.193 1.00 56.17  ? 13   PRO A CD  1 
ATOM   20   N N   . THR A 1 14  ? 3.596   22.103  -19.506 1.00 57.43  ? 14   THR A N   1 
ATOM   21   C CA  . THR A 1 14  ? 4.765   21.435  -20.076 1.00 61.07  ? 14   THR A CA  1 
ATOM   22   C C   . THR A 1 14  ? 6.048   21.680  -19.263 1.00 59.66  ? 14   THR A C   1 
ATOM   23   O O   . THR A 1 14  ? 7.016   20.903  -19.369 1.00 57.62  ? 14   THR A O   1 
ATOM   24   C CB  . THR A 1 14  ? 4.980   21.879  -21.580 1.00 58.47  ? 14   THR A CB  1 
ATOM   25   O OG1 . THR A 1 14  ? 3.792   21.596  -22.325 1.00 58.55  ? 14   THR A OG1 1 
ATOM   26   C CG2 . THR A 1 14  ? 6.162   21.146  -22.255 1.00 52.36  ? 14   THR A CG2 1 
ATOM   27   N N   . SER A 1 15  ? 6.083   22.750  -18.466 1.00 58.89  ? 15   SER A N   1 
ATOM   28   C CA  . SER A 1 15  ? 7.259   22.985  -17.640 1.00 61.70  ? 15   SER A CA  1 
ATOM   29   C C   . SER A 1 15  ? 7.520   21.847  -16.635 1.00 60.85  ? 15   SER A C   1 
ATOM   30   O O   . SER A 1 15  ? 6.596   21.294  -16.057 1.00 59.80  ? 15   SER A O   1 
ATOM   31   C CB  . SER A 1 15  ? 7.126   24.324  -16.911 1.00 62.07  ? 15   SER A CB  1 
ATOM   32   O OG  . SER A 1 15  ? 6.227   24.234  -15.826 1.00 64.07  ? 15   SER A OG  1 
ATOM   33   N N   . SER A 1 16  ? 8.791   21.531  -16.413 1.00 60.20  ? 16   SER A N   1 
ATOM   34   C CA  . SER A 1 16  ? 9.165   20.458  -15.501 1.00 64.82  ? 16   SER A CA  1 
ATOM   35   C C   . SER A 1 16  ? 8.758   20.793  -14.094 1.00 62.37  ? 16   SER A C   1 
ATOM   36   O O   . SER A 1 16  ? 8.404   19.896  -13.332 1.00 65.33  ? 16   SER A O   1 
ATOM   37   C CB  . SER A 1 16  ? 10.665  20.196  -15.553 1.00 60.88  ? 16   SER A CB  1 
ATOM   38   O OG  . SER A 1 16  ? 11.365  21.404  -15.359 1.00 76.02  ? 16   SER A OG  1 
ATOM   39   N N   . GLU A 1 17  ? 8.770   22.080  -13.760 1.00 58.58  ? 17   GLU A N   1 
ATOM   40   C CA  . GLU A 1 17  ? 8.351   22.503  -12.418 1.00 63.29  ? 17   GLU A CA  1 
ATOM   41   C C   . GLU A 1 17  ? 6.861   22.177  -12.217 1.00 63.37  ? 17   GLU A C   1 
ATOM   42   O O   . GLU A 1 17  ? 6.523   21.513  -11.234 1.00 60.86  ? 17   GLU A O   1 
ATOM   43   C CB  . GLU A 1 17  ? 8.591   24.003  -12.205 1.00 71.97  ? 17   GLU A CB  1 
ATOM   44   C CG  . GLU A 1 17  ? 10.083  24.425  -12.313 1.00 78.16  ? 17   GLU A CG  1 
ATOM   45   C CD  . GLU A 1 17  ? 10.563  24.623  -13.806 1.00 85.95  ? 17   GLU A CD  1 
ATOM   46   O OE1 . GLU A 1 17  ? 9.750   24.541  -14.793 1.00 69.93  ? 17   GLU A OE1 1 
ATOM   47   O OE2 . GLU A 1 17  ? 11.791  24.825  -13.993 1.00 97.44  ? 17   GLU A OE2 1 
ATOM   48   N N   . GLN A 1 18  ? 6.009   22.497  -13.208 1.00 55.67  ? 18   GLN A N   1 
ATOM   49   C CA  . GLN A 1 18  ? 4.586   22.147  -13.127 1.00 59.78  ? 18   GLN A CA  1 
ATOM   50   C C   . GLN A 1 18  ? 4.377   20.639  -13.182 1.00 63.75  ? 18   GLN A C   1 
ATOM   51   O O   . GLN A 1 18  ? 3.426   20.112  -12.590 1.00 63.37  ? 18   GLN A O   1 
ATOM   52   C CB  . GLN A 1 18  ? 3.801   22.778  -14.251 1.00 63.75  ? 18   GLN A CB  1 
ATOM   53   C CG  . GLN A 1 18  ? 2.308   22.847  -13.933 1.00 71.26  ? 18   GLN A CG  1 
ATOM   54   C CD  . GLN A 1 18  ? 1.904   24.111  -13.209 1.00 79.35  ? 18   GLN A CD  1 
ATOM   55   O OE1 . GLN A 1 18  ? 2.206   24.286  -12.026 1.00 81.43  ? 18   GLN A OE1 1 
ATOM   56   N NE2 . GLN A 1 18  ? 1.226   25.014  -13.921 1.00 83.05  ? 18   GLN A NE2 1 
ATOM   57   N N   . ILE A 1 19  ? 5.212   19.946  -13.942 1.00 58.52  ? 19   ILE A N   1 
ATOM   58   C CA  . ILE A 1 19  ? 5.073   18.512  -14.022 1.00 59.65  ? 19   ILE A CA  1 
ATOM   59   C C   . ILE A 1 19  ? 5.327   17.856  -12.660 1.00 59.29  ? 19   ILE A C   1 
ATOM   60   O O   . ILE A 1 19  ? 4.568   16.950  -12.240 1.00 54.12  ? 19   ILE A O   1 
ATOM   61   C CB  . ILE A 1 19  ? 5.908   17.893  -15.148 1.00 56.92  ? 19   ILE A CB  1 
ATOM   62   C CG1 . ILE A 1 19  ? 5.313   18.314  -16.500 1.00 57.02  ? 19   ILE A CG1 1 
ATOM   63   C CG2 . ILE A 1 19  ? 5.889   16.360  -15.011 1.00 53.97  ? 19   ILE A CG2 1 
ATOM   64   C CD1 . ILE A 1 19  ? 6.193   18.054  -17.713 1.00 52.68  ? 19   ILE A CD1 1 
ATOM   65   N N   . MET A 1 20  ? 6.382   18.310  -11.978 1.00 61.78  ? 20   MET A N   1 
ATOM   66   C CA  . MET A 1 20  ? 6.702   17.809  -10.637 1.00 61.06  ? 20   MET A CA  1 
ATOM   67   C C   . MET A 1 20  ? 5.665   18.199  -9.601  1.00 59.82  ? 20   MET A C   1 
ATOM   68   O O   . MET A 1 20  ? 5.229   17.356  -8.844  1.00 60.46  ? 20   MET A O   1 
ATOM   69   C CB  . MET A 1 20  ? 8.102   18.242  -10.233 1.00 55.76  ? 20   MET A CB  1 
ATOM   70   C CG  . MET A 1 20  ? 9.171   17.722  -11.186 1.00 53.84  ? 20   MET A CG  1 
ATOM   71   S SD  . MET A 1 20  ? 9.027   15.912  -11.419 1.00 60.14  ? 20   MET A SD  1 
ATOM   72   C CE  . MET A 1 20  ? 9.196   15.285  -9.748  1.00 51.76  ? 20   MET A CE  1 
ATOM   73   N N   . LYS A 1 21  ? 5.171   19.425  -9.658  1.00 59.94  ? 21   LYS A N   1 
ATOM   74   C CA  . LYS A 1 21  ? 4.132   19.893  -8.731  1.00 61.10  ? 21   LYS A CA  1 
ATOM   75   C C   . LYS A 1 21  ? 2.824   19.092  -8.812  1.00 65.79  ? 21   LYS A C   1 
ATOM   76   O O   . LYS A 1 21  ? 2.370   18.529  -7.820  1.00 71.04  ? 21   LYS A O   1 
ATOM   77   C CB  . LYS A 1 21  ? 3.843   21.350  -9.015  1.00 65.36  ? 21   LYS A CB  1 
ATOM   78   C CG  . LYS A 1 21  ? 2.754   21.984  -8.216  1.00 72.28  ? 21   LYS A CG  1 
ATOM   79   C CD  . LYS A 1 21  ? 2.685   23.453  -8.681  1.00 88.51  ? 21   LYS A CD  1 
ATOM   80   C CE  . LYS A 1 21  ? 1.642   24.260  -7.958  1.00 81.00  ? 21   LYS A CE  1 
ATOM   81   N NZ  . LYS A 1 21  ? 0.401   23.979  -8.759  1.00 71.52  ? 21   LYS A NZ  1 
ATOM   82   N N   . THR A 1 22  ? 2.240   19.030  -10.004 1.00 61.07  ? 22   THR A N   1 
ATOM   83   C CA  . THR A 1 22  ? 1.022   18.261  -10.237 1.00 68.63  ? 22   THR A CA  1 
ATOM   84   C C   . THR A 1 22  ? 1.222   16.744  -9.988  1.00 69.57  ? 22   THR A C   1 
ATOM   85   O O   . THR A 1 22  ? 0.375   16.086  -9.400  1.00 71.99  ? 22   THR A O   1 
ATOM   86   C CB  . THR A 1 22  ? 0.555   18.461  -11.684 1.00 66.70  ? 22   THR A CB  1 
ATOM   87   O OG1 . THR A 1 22  ? 0.313   19.851  -11.922 1.00 62.71  ? 22   THR A OG1 1 
ATOM   88   C CG2 . THR A 1 22  ? -0.699  17.648  -11.973 1.00 64.24  ? 22   THR A CG2 1 
ATOM   89   N N   . GLY A 1 23  ? 2.387   16.223  -10.353 1.00 66.18  ? 23   GLY A N   1 
ATOM   90   C CA  . GLY A 1 23  ? 2.683   14.827  -10.121 1.00 65.18  ? 23   GLY A CA  1 
ATOM   91   C C   . GLY A 1 23  ? 2.607   14.468  -8.660  1.00 68.02  ? 23   GLY A C   1 
ATOM   92   O O   . GLY A 1 23  ? 2.022   13.455  -8.310  1.00 69.73  ? 23   GLY A O   1 
ATOM   93   N N   . ALA A 1 24  ? 3.208   15.289  -7.806  1.00 69.53  ? 24   ALA A N   1 
ATOM   94   C CA  . ALA A 1 24  ? 3.166   15.080  -6.359  1.00 69.91  ? 24   ALA A CA  1 
ATOM   95   C C   . ALA A 1 24  ? 1.699   15.143  -5.843  1.00 70.95  ? 24   ALA A C   1 
ATOM   96   O O   . ALA A 1 24  ? 1.281   14.302  -5.057  1.00 71.04  ? 24   ALA A O   1 
ATOM   97   C CB  . ALA A 1 24  ? 4.009   16.101  -5.669  1.00 61.90  ? 24   ALA A CB  1 
ATOM   98   N N   . LEU A 1 25  ? 0.927   16.126  -6.295  1.00 66.25  ? 25   LEU A N   1 
ATOM   99   C CA  . LEU A 1 25  ? -0.451  16.269  -5.839  1.00 72.54  ? 25   LEU A CA  1 
ATOM   100  C C   . LEU A 1 25  ? -1.236  15.025  -6.164  1.00 77.48  ? 25   LEU A C   1 
ATOM   101  O O   . LEU A 1 25  ? -1.885  14.434  -5.314  1.00 79.77  ? 25   LEU A O   1 
ATOM   102  C CB  . LEU A 1 25  ? -1.140  17.477  -6.471  1.00 71.89  ? 25   LEU A CB  1 
ATOM   103  C CG  . LEU A 1 25  ? -1.247  18.783  -5.688  1.00 83.73  ? 25   LEU A CG  1 
ATOM   104  C CD1 . LEU A 1 25  ? 0.055   19.134  -4.981  1.00 73.70  ? 25   LEU A CD1 1 
ATOM   105  C CD2 . LEU A 1 25  ? -1.702  19.911  -6.625  1.00 85.51  ? 25   LEU A CD2 1 
ATOM   106  N N   . LEU A 1 26  ? -1.165  14.643  -7.428  1.00 76.90  ? 26   LEU A N   1 
ATOM   107  C CA  . LEU A 1 26  ? -1.852  13.478  -7.908  1.00 71.35  ? 26   LEU A CA  1 
ATOM   108  C C   . LEU A 1 26  ? -1.414  12.245  -7.176  1.00 74.13  ? 26   LEU A C   1 
ATOM   109  O O   . LEU A 1 26  ? -2.239  11.440  -6.769  1.00 82.98  ? 26   LEU A O   1 
ATOM   110  C CB  . LEU A 1 26  ? -1.612  13.294  -9.391  1.00 68.99  ? 26   LEU A CB  1 
ATOM   111  C CG  . LEU A 1 26  ? -2.368  14.234  -10.323 1.00 78.85  ? 26   LEU A CG  1 
ATOM   112  C CD1 . LEU A 1 26  ? -1.789  14.059  -11.713 1.00 72.88  ? 26   LEU A CD1 1 
ATOM   113  C CD2 . LEU A 1 26  ? -3.871  13.991  -10.318 1.00 83.69  ? 26   LEU A CD2 1 
ATOM   114  N N   . LEU A 1 27  ? -0.108  12.110  -6.983  1.00 71.75  ? 27   LEU A N   1 
ATOM   115  C CA  . LEU A 1 27  ? 0.416   10.915  -6.355  1.00 73.10  ? 27   LEU A CA  1 
ATOM   116  C C   . LEU A 1 27  ? -0.037  10.856  -4.892  1.00 81.54  ? 27   LEU A C   1 
ATOM   117  O O   . LEU A 1 27  ? -0.550  9.825   -4.431  1.00 81.46  ? 27   LEU A O   1 
ATOM   118  C CB  . LEU A 1 27  ? 1.951   10.860  -6.454  1.00 69.21  ? 27   LEU A CB  1 
ATOM   119  C CG  . LEU A 1 27  ? 2.605   9.646   -5.785  1.00 69.87  ? 27   LEU A CG  1 
ATOM   120  C CD1 . LEU A 1 27  ? 2.014   8.344   -6.395  1.00 67.38  ? 27   LEU A CD1 1 
ATOM   121  C CD2 . LEU A 1 27  ? 4.115   9.661   -5.806  1.00 68.31  ? 27   LEU A CD2 1 
ATOM   122  N N   . GLN A 1 28  ? 0.114   11.975  -4.180  1.00 81.78  ? 28   GLN A N   1 
ATOM   123  C CA  . GLN A 1 28  ? -0.270  12.019  -2.774  1.00 83.84  ? 28   GLN A CA  1 
ATOM   124  C C   . GLN A 1 28  ? -1.761  11.785  -2.575  1.00 89.70  ? 28   GLN A C   1 
ATOM   125  O O   . GLN A 1 28  ? -2.171  10.980  -1.735  1.00 92.72  ? 28   GLN A O   1 
ATOM   126  C CB  . GLN A 1 28  ? 0.094   13.339  -2.125  1.00 86.67  ? 28   GLN A CB  1 
ATOM   127  C CG  . GLN A 1 28  ? -0.391  13.410  -0.689  1.00 94.16  ? 28   GLN A CG  1 
ATOM   128  C CD  . GLN A 1 28  ? 0.326   14.455  0.125   1.00 95.29  ? 28   GLN A CD  1 
ATOM   129  O OE1 . GLN A 1 28  ? 0.271   15.645  -0.199  1.00 89.43  ? 28   GLN A OE1 1 
ATOM   130  N NE2 . GLN A 1 28  ? 1.023   14.023  1.168   1.00 94.04  ? 28   GLN A NE2 1 
ATOM   131  N N   . GLY A 1 29  ? -2.565  12.472  -3.380  1.00 82.25  ? 29   GLY A N   1 
ATOM   132  C CA  . GLY A 1 29  ? -3.997  12.301  -3.318  1.00 84.84  ? 29   GLY A CA  1 
ATOM   133  C C   . GLY A 1 29  ? -4.373  10.861  -3.555  1.00 90.32  ? 29   GLY A C   1 
ATOM   134  O O   . GLY A 1 29  ? -5.126  10.270  -2.779  1.00 97.65  ? 29   GLY A O   1 
ATOM   135  N N   . PHE A 1 30  ? -3.754  10.256  -4.556  1.00 90.37  ? 30   PHE A N   1 
ATOM   136  C CA  . PHE A 1 30  ? -4.110  8.896   -4.946  1.00 91.81  ? 30   PHE A CA  1 
ATOM   137  C C   . PHE A 1 30  ? -3.791  7.874   -3.876  1.00 91.33  ? 30   PHE A C   1 
ATOM   138  O O   . PHE A 1 30  ? -4.633  7.034   -3.556  1.00 92.72  ? 30   PHE A O   1 
ATOM   139  C CB  . PHE A 1 30  ? -3.381  8.517   -6.219  1.00 86.58  ? 30   PHE A CB  1 
ATOM   140  C CG  . PHE A 1 30  ? -3.654  7.127   -6.653  1.00 87.03  ? 30   PHE A CG  1 
ATOM   141  C CD1 . PHE A 1 30  ? -4.872  6.791   -7.220  1.00 91.10  ? 30   PHE A CD1 1 
ATOM   142  C CD2 . PHE A 1 30  ? -2.690  6.140   -6.486  1.00 84.54  ? 30   PHE A CD2 1 
ATOM   143  C CE1 . PHE A 1 30  ? -5.130  5.491   -7.623  1.00 90.30  ? 30   PHE A CE1 1 
ATOM   144  C CE2 . PHE A 1 30  ? -2.939  4.842   -6.881  1.00 89.28  ? 30   PHE A CE2 1 
ATOM   145  C CZ  . PHE A 1 30  ? -4.168  4.516   -7.460  1.00 86.71  ? 30   PHE A CZ  1 
ATOM   146  N N   . ILE A 1 31  ? -2.573  7.944   -3.341  1.00 88.94  ? 31   ILE A N   1 
ATOM   147  C CA  . ILE A 1 31  ? -2.130  6.987   -2.334  1.00 95.29  ? 31   ILE A CA  1 
ATOM   148  C C   . ILE A 1 31  ? -2.930  7.060   -1.028  1.00 98.13  ? 31   ILE A C   1 
ATOM   149  O O   . ILE A 1 31  ? -3.369  6.030   -0.499  1.00 92.87  ? 31   ILE A O   1 
ATOM   150  C CB  . ILE A 1 31  ? -0.637  7.175   -2.003  1.00 85.91  ? 31   ILE A CB  1 
ATOM   151  C CG1 . ILE A 1 31  ? 0.242   6.989   -3.225  1.00 83.30  ? 31   ILE A CG1 1 
ATOM   152  C CG2 . ILE A 1 31  ? -0.218  6.248   -0.868  1.00 87.99  ? 31   ILE A CG2 1 
ATOM   153  C CD1 . ILE A 1 31  ? 1.724   7.097   -2.889  1.00 81.13  ? 31   ILE A CD1 1 
ATOM   154  N N   . GLN A 1 32  ? -3.161  8.293   -0.574  1.00 96.46  ? 32   GLN A N   1 
ATOM   155  C CA  . GLN A 1 32  ? -3.852  8.584   0.683   1.00 100.27 ? 32   GLN A CA  1 
ATOM   156  C C   . GLN A 1 32  ? -5.280  8.091   0.678   1.00 101.69 ? 32   GLN A C   1 
ATOM   157  O O   . GLN A 1 32  ? -5.755  7.476   1.646   1.00 98.95  ? 32   GLN A O   1 
ATOM   158  C CB  . GLN A 1 32  ? -3.808  10.087  0.989   1.00 99.69  ? 32   GLN A CB  1 
ATOM   159  C CG  . GLN A 1 32  ? -2.498  10.610  1.523   1.00 93.98  ? 32   GLN A CG  1 
ATOM   160  C CD  . GLN A 1 32  ? -2.646  12.021  2.062   1.00 98.97  ? 32   GLN A CD  1 
ATOM   161  O OE1 . GLN A 1 32  ? -3.748  12.589  2.040   1.00 100.90 ? 32   GLN A OE1 1 
ATOM   162  N NE2 . GLN A 1 32  ? -1.559  12.568  2.623   1.00 96.03  ? 32   GLN A NE2 1 
ATOM   163  N N   . ASP A 1 33  ? -5.941  8.363   -0.436  1.00 99.90  ? 33   ASP A N   1 
ATOM   164  C CA  . ASP A 1 33  ? -7.269  7.850   -0.712  1.00 101.66 ? 33   ASP A CA  1 
ATOM   165  C C   . ASP A 1 33  ? -7.366  6.348   -0.431  1.00 104.71 ? 33   ASP A C   1 
ATOM   166  O O   . ASP A 1 33  ? -8.216  5.915   0.333   1.00 115.89 ? 33   ASP A O   1 
ATOM   167  C CB  . ASP A 1 33  ? -7.631  8.170   -2.164  1.00 104.09 ? 33   ASP A CB  1 
ATOM   168  C CG  . ASP A 1 33  ? -8.833  7.408   -2.656  1.00 115.20 ? 33   ASP A CG  1 
ATOM   169  O OD1 . ASP A 1 33  ? -9.973  7.883   -2.452  1.00 118.03 ? 33   ASP A OD1 1 
ATOM   170  O OD2 . ASP A 1 33  ? -8.626  6.359   -3.307  1.00 120.52 ? 33   ASP A OD2 1 
ATOM   171  N N   . ARG A 1 34  ? -6.451  5.569   -0.988  1.00 101.93 ? 34   ARG A N   1 
ATOM   172  C CA  . ARG A 1 34  ? -6.473  4.118   -0.858  1.00 103.90 ? 34   ARG A CA  1 
ATOM   173  C C   . ARG A 1 34  ? -6.050  3.577   0.501   1.00 108.23 ? 34   ARG A C   1 
ATOM   174  O O   . ARG A 1 34  ? -6.365  2.441   0.849   1.00 115.26 ? 34   ARG A O   1 
ATOM   175  C CB  . ARG A 1 34  ? -5.599  3.489   -1.937  1.00 102.93 ? 34   ARG A CB  1 
ATOM   176  C CG  . ARG A 1 34  ? -5.729  4.187   -3.267  1.00 103.22 ? 34   ARG A CG  1 
ATOM   177  C CD  . ARG A 1 34  ? -5.108  3.382   -4.376  1.00 99.86  ? 34   ARG A CD  1 
ATOM   178  N NE  . ARG A 1 34  ? -5.934  2.233   -4.717  1.00 102.43 ? 34   ARG A NE  1 
ATOM   179  C CZ  . ARG A 1 34  ? -7.100  2.325   -5.355  1.00 105.02 ? 34   ARG A CZ  1 
ATOM   180  N NH1 . ARG A 1 34  ? -7.582  3.517   -5.733  1.00 105.87 ? 34   ARG A NH1 1 
ATOM   181  N NH2 . ARG A 1 34  ? -7.785  1.223   -5.613  1.00 104.94 ? 34   ARG A NH2 1 
ATOM   182  N N   . ALA A 1 35  ? -5.286  4.367   1.239   1.00 107.78 ? 35   ALA A N   1 
ATOM   183  C CA  . ALA A 1 35  ? -4.825  3.967   2.567   1.00 111.45 ? 35   ALA A CA  1 
ATOM   184  C C   . ALA A 1 35  ? -5.819  4.095   3.742   1.00 115.37 ? 35   ALA A C   1 
ATOM   185  O O   . ALA A 1 35  ? -5.751  3.292   4.678   1.00 116.73 ? 35   ALA A O   1 
ATOM   186  C CB  . ALA A 1 35  ? -3.562  4.752   2.902   1.00 104.90 ? 35   ALA A CB  1 
ATOM   187  N N   . GLY A 1 36  ? -6.747  5.054   3.702   1.00 113.41 ? 36   GLY A N   1 
ATOM   188  C CA  . GLY A 1 36  ? -7.712  5.173   4.787   1.00 117.13 ? 36   GLY A CA  1 
ATOM   189  C C   . GLY A 1 36  ? -8.539  3.912   4.947   1.00 125.98 ? 36   GLY A C   1 
ATOM   190  O O   . GLY A 1 36  ? -8.895  3.514   6.069   1.00 124.29 ? 36   GLY A O   1 
ATOM   191  N N   . ARG A 1 37  ? -8.836  3.284   3.813   1.00 124.66 ? 37   ARG A N   1 
ATOM   192  C CA  . ARG A 1 37  ? -9.565  2.024   3.784   1.00 124.53 ? 37   ARG A CA  1 
ATOM   193  C C   . ARG A 1 37  ? -8.744  0.903   4.429   1.00 125.33 ? 37   ARG A C   1 
ATOM   194  O O   . ARG A 1 37  ? -7.674  0.534   3.928   1.00 124.42 ? 37   ARG A O   1 
ATOM   195  C CB  . ARG A 1 37  ? -9.928  1.667   2.342   1.00 126.58 ? 37   ARG A CB  1 
ATOM   196  C CG  . ARG A 1 37  ? -10.717 2.757   1.612   1.00 125.99 ? 37   ARG A CG  1 
ATOM   197  C CD  . ARG A 1 37  ? -10.734 2.549   0.090   1.00 125.45 ? 37   ARG A CD  1 
ATOM   198  N NE  . ARG A 1 37  ? -11.581 3.505   -0.640  1.00 125.86 ? 37   ARG A NE  1 
ATOM   199  C CZ  . ARG A 1 37  ? -11.514 4.836   -0.582  1.00 120.41 ? 37   ARG A CZ  1 
ATOM   200  N NH1 . ARG A 1 37  ? -10.622 5.452   0.182   1.00 118.45 ? 37   ARG A NH1 1 
ATOM   201  N NH2 . ARG A 1 37  ? -12.359 5.561   -1.309  1.00 120.80 ? 37   ARG A NH2 1 
ATOM   202  N N   . PRO A 1 49  ? -6.447  14.556  3.609   1.00 113.04 ? 49   PRO A N   1 
ATOM   203  C CA  . PRO A 1 49  ? -7.116  15.229  2.490   1.00 115.83 ? 49   PRO A CA  1 
ATOM   204  C C   . PRO A 1 49  ? -6.216  16.303  1.872   1.00 119.34 ? 49   PRO A C   1 
ATOM   205  O O   . PRO A 1 49  ? -5.663  17.127  2.619   1.00 116.29 ? 49   PRO A O   1 
ATOM   206  C CB  . PRO A 1 49  ? -8.361  15.860  3.135   1.00 113.25 ? 49   PRO A CB  1 
ATOM   207  C CG  . PRO A 1 49  ? -8.040  15.935  4.606   1.00 115.79 ? 49   PRO A CG  1 
ATOM   208  C CD  . PRO A 1 49  ? -7.165  14.748  4.883   1.00 118.43 ? 49   PRO A CD  1 
ATOM   209  N N   . VAL A 1 50  ? -6.023  16.271  0.550   1.00 119.07 ? 50   VAL A N   1 
ATOM   210  C CA  . VAL A 1 50  ? -5.079  17.204  -0.073  1.00 118.27 ? 50   VAL A CA  1 
ATOM   211  C C   . VAL A 1 50  ? -5.784  18.208  -1.014  1.00 115.56 ? 50   VAL A C   1 
ATOM   212  O O   . VAL A 1 50  ? -6.354  17.825  -2.051  1.00 109.81 ? 50   VAL A O   1 
ATOM   213  C CB  . VAL A 1 50  ? -3.964  16.409  -0.834  1.00 108.84 ? 50   VAL A CB  1 
ATOM   214  C CG1 . VAL A 1 50  ? -3.375  17.208  -1.995  1.00 106.85 ? 50   VAL A CG1 1 
ATOM   215  C CG2 . VAL A 1 50  ? -2.866  15.994  0.140   1.00 107.45 ? 50   VAL A CG2 1 
ATOM   216  N N   . PRO A 1 51  ? -5.765  19.502  -0.628  1.00 116.46 ? 51   PRO A N   1 
ATOM   217  C CA  . PRO A 1 51  ? -6.441  20.558  -1.397  1.00 117.43 ? 51   PRO A CA  1 
ATOM   218  C C   . PRO A 1 51  ? -5.883  20.665  -2.816  1.00 115.85 ? 51   PRO A C   1 
ATOM   219  O O   . PRO A 1 51  ? -4.670  20.850  -2.973  1.00 113.83 ? 51   PRO A O   1 
ATOM   220  C CB  . PRO A 1 51  ? -6.181  21.836  -0.582  1.00 115.22 ? 51   PRO A CB  1 
ATOM   221  C CG  . PRO A 1 51  ? -5.060  21.490  0.370   1.00 113.69 ? 51   PRO A CG  1 
ATOM   222  C CD  . PRO A 1 51  ? -5.199  20.017  0.633   1.00 115.75 ? 51   PRO A CD  1 
ATOM   223  N N   . GLN A 1 52  ? -6.738  20.539  -3.827  1.00 114.80 ? 52   GLN A N   1 
ATOM   224  C CA  . GLN A 1 52  ? -6.264  20.614  -5.205  1.00 110.89 ? 52   GLN A CA  1 
ATOM   225  C C   . GLN A 1 52  ? -7.321  21.243  -6.137  1.00 110.71 ? 52   GLN A C   1 
ATOM   226  O O   . GLN A 1 52  ? -8.530  21.142  -5.885  1.00 107.98 ? 52   GLN A O   1 
ATOM   227  C CB  . GLN A 1 52  ? -5.816  19.223  -5.662  1.00 107.89 ? 52   GLN A CB  1 
ATOM   228  C CG  . GLN A 1 52  ? -6.892  18.157  -5.696  1.00 108.34 ? 52   GLN A CG  1 
ATOM   229  C CD  . GLN A 1 52  ? -6.297  16.748  -5.832  1.00 108.65 ? 52   GLN A CD  1 
ATOM   230  O OE1 . GLN A 1 52  ? -5.078  16.578  -5.891  1.00 105.02 ? 52   GLN A OE1 1 
ATOM   231  N NE2 . GLN A 1 52  ? -7.161  15.738  -5.873  1.00 105.62 ? 52   GLN A NE2 1 
ATOM   232  N N   . ASP A 1 53  ? -6.863  21.813  -7.253  1.00 107.09 ? 53   ASP A N   1 
ATOM   233  C CA  . ASP A 1 53  ? -7.754  22.497  -8.193  1.00 105.86 ? 53   ASP A CA  1 
ATOM   234  C C   . ASP A 1 53  ? -8.597  21.556  -9.058  1.00 106.17 ? 53   ASP A C   1 
ATOM   235  O O   . ASP A 1 53  ? -8.438  20.339  -9.006  1.00 109.01 ? 53   ASP A O   1 
ATOM   236  C CB  . ASP A 1 53  ? -6.915  23.422  -9.097  1.00 104.67 ? 53   ASP A CB  1 
ATOM   237  C CG  . ASP A 1 53  ? -6.003  22.662  -10.056 1.00 109.82 ? 53   ASP A CG  1 
ATOM   238  O OD1 . ASP A 1 53  ? -4.937  22.192  -9.594  1.00 107.47 ? 53   ASP A OD1 1 
ATOM   239  O OD2 . ASP A 1 53  ? -6.317  22.578  -11.267 1.00 106.64 ? 53   ASP A OD2 1 
ATOM   240  N N   . ALA A 1 54  ? -9.487  22.138  -9.858  1.00 106.25 ? 54   ALA A N   1 
ATOM   241  C CA  . ALA A 1 54  ? -10.510 21.381  -10.577 1.00 104.09 ? 54   ALA A CA  1 
ATOM   242  C C   . ALA A 1 54  ? -10.036 20.341  -11.583 1.00 106.30 ? 54   ALA A C   1 
ATOM   243  O O   . ALA A 1 54  ? -10.474 19.188  -11.527 1.00 106.70 ? 54   ALA A O   1 
ATOM   244  C CB  . ALA A 1 54  ? -11.500 22.341  -11.243 1.00 101.38 ? 54   ALA A CB  1 
ATOM   245  N N   . SER A 1 55  ? -9.157  20.724  -12.501 1.00 108.37 ? 55   SER A N   1 
ATOM   246  C CA  . SER A 1 55  ? -8.676  19.756  -13.486 1.00 105.45 ? 55   SER A CA  1 
ATOM   247  C C   . SER A 1 55  ? -7.855  18.665  -12.785 1.00 103.09 ? 55   SER A C   1 
ATOM   248  O O   . SER A 1 55  ? -7.940  17.490  -13.147 1.00 96.48  ? 55   SER A O   1 
ATOM   249  C CB  . SER A 1 55  ? -7.891  20.432  -14.615 1.00 104.69 ? 55   SER A CB  1 
ATOM   250  O OG  . SER A 1 55  ? -6.716  21.053  -14.124 1.00 115.33 ? 55   SER A OG  1 
ATOM   251  N N   . THR A 1 56  ? -7.068  19.055  -11.779 1.00 104.77 ? 56   THR A N   1 
ATOM   252  C CA  . THR A 1 56  ? -6.333  18.075  -10.978 1.00 102.95 ? 56   THR A CA  1 
ATOM   253  C C   . THR A 1 56  ? -7.264  17.130  -10.193 1.00 103.26 ? 56   THR A C   1 
ATOM   254  O O   . THR A 1 56  ? -6.961  15.944  -10.014 1.00 102.33 ? 56   THR A O   1 
ATOM   255  C CB  . THR A 1 56  ? -5.349  18.774  -10.004 1.00 100.94 ? 56   THR A CB  1 
ATOM   256  O OG1 . THR A 1 56  ? -4.450  19.604  -10.744 1.00 100.90 ? 56   THR A OG1 1 
ATOM   257  C CG2 . THR A 1 56  ? -4.544  17.763  -9.218  1.00 93.49  ? 56   THR A CG2 1 
ATOM   258  N N   . LYS A 1 57  ? -8.428  17.639  -9.796  1.00 103.78 ? 57   LYS A N   1 
ATOM   259  C CA  . LYS A 1 57  ? -9.420  16.841  -9.072  1.00 106.59 ? 57   LYS A CA  1 
ATOM   260  C C   . LYS A 1 57  ? -10.063 15.815  -10.024 1.00 104.14 ? 57   LYS A C   1 
ATOM   261  O O   . LYS A 1 57  ? -10.288 14.655  -9.668  1.00 101.27 ? 57   LYS A O   1 
ATOM   262  C CB  . LYS A 1 57  ? -10.488 17.735  -8.412  1.00 110.91 ? 57   LYS A CB  1 
ATOM   263  C CG  . LYS A 1 57  ? -11.439 17.061  -7.422  1.00 111.41 ? 57   LYS A CG  1 
ATOM   264  C CD  . LYS A 1 57  ? -12.443 18.094  -6.880  1.00 120.86 ? 57   LYS A CD  1 
ATOM   265  C CE  . LYS A 1 57  ? -13.420 17.519  -5.841  1.00 123.78 ? 57   LYS A CE  1 
ATOM   266  N NZ  . LYS A 1 57  ? -14.491 18.507  -5.455  1.00 109.08 ? 57   LYS A NZ  1 
ATOM   267  N N   . LYS A 1 58  ? -10.356 16.272  -11.239 1.00 102.01 ? 58   LYS A N   1 
ATOM   268  C CA  . LYS A 1 58  ? -10.843 15.415  -12.321 1.00 103.41 ? 58   LYS A CA  1 
ATOM   269  C C   . LYS A 1 58  ? -9.908  14.240  -12.654 1.00 101.05 ? 58   LYS A C   1 
ATOM   270  O O   . LYS A 1 58  ? -10.360 13.102  -12.772 1.00 98.53  ? 58   LYS A O   1 
ATOM   271  C CB  . LYS A 1 58  ? -11.103 16.266  -13.567 1.00 101.46 ? 58   LYS A CB  1 
ATOM   272  C CG  . LYS A 1 58  ? -12.257 17.237  -13.344 1.00 109.22 ? 58   LYS A CG  1 
ATOM   273  C CD  . LYS A 1 58  ? -12.526 18.131  -14.535 1.00 114.51 ? 58   LYS A CD  1 
ATOM   274  C CE  . LYS A 1 58  ? -13.750 19.006  -14.281 1.00 117.07 ? 58   LYS A CE  1 
ATOM   275  N NZ  . LYS A 1 58  ? -13.966 20.011  -15.373 1.00 120.71 ? 58   LYS A NZ  1 
ATOM   276  N N   . LEU A 1 59  ? -8.604  14.506  -12.763 1.00 97.71  ? 59   LEU A N   1 
ATOM   277  C CA  . LEU A 1 59  ? -7.625  13.439  -12.982 1.00 91.99  ? 59   LEU A CA  1 
ATOM   278  C C   . LEU A 1 59  ? -7.610  12.478  -11.813 1.00 93.63  ? 59   LEU A C   1 
ATOM   279  O O   . LEU A 1 59  ? -7.523  11.269  -12.007 1.00 91.74  ? 59   LEU A O   1 
ATOM   280  C CB  . LEU A 1 59  ? -6.222  14.015  -13.183 1.00 94.34  ? 59   LEU A CB  1 
ATOM   281  C CG  . LEU A 1 59  ? -5.978  14.677  -14.538 1.00 88.11  ? 59   LEU A CG  1 
ATOM   282  C CD1 . LEU A 1 59  ? -4.597  15.326  -14.644 1.00 78.15  ? 59   LEU A CD1 1 
ATOM   283  C CD2 . LEU A 1 59  ? -6.174  13.631  -15.626 1.00 84.63  ? 59   LEU A CD2 1 
ATOM   284  N N   . SER A 1 60  ? -7.694  13.015  -10.601 1.00 95.20  ? 60   SER A N   1 
ATOM   285  C CA  . SER A 1 60  ? -7.683  12.189  -9.397  1.00 97.42  ? 60   SER A CA  1 
ATOM   286  C C   . SER A 1 60  ? -8.886  11.238  -9.348  1.00 95.50  ? 60   SER A C   1 
ATOM   287  O O   . SER A 1 60  ? -8.786  10.123  -8.833  1.00 91.48  ? 60   SER A O   1 
ATOM   288  C CB  . SER A 1 60  ? -7.676  13.064  -8.157  1.00 96.40  ? 60   SER A CB  1 
ATOM   289  O OG  . SER A 1 60  ? -6.368  13.548  -7.935  1.00 103.27 ? 60   SER A OG  1 
ATOM   290  N N   . GLU A 1 61  ? -10.002 11.680  -9.919  1.00 95.56  ? 61   GLU A N   1 
ATOM   291  C CA  . GLU A 1 61  ? -11.233 10.893  -9.954  1.00 101.39 ? 61   GLU A CA  1 
ATOM   292  C C   . GLU A 1 61  ? -11.017 9.701   -10.878 1.00 99.37  ? 61   GLU A C   1 
ATOM   293  O O   . GLU A 1 61  ? -11.236 8.538   -10.489 1.00 97.98  ? 61   GLU A O   1 
ATOM   294  C CB  . GLU A 1 61  ? -12.430 11.747  -10.406 1.00 103.21 ? 61   GLU A CB  1 
ATOM   295  C CG  . GLU A 1 61  ? -12.900 12.810  -9.405  1.00 106.17 ? 61   GLU A CG  1 
ATOM   296  C CD  . GLU A 1 61  ? -13.774 13.897  -10.061 1.00 115.79 ? 61   GLU A CD  1 
ATOM   297  O OE1 . GLU A 1 61  ? -14.197 13.716  -11.235 1.00 109.43 ? 61   GLU A OE1 1 
ATOM   298  O OE2 . GLU A 1 61  ? -13.999 14.954  -9.413  1.00 116.79 ? 61   GLU A OE2 1 
ATOM   299  N N   . SER A 1 62  ? -10.502 10.007  -12.069 1.00 94.24  ? 62   SER A N   1 
ATOM   300  C CA  . SER A 1 62  ? -10.181 8.995   -13.062 1.00 93.02  ? 62   SER A CA  1 
ATOM   301  C C   . SER A 1 62  ? -9.176  8.009   -12.471 1.00 96.60  ? 62   SER A C   1 
ATOM   302  O O   . SER A 1 62  ? -9.259  6.797   -12.686 1.00 97.65  ? 62   SER A O   1 
ATOM   303  C CB  . SER A 1 62  ? -9.624  9.631   -14.336 1.00 90.02  ? 62   SER A CB  1 
ATOM   304  O OG  . SER A 1 62  ? -10.564 10.488  -14.969 1.00 90.99  ? 62   SER A OG  1 
ATOM   305  N N   . LEU A 1 63  ? -8.194  8.544   -11.758 1.00 92.87  ? 63   LEU A N   1 
ATOM   306  C CA  . LEU A 1 63  ? -7.216  7.696   -11.120 1.00 92.76  ? 63   LEU A CA  1 
ATOM   307  C C   . LEU A 1 63  ? -7.828  6.746   -10.099 1.00 96.22  ? 63   LEU A C   1 
ATOM   308  O O   . LEU A 1 63  ? -7.516  5.558   -10.047 1.00 92.63  ? 63   LEU A O   1 
ATOM   309  C CB  . LEU A 1 63  ? -6.166  8.542   -10.411 1.00 91.52  ? 63   LEU A CB  1 
ATOM   310  C CG  . LEU A 1 63  ? -5.195  9.351   -11.242 1.00 88.12  ? 63   LEU A CG  1 
ATOM   311  C CD1 . LEU A 1 63  ? -4.160  9.959   -10.314 1.00 87.59  ? 63   LEU A CD1 1 
ATOM   312  C CD2 . LEU A 1 63  ? -4.553  8.449   -12.289 1.00 81.85  ? 63   LEU A CD2 1 
ATOM   313  N N   . LYS A 1 64  ? -8.732  7.301   -9.297  1.00 101.46 ? 64   LYS A N   1 
ATOM   314  C CA  . LYS A 1 64  ? -9.322  6.559   -8.199  1.00 105.06 ? 64   LYS A CA  1 
ATOM   315  C C   . LYS A 1 64  ? -10.152 5.384   -8.710  1.00 102.98 ? 64   LYS A C   1 
ATOM   316  O O   . LYS A 1 64  ? -10.050 4.288   -8.167  1.00 101.97 ? 64   LYS A O   1 
ATOM   317  C CB  . LYS A 1 64  ? -10.181 7.487   -7.334  1.00 106.84 ? 64   LYS A CB  1 
ATOM   318  C CG  . LYS A 1 64  ? -10.949 6.796   -6.215  1.00 115.46 ? 64   LYS A CG  1 
ATOM   319  C CD  . LYS A 1 64  ? -11.922 7.751   -5.506  1.00 119.24 ? 64   LYS A CD  1 
ATOM   320  C CE  . LYS A 1 64  ? -13.194 8.003   -6.318  1.00 123.32 ? 64   LYS A CE  1 
ATOM   321  N NZ  . LYS A 1 64  ? -14.233 6.938   -6.141  1.00 120.92 ? 64   LYS A NZ  1 
ATOM   322  N N   . ARG A 1 65  ? -10.888 5.583   -9.804  1.00 98.89  ? 65   ARG A N   1 
ATOM   323  C CA  . ARG A 1 65  ? -11.789 4.537   -10.302 1.00 99.59  ? 65   ARG A CA  1 
ATOM   324  C C   . ARG A 1 65  ? -11.045 3.444   -11.036 1.00 99.72  ? 65   ARG A C   1 
ATOM   325  O O   . ARG A 1 65  ? -11.489 2.296   -11.092 1.00 103.21 ? 65   ARG A O   1 
ATOM   326  C CB  . ARG A 1 65  ? -12.942 5.115   -11.141 1.00 96.07  ? 65   ARG A CB  1 
ATOM   327  C CG  . ARG A 1 65  ? -12.482 5.562   -12.500 1.00 99.92  ? 65   ARG A CG  1 
ATOM   328  C CD  . ARG A 1 65  ? -13.557 5.681   -13.570 1.00 101.68 ? 65   ARG A CD  1 
ATOM   329  N NE  . ARG A 1 65  ? -13.362 6.924   -14.328 1.00 104.52 ? 65   ARG A NE  1 
ATOM   330  C CZ  . ARG A 1 65  ? -12.509 7.071   -15.347 1.00 99.20  ? 65   ARG A CZ  1 
ATOM   331  N NH1 . ARG A 1 65  ? -11.743 6.054   -15.725 1.00 94.44  ? 65   ARG A NH1 1 
ATOM   332  N NH2 . ARG A 1 65  ? -12.385 8.249   -15.959 1.00 92.46  ? 65   ARG A NH2 1 
ATOM   333  N N   . ILE A 1 66  ? -9.936  3.820   -11.649 1.00 99.37  ? 66   ILE A N   1 
ATOM   334  C CA  . ILE A 1 66  ? -9.059  2.856   -12.282 1.00 96.22  ? 66   ILE A CA  1 
ATOM   335  C C   . ILE A 1 66  ? -8.386  2.011   -11.221 1.00 94.19  ? 66   ILE A C   1 
ATOM   336  O O   . ILE A 1 66  ? -8.255  0.800   -11.357 1.00 95.43  ? 66   ILE A O   1 
ATOM   337  C CB  . ILE A 1 66  ? -8.045  3.533   -13.179 1.00 91.06  ? 66   ILE A CB  1 
ATOM   338  C CG1 . ILE A 1 66  ? -8.784  4.146   -14.359 1.00 86.30  ? 66   ILE A CG1 1 
ATOM   339  C CG2 . ILE A 1 66  ? -7.072  2.530   -13.715 1.00 90.50  ? 66   ILE A CG2 1 
ATOM   340  C CD1 . ILE A 1 66  ? -7.889  4.785   -15.337 1.00 90.01  ? 66   ILE A CD1 1 
ATOM   341  N N   . GLY A 1 67  ? -7.952  2.667   -10.154 1.00 99.40  ? 67   GLY A N   1 
ATOM   342  C CA  . GLY A 1 67  ? -7.413  1.959   -9.009  1.00 99.76  ? 67   GLY A CA  1 
ATOM   343  C C   . GLY A 1 67  ? -8.387  0.935   -8.462  1.00 100.98 ? 67   GLY A C   1 
ATOM   344  O O   . GLY A 1 67  ? -7.979  -0.180  -8.126  1.00 102.24 ? 67   GLY A O   1 
ATOM   345  N N   . ASP A 1 68  ? -9.662  1.322   -8.361  1.00 102.49 ? 68   ASP A N   1 
ATOM   346  C CA  . ASP A 1 68  ? -10.764 0.424   -7.971  1.00 100.17 ? 68   ASP A CA  1 
ATOM   347  C C   . ASP A 1 68  ? -10.868 -0.817  -8.862  1.00 100.30 ? 68   ASP A C   1 
ATOM   348  O O   . ASP A 1 68  ? -10.967 -1.934  -8.359  1.00 102.20 ? 68   ASP A O   1 
ATOM   349  C CB  . ASP A 1 68  ? -12.102 1.176   -7.963  1.00 99.28  ? 68   ASP A CB  1 
ATOM   350  C CG  . ASP A 1 68  ? -12.232 2.154   -6.784  1.00 105.20 ? 68   ASP A CG  1 
ATOM   351  O OD1 . ASP A 1 68  ? -11.429 2.052   -5.814  1.00 99.99  ? 68   ASP A OD1 1 
ATOM   352  O OD2 . ASP A 1 68  ? -13.127 3.045   -6.857  1.00 101.43 ? 68   ASP A OD2 1 
ATOM   353  N N   . GLU A 1 69  ? -10.810 -0.622  -10.178 1.00 97.11  ? 69   GLU A N   1 
ATOM   354  C CA  . GLU A 1 69  ? -10.879 -1.740  -11.108 1.00 98.62  ? 69   GLU A CA  1 
ATOM   355  C C   . GLU A 1 69  ? -9.707  -2.712  -10.936 1.00 100.59 ? 69   GLU A C   1 
ATOM   356  O O   . GLU A 1 69  ? -9.884  -3.926  -11.027 1.00 103.72 ? 69   GLU A O   1 
ATOM   357  C CB  . GLU A 1 69  ? -10.933 -1.251  -12.562 1.00 102.98 ? 69   GLU A CB  1 
ATOM   358  C CG  . GLU A 1 69  ? -12.216 -0.507  -12.967 1.00 110.42 ? 69   GLU A CG  1 
ATOM   359  C CD  . GLU A 1 69  ? -12.147 0.061   -14.396 1.00 115.46 ? 69   GLU A CD  1 
ATOM   360  O OE1 . GLU A 1 69  ? -11.267 -0.379  -15.180 1.00 113.52 ? 69   GLU A OE1 1 
ATOM   361  O OE2 . GLU A 1 69  ? -12.983 0.931   -14.738 1.00 113.50 ? 69   GLU A OE2 1 
ATOM   362  N N   . LEU A 1 70  ? -8.518  -2.181  -10.663 1.00 98.03  ? 70   LEU A N   1 
ATOM   363  C CA  . LEU A 1 70  ? -7.319  -3.002  -10.473 1.00 95.84  ? 70   LEU A CA  1 
ATOM   364  C C   . LEU A 1 70  ? -7.362  -3.746  -9.143  1.00 99.69  ? 70   LEU A C   1 
ATOM   365  O O   . LEU A 1 70  ? -6.746  -4.808  -8.979  1.00 95.86  ? 70   LEU A O   1 
ATOM   366  C CB  . LEU A 1 70  ? -6.074  -2.136  -10.572 1.00 97.65  ? 70   LEU A CB  1 
ATOM   367  C CG  . LEU A 1 70  ? -5.947  -1.534  -11.972 1.00 97.29  ? 70   LEU A CG  1 
ATOM   368  C CD1 . LEU A 1 70  ? -4.749  -0.597  -12.076 1.00 90.04  ? 70   LEU A CD1 1 
ATOM   369  C CD2 . LEU A 1 70  ? -5.877  -2.642  -13.010 1.00 98.61  ? 70   LEU A CD2 1 
ATOM   370  N N   . ASP A 1 71  ? -7.991  -3.126  -8.155  1.00 101.51 ? 71   ASP A N   1 
ATOM   371  C CA  . ASP A 1 71  ? -8.215  -3.788  -6.879  1.00 102.09 ? 71   ASP A CA  1 
ATOM   372  C C   . ASP A 1 71  ? -9.056  -5.065  -7.086  1.00 102.98 ? 71   ASP A C   1 
ATOM   373  O O   . ASP A 1 71  ? -9.036  -5.972  -6.257  1.00 100.61 ? 71   ASP A O   1 
ATOM   374  C CB  . ASP A 1 71  ? -8.898  -2.847  -5.894  1.00 98.48  ? 71   ASP A CB  1 
ATOM   375  C CG  . ASP A 1 71  ? -7.914  -1.940  -5.183  1.00 105.35 ? 71   ASP A CG  1 
ATOM   376  O OD1 . ASP A 1 71  ? -6.697  -2.239  -5.198  1.00 101.25 ? 71   ASP A OD1 1 
ATOM   377  O OD2 . ASP A 1 71  ? -8.360  -0.927  -4.596  1.00 110.74 ? 71   ASP A OD2 1 
ATOM   378  N N   . SER A 1 72  ? -9.798  -5.131  -8.191  1.00 102.88 ? 72   SER A N   1 
ATOM   379  C CA  . SER A 1 72  ? -10.655 -6.281  -8.442  1.00 105.16 ? 72   SER A CA  1 
ATOM   380  C C   . SER A 1 72  ? -9.939  -7.290  -9.341  1.00 109.36 ? 72   SER A C   1 
ATOM   381  O O   . SER A 1 72  ? -10.303 -8.473  -9.377  1.00 111.71 ? 72   SER A O   1 
ATOM   382  C CB  . SER A 1 72  ? -11.995 -5.852  -9.082  1.00 102.93 ? 72   SER A CB  1 
ATOM   383  O OG  . SER A 1 72  ? -12.531 -4.663  -8.508  1.00 96.94  ? 72   SER A OG  1 
ATOM   384  N N   . ASN A 1 73  ? -8.887  -6.838  -10.022 1.00 106.24 ? 73   ASN A N   1 
ATOM   385  C CA  . ASN A 1 73  ? -8.018  -7.747  -10.759 1.00 102.55 ? 73   ASN A CA  1 
ATOM   386  C C   . ASN A 1 73  ? -7.308  -8.664  -9.787  1.00 106.60 ? 73   ASN A C   1 
ATOM   387  O O   . ASN A 1 73  ? -6.291  -8.311  -9.172  1.00 104.08 ? 73   ASN A O   1 
ATOM   388  C CB  . ASN A 1 73  ? -7.006  -6.963  -11.582 1.00 101.63 ? 73   ASN A CB  1 
ATOM   389  C CG  . ASN A 1 73  ? -6.161  -7.861  -12.480 1.00 103.12 ? 73   ASN A CG  1 
ATOM   390  O OD1 . ASN A 1 73  ? -5.679  -8.913  -12.059 1.00 105.04 ? 73   ASN A OD1 1 
ATOM   391  N ND2 . ASN A 1 73  ? -5.995  -7.451  -13.732 1.00 98.72  ? 73   ASN A ND2 1 
ATOM   392  N N   . MET A 1 74  ? -7.861  -9.864  -9.675  1.00 113.02 ? 74   MET A N   1 
ATOM   393  C CA  . MET A 1 74  ? -7.491  -10.815 -8.641  1.00 112.33 ? 74   MET A CA  1 
ATOM   394  C C   . MET A 1 74  ? -6.126  -11.467 -8.888  1.00 105.06 ? 74   MET A C   1 
ATOM   395  O O   . MET A 1 74  ? -5.434  -11.859 -7.947  1.00 106.19 ? 74   MET A O   1 
ATOM   396  C CB  . MET A 1 74  ? -8.601  -11.857 -8.427  1.00 114.92 ? 74   MET A CB  1 
ATOM   397  C CG  . MET A 1 74  ? -8.524  -12.538 -7.078  1.00 123.90 ? 74   MET A CG  1 
ATOM   398  S SD  . MET A 1 74  ? -7.928  -11.403 -5.789  1.00 130.69 ? 74   MET A SD  1 
ATOM   399  C CE  . MET A 1 74  ? -9.419  -10.451 -5.445  1.00 117.89 ? 74   MET A CE  1 
ATOM   400  N N   . GLU A 1 75  ? -5.744  -11.568 -10.156 1.00 101.15 ? 75   GLU A N   1 
ATOM   401  C CA  . GLU A 1 75  ? -4.445  -12.132 -10.524 1.00 106.83 ? 75   GLU A CA  1 
ATOM   402  C C   . GLU A 1 75  ? -3.323  -11.195 -10.070 1.00 103.69 ? 75   GLU A C   1 
ATOM   403  O O   . GLU A 1 75  ? -2.298  -11.623 -9.523  1.00 97.18  ? 75   GLU A O   1 
ATOM   404  C CB  . GLU A 1 75  ? -4.358  -12.361 -12.037 1.00 105.43 ? 75   GLU A CB  1 
ATOM   405  C CG  . GLU A 1 75  ? -5.595  -13.011 -12.641 1.00 110.89 ? 75   GLU A CG  1 
ATOM   406  C CD  . GLU A 1 75  ? -6.660  -11.974 -13.040 1.00 117.63 ? 75   GLU A CD  1 
ATOM   407  O OE1 . GLU A 1 75  ? -6.380  -11.186 -13.978 1.00 116.29 ? 75   GLU A OE1 1 
ATOM   408  O OE2 . GLU A 1 75  ? -7.757  -11.924 -12.418 1.00 116.37 ? 75   GLU A OE2 1 
ATOM   409  N N   . LEU A 1 76  ? -3.558  -9.907  -10.300 1.00 103.57 ? 76   LEU A N   1 
ATOM   410  C CA  . LEU A 1 76  ? -2.660  -8.840  -9.894  1.00 98.52  ? 76   LEU A CA  1 
ATOM   411  C C   . LEU A 1 76  ? -2.413  -8.822  -8.401  1.00 99.74  ? 76   LEU A C   1 
ATOM   412  O O   . LEU A 1 76  ? -1.272  -8.642  -7.964  1.00 100.58 ? 76   LEU A O   1 
ATOM   413  C CB  . LEU A 1 76  ? -3.228  -7.498  -10.338 1.00 99.57  ? 76   LEU A CB  1 
ATOM   414  C CG  . LEU A 1 76  ? -2.465  -6.222  -9.992  1.00 98.28  ? 76   LEU A CG  1 
ATOM   415  C CD1 . LEU A 1 76  ? -1.022  -6.294  -10.487 1.00 91.42  ? 76   LEU A CD1 1 
ATOM   416  C CD2 . LEU A 1 76  ? -3.188  -5.012  -10.590 1.00 95.01  ? 76   LEU A CD2 1 
ATOM   417  N N   . GLN A 1 77  ? -3.464  -9.030  -7.619  1.00 96.94  ? 77   GLN A N   1 
ATOM   418  C CA  . GLN A 1 77  ? -3.309  -9.045  -6.175  1.00 94.46  ? 77   GLN A CA  1 
ATOM   419  C C   . GLN A 1 77  ? -2.391  -10.169 -5.760  1.00 92.61  ? 77   GLN A C   1 
ATOM   420  O O   . GLN A 1 77  ? -1.535  -9.988  -4.898  1.00 94.46  ? 77   GLN A O   1 
ATOM   421  C CB  . GLN A 1 77  ? -4.645  -9.141  -5.476  1.00 98.51  ? 77   GLN A CB  1 
ATOM   422  C CG  . GLN A 1 77  ? -5.581  -8.032  -5.869  1.00 98.40  ? 77   GLN A CG  1 
ATOM   423  C CD  . GLN A 1 77  ? -4.884  -6.693  -5.745  1.00 98.53  ? 77   GLN A CD  1 
ATOM   424  O OE1 . GLN A 1 77  ? -4.331  -6.379  -4.688  1.00 98.11  ? 77   GLN A OE1 1 
ATOM   425  N NE2 . GLN A 1 77  ? -4.934  -5.884  -6.798  1.00 97.66  ? 77   GLN A NE2 1 
ATOM   426  N N   . ARG A 1 78  ? -2.593  -11.337 -6.350  1.00 95.95  ? 78   ARG A N   1 
ATOM   427  C CA  . ARG A 1 78  ? -1.730  -12.481 -6.074  1.00 102.57 ? 78   ARG A CA  1 
ATOM   428  C C   . ARG A 1 78  ? -0.308  -12.179 -6.520  1.00 100.50 ? 78   ARG A C   1 
ATOM   429  O O   . ARG A 1 78  ? 0.671   -12.520 -5.834  1.00 94.24  ? 78   ARG A O   1 
ATOM   430  C CB  . ARG A 1 78  ? -2.233  -13.732 -6.794  1.00 105.18 ? 78   ARG A CB  1 
ATOM   431  C CG  . ARG A 1 78  ? -3.634  -14.144 -6.384  1.00 111.31 ? 78   ARG A CG  1 
ATOM   432  C CD  . ARG A 1 78  ? -4.090  -15.361 -7.166  1.00 113.37 ? 78   ARG A CD  1 
ATOM   433  N NE  . ARG A 1 78  ? -5.540  -15.514 -7.117  1.00 111.45 ? 78   ARG A NE  1 
ATOM   434  C CZ  . ARG A 1 78  ? -6.298  -15.670 -8.193  1.00 113.23 ? 78   ARG A CZ  1 
ATOM   435  N NH1 . ARG A 1 78  ? -5.740  -15.659 -9.404  1.00 111.85 ? 78   ARG A NH1 1 
ATOM   436  N NH2 . ARG A 1 78  ? -7.611  -15.805 -8.060  1.00 113.61 ? 78   ARG A NH2 1 
ATOM   437  N N   . MET A 1 79  ? -0.211  -11.539 -7.684  1.00 99.16  ? 79   MET A N   1 
ATOM   438  C CA  . MET A 1 79  ? 1.068   -11.114 -8.226  1.00 98.20  ? 79   MET A CA  1 
ATOM   439  C C   . MET A 1 79  ? 1.709   -10.155 -7.208  1.00 96.09  ? 79   MET A C   1 
ATOM   440  O O   . MET A 1 79  ? 2.896   -10.292 -6.885  1.00 98.38  ? 79   MET A O   1 
ATOM   441  C CB  . MET A 1 79  ? 0.909   -10.459 -9.593  1.00 99.33  ? 79   MET A CB  1 
ATOM   442  C CG  . MET A 1 79  ? 2.095   -10.750 -10.540 1.00 100.97 ? 79   MET A CG  1 
ATOM   443  S SD  . MET A 1 79  ? 2.186   -12.379 -11.356 1.00 101.70 ? 79   MET A SD  1 
ATOM   444  C CE  . MET A 1 79  ? 1.188   -12.093 -12.835 1.00 91.57  ? 79   MET A CE  1 
ATOM   445  N N   . ILE A 1 80  ? 0.966   -9.157  -6.737  1.00 91.20  ? 80   ILE A N   1 
ATOM   446  C CA  . ILE A 1 80  ? 1.558   -8.215  -5.779  1.00 96.35  ? 80   ILE A CA  1 
ATOM   447  C C   . ILE A 1 80  ? 1.876   -8.898  -4.428  1.00 98.60  ? 80   ILE A C   1 
ATOM   448  O O   . ILE A 1 80  ? 2.881   -8.606  -3.795  1.00 98.64  ? 80   ILE A O   1 
ATOM   449  C CB  . ILE A 1 80  ? 0.656   -6.985  -5.538  1.00 96.55  ? 80   ILE A CB  1 
ATOM   450  C CG1 . ILE A 1 80  ? 0.402   -6.238  -6.840  1.00 90.03  ? 80   ILE A CG1 1 
ATOM   451  C CG2 . ILE A 1 80  ? 1.296   -6.058  -4.513  1.00 89.17  ? 80   ILE A CG2 1 
ATOM   452  C CD1 . ILE A 1 80  ? -0.552  -5.100  -6.692  1.00 91.14  ? 80   ILE A CD1 1 
ATOM   453  N N   . ALA A 1 81  ? 1.008   -9.814  -4.005  1.00 100.37 ? 81   ALA A N   1 
ATOM   454  C CA  . ALA A 1 81  ? 1.184   -10.601 -2.777  1.00 95.06  ? 81   ALA A CA  1 
ATOM   455  C C   . ALA A 1 81  ? 2.472   -11.445 -2.709  1.00 98.89  ? 81   ALA A C   1 
ATOM   456  O O   . ALA A 1 81  ? 3.078   -11.585 -1.636  1.00 95.99  ? 81   ALA A O   1 
ATOM   457  C CB  . ALA A 1 81  ? -0.015  -11.484 -2.571  1.00 91.46  ? 81   ALA A CB  1 
ATOM   458  N N   . ALA A 1 82  ? 2.926   -11.968 -3.849  1.00 101.03 ? 82   ALA A N   1 
ATOM   459  C CA  . ALA A 1 82  ? 4.037   -12.929 -3.817  1.00 103.57 ? 82   ALA A CA  1 
ATOM   460  C C   . ALA A 1 82  ? 5.449   -12.346 -3.700  1.00 103.69 ? 82   ALA A C   1 
ATOM   461  O O   . ALA A 1 82  ? 6.381   -13.049 -3.276  1.00 97.37  ? 82   ALA A O   1 
ATOM   462  C CB  . ALA A 1 82  ? 3.959   -13.819 -5.070  1.00 98.79  ? 82   ALA A CB  1 
ATOM   463  N N   . VAL A 1 83  ? 5.622   -11.099 -4.117  1.00 103.59 ? 83   VAL A N   1 
ATOM   464  C CA  . VAL A 1 83  ? 6.924   -10.456 -4.046  1.00 97.53  ? 83   VAL A CA  1 
ATOM   465  C C   . VAL A 1 83  ? 7.278   -10.167 -2.582  1.00 100.68 ? 83   VAL A C   1 
ATOM   466  O O   . VAL A 1 83  ? 6.445   -9.695  -1.804  1.00 95.53  ? 83   VAL A O   1 
ATOM   467  C CB  . VAL A 1 83  ? 7.010   -9.181  -4.888  1.00 101.59 ? 83   VAL A CB  1 
ATOM   468  C CG1 . VAL A 1 83  ? 5.952   -8.172  -4.469  1.00 96.99  ? 83   VAL A CG1 1 
ATOM   469  C CG2 . VAL A 1 83  ? 8.403   -8.594  -4.766  1.00 99.19  ? 83   VAL A CG2 1 
ATOM   470  N N   . ASP A 1 84  ? 8.510   -10.473 -2.208  1.00 104.71 ? 84   ASP A N   1 
ATOM   471  C CA  . ASP A 1 84  ? 8.963   -10.259 -0.848  1.00 104.76 ? 84   ASP A CA  1 
ATOM   472  C C   . ASP A 1 84  ? 9.400   -8.803  -0.730  1.00 105.32 ? 84   ASP A C   1 
ATOM   473  O O   . ASP A 1 84  ? 10.110  -8.283  -1.592  1.00 102.74 ? 84   ASP A O   1 
ATOM   474  C CB  . ASP A 1 84  ? 10.116  -11.220 -0.508  1.00 105.63 ? 84   ASP A CB  1 
ATOM   475  C CG  . ASP A 1 84  ? 10.819  -10.875 0.797   1.00 109.71 ? 84   ASP A CG  1 
ATOM   476  O OD1 . ASP A 1 84  ? 10.225  -10.177 1.647   1.00 110.50 ? 84   ASP A OD1 1 
ATOM   477  O OD2 . ASP A 1 84  ? 11.970  -11.322 0.979   1.00 110.30 ? 84   ASP A OD2 1 
ATOM   478  N N   . THR A 1 85  ? 8.995   -8.163  0.361   1.00 108.45 ? 85   THR A N   1 
ATOM   479  C CA  . THR A 1 85  ? 9.045   -6.705  0.500   1.00 102.84 ? 85   THR A CA  1 
ATOM   480  C C   . THR A 1 85  ? 9.748   -6.381  1.810   1.00 104.80 ? 85   THR A C   1 
ATOM   481  O O   . THR A 1 85  ? 9.334   -5.492  2.569   1.00 103.13 ? 85   THR A O   1 
ATOM   482  C CB  . THR A 1 85  ? 7.619   -6.096  0.525   1.00 102.40 ? 85   THR A CB  1 
ATOM   483  O OG1 . THR A 1 85  ? 6.746   -6.895  -0.281  1.00 112.71 ? 85   THR A OG1 1 
ATOM   484  C CG2 . THR A 1 85  ? 7.594   -4.683  0.021   1.00 99.02  ? 85   THR A CG2 1 
ATOM   485  N N   . ASP A 1 86  ? 10.861  -7.078  2.022   1.00 104.93 ? 86   ASP A N   1 
ATOM   486  C CA  . ASP A 1 86  ? 11.742  -6.812  3.141   1.00 105.09 ? 86   ASP A CA  1 
ATOM   487  C C   . ASP A 1 86  ? 12.738  -5.728  2.743   1.00 103.09 ? 86   ASP A C   1 
ATOM   488  O O   . ASP A 1 86  ? 13.349  -5.077  3.592   1.00 100.86 ? 86   ASP A O   1 
ATOM   489  C CB  . ASP A 1 86  ? 12.409  -8.098  3.624   1.00 109.64 ? 86   ASP A CB  1 
ATOM   490  C CG  . ASP A 1 86  ? 11.443  -8.975  4.437   1.00 118.38 ? 86   ASP A CG  1 
ATOM   491  O OD1 . ASP A 1 86  ? 10.204  -8.891  4.192   1.00 113.64 ? 86   ASP A OD1 1 
ATOM   492  O OD2 . ASP A 1 86  ? 11.916  -9.755  5.299   1.00 115.89 ? 86   ASP A OD2 1 
ATOM   493  N N   . SER A 1 87  ? 12.942  -5.608  1.432   1.00 99.44  ? 87   SER A N   1 
ATOM   494  C CA  . SER A 1 87  ? 13.702  -4.523  0.825   1.00 94.24  ? 87   SER A CA  1 
ATOM   495  C C   . SER A 1 87  ? 12.779  -3.714  -0.108  1.00 88.34  ? 87   SER A C   1 
ATOM   496  O O   . SER A 1 87  ? 12.933  -3.768  -1.331  1.00 86.92  ? 87   SER A O   1 
ATOM   497  C CB  . SER A 1 87  ? 14.857  -5.084  0.003   1.00 96.98  ? 87   SER A CB  1 
ATOM   498  O OG  . SER A 1 87  ? 16.097  -4.834  0.657   1.00 95.69  ? 87   SER A OG  1 
ATOM   499  N N   . PRO A 1 88  ? 11.820  -2.960  0.437   1.00 83.68  ? 88   PRO A N   1 
ATOM   500  C CA  . PRO A 1 88  ? 10.827  -2.412  -0.501  1.00 81.64  ? 88   PRO A CA  1 
ATOM   501  C C   . PRO A 1 88  ? 11.402  -1.357  -1.477  1.00 81.24  ? 88   PRO A C   1 
ATOM   502  O O   . PRO A 1 88  ? 10.828  -1.173  -2.554  1.00 82.64  ? 88   PRO A O   1 
ATOM   503  C CB  . PRO A 1 88  ? 9.752   -1.811  0.414   1.00 77.84  ? 88   PRO A CB  1 
ATOM   504  C CG  . PRO A 1 88  ? 10.432  -1.566  1.727   1.00 89.00  ? 88   PRO A CG  1 
ATOM   505  C CD  . PRO A 1 88  ? 11.592  -2.544  1.833   1.00 90.64  ? 88   PRO A CD  1 
ATOM   506  N N   . ARG A 1 89  ? 12.493  -0.685  -1.136  1.00 76.81  ? 89   ARG A N   1 
ATOM   507  C CA  . ARG A 1 89  ? 13.073  0.253   -2.077  1.00 76.11  ? 89   ARG A CA  1 
ATOM   508  C C   . ARG A 1 89  ? 13.655  -0.463  -3.315  1.00 76.91  ? 89   ARG A C   1 
ATOM   509  O O   . ARG A 1 89  ? 13.327  -0.093  -4.457  1.00 71.95  ? 89   ARG A O   1 
ATOM   510  C CB  . ARG A 1 89  ? 14.151  1.127   -1.396  1.00 75.26  ? 89   ARG A CB  1 
ATOM   511  C CG  . ARG A 1 89  ? 14.606  2.318   -2.221  1.00 73.18  ? 89   ARG A CG  1 
ATOM   512  C CD  . ARG A 1 89  ? 15.899  2.957   -1.694  1.00 77.84  ? 89   ARG A CD  1 
ATOM   513  N NE  . ARG A 1 89  ? 16.755  3.516   -2.759  1.00 73.66  ? 89   ARG A NE  1 
ATOM   514  C CZ  . ARG A 1 89  ? 16.385  4.521   -3.546  1.00 68.50  ? 89   ARG A CZ  1 
ATOM   515  N NH1 . ARG A 1 89  ? 15.199  5.071   -3.390  1.00 76.95  ? 89   ARG A NH1 1 
ATOM   516  N NH2 . ARG A 1 89  ? 17.187  4.994   -4.469  1.00 64.31  ? 89   ARG A NH2 1 
ATOM   517  N N   . GLU A 1 90  ? 14.408  -1.546  -3.089  1.00 76.40  ? 90   GLU A N   1 
ATOM   518  C CA  . GLU A 1 90  ? 14.909  -2.413  -4.180  1.00 82.25  ? 90   GLU A CA  1 
ATOM   519  C C   . GLU A 1 90  ? 13.796  -2.904  -5.105  1.00 79.14  ? 90   GLU A C   1 
ATOM   520  O O   . GLU A 1 90  ? 13.935  -2.934  -6.336  1.00 75.65  ? 90   GLU A O   1 
ATOM   521  C CB  . GLU A 1 90  ? 15.589  -3.666  -3.618  1.00 81.31  ? 90   GLU A CB  1 
ATOM   522  C CG  . GLU A 1 90  ? 16.931  -3.463  -2.949  1.00 84.44  ? 90   GLU A CG  1 
ATOM   523  C CD  . GLU A 1 90  ? 17.520  -4.788  -2.445  1.00 101.44 ? 90   GLU A CD  1 
ATOM   524  O OE1 . GLU A 1 90  ? 17.218  -5.845  -3.057  1.00 107.43 ? 90   GLU A OE1 1 
ATOM   525  O OE2 . GLU A 1 90  ? 18.276  -4.780  -1.441  1.00 102.83 ? 90   GLU A OE2 1 
ATOM   526  N N   . VAL A 1 91  ? 12.699  -3.309  -4.503  1.00 75.31  ? 91   VAL A N   1 
ATOM   527  C CA  . VAL A 1 91  ? 11.601  -3.845  -5.269  1.00 77.03  ? 91   VAL A CA  1 
ATOM   528  C C   . VAL A 1 91  ? 11.008  -2.767  -6.173  1.00 77.94  ? 91   VAL A C   1 
ATOM   529  O O   . VAL A 1 91  ? 10.767  -2.999  -7.370  1.00 80.40  ? 91   VAL A O   1 
ATOM   530  C CB  . VAL A 1 91  ? 10.500  -4.435  -4.350  1.00 82.01  ? 91   VAL A CB  1 
ATOM   531  C CG1 . VAL A 1 91  ? 9.267   -4.744  -5.137  1.00 74.38  ? 91   VAL A CG1 1 
ATOM   532  C CG2 . VAL A 1 91  ? 11.014  -5.712  -3.690  1.00 84.08  ? 91   VAL A CG2 1 
ATOM   533  N N   . PHE A 1 92  ? 10.797  -1.575  -5.617  1.00 74.80  ? 92   PHE A N   1 
ATOM   534  C CA  . PHE A 1 92  ? 10.172  -0.524  -6.405  1.00 69.93  ? 92   PHE A CA  1 
ATOM   535  C C   . PHE A 1 92  ? 10.987  -0.160  -7.657  1.00 68.24  ? 92   PHE A C   1 
ATOM   536  O O   . PHE A 1 92  ? 10.445  -0.073  -8.755  1.00 69.67  ? 92   PHE A O   1 
ATOM   537  C CB  . PHE A 1 92  ? 9.952   0.742   -5.584  1.00 67.89  ? 92   PHE A CB  1 
ATOM   538  C CG  . PHE A 1 92  ? 9.430   1.865   -6.403  1.00 67.28  ? 92   PHE A CG  1 
ATOM   539  C CD1 . PHE A 1 92  ? 8.088   1.908   -6.738  1.00 65.86  ? 92   PHE A CD1 1 
ATOM   540  C CD2 . PHE A 1 92  ? 10.283  2.836   -6.901  1.00 61.30  ? 92   PHE A CD2 1 
ATOM   541  C CE1 . PHE A 1 92  ? 7.598   2.921   -7.522  1.00 64.83  ? 92   PHE A CE1 1 
ATOM   542  C CE2 . PHE A 1 92  ? 9.797   3.838   -7.689  1.00 62.15  ? 92   PHE A CE2 1 
ATOM   543  C CZ  . PHE A 1 92  ? 8.454   3.880   -8.008  1.00 63.49  ? 92   PHE A CZ  1 
ATOM   544  N N   . PHE A 1 93  ? 12.283  0.034   -7.493  1.00 67.01  ? 93   PHE A N   1 
ATOM   545  C CA  . PHE A 1 93  ? 13.122  0.504   -8.592  1.00 69.98  ? 93   PHE A CA  1 
ATOM   546  C C   . PHE A 1 93  ? 13.281  -0.593  -9.621  1.00 69.35  ? 93   PHE A C   1 
ATOM   547  O O   . PHE A 1 93  ? 13.419  -0.355  -10.812 1.00 66.00  ? 93   PHE A O   1 
ATOM   548  C CB  . PHE A 1 93  ? 14.457  1.129   -8.111  1.00 66.02  ? 93   PHE A CB  1 
ATOM   549  C CG  . PHE A 1 93  ? 14.309  2.567   -7.702  1.00 67.94  ? 93   PHE A CG  1 
ATOM   550  C CD1 . PHE A 1 93  ? 14.303  3.584   -8.681  1.00 65.37  ? 93   PHE A CD1 1 
ATOM   551  C CD2 . PHE A 1 93  ? 14.053  2.903   -6.363  1.00 64.83  ? 93   PHE A CD2 1 
ATOM   552  C CE1 . PHE A 1 93  ? 14.110  4.933   -8.322  1.00 59.69  ? 93   PHE A CE1 1 
ATOM   553  C CE2 . PHE A 1 93  ? 13.851  4.229   -5.999  1.00 64.41  ? 93   PHE A CE2 1 
ATOM   554  C CZ  . PHE A 1 93  ? 13.875  5.251   -6.977  1.00 61.74  ? 93   PHE A CZ  1 
ATOM   555  N N   . ARG A 1 94  ? 13.231  -1.819  -9.153  1.00 76.26  ? 94   ARG A N   1 
ATOM   556  C CA  . ARG A 1 94  ? 13.347  -2.917  -10.078 1.00 74.45  ? 94   ARG A CA  1 
ATOM   557  C C   . ARG A 1 94  ? 12.096  -3.069  -10.953 1.00 74.54  ? 94   ARG A C   1 
ATOM   558  O O   . ARG A 1 94  ? 12.193  -3.214  -12.185 1.00 72.88  ? 94   ARG A O   1 
ATOM   559  C CB  . ARG A 1 94  ? 13.641  -4.164  -9.300  1.00 78.07  ? 94   ARG A CB  1 
ATOM   560  C CG  . ARG A 1 94  ? 14.038  -5.370  -10.028 1.00 88.95  ? 94   ARG A CG  1 
ATOM   561  C CD  . ARG A 1 94  ? 14.784  -6.078  -8.932  1.00 100.96 ? 94   ARG A CD  1 
ATOM   562  N NE  . ARG A 1 94  ? 14.864  -7.522  -9.006  1.00 117.67 ? 94   ARG A NE  1 
ATOM   563  C CZ  . ARG A 1 94  ? 15.230  -8.267  -7.967  1.00 119.58 ? 94   ARG A CZ  1 
ATOM   564  N NH1 . ARG A 1 94  ? 15.532  -7.681  -6.803  1.00 113.70 ? 94   ARG A NH1 1 
ATOM   565  N NH2 . ARG A 1 94  ? 15.291  -9.592  -8.090  1.00 120.99 ? 94   ARG A NH2 1 
ATOM   566  N N   . VAL A 1 95  ? 10.929  -2.930  -10.333 1.00 70.97  ? 95   VAL A N   1 
ATOM   567  C CA  . VAL A 1 95  ? 9.679   -3.003  -11.066 1.00 69.91  ? 95   VAL A CA  1 
ATOM   568  C C   . VAL A 1 95  ? 9.556   -1.823  -12.038 1.00 69.21  ? 95   VAL A C   1 
ATOM   569  O O   . VAL A 1 95  ? 9.223   -1.977  -13.205 1.00 70.23  ? 95   VAL A O   1 
ATOM   570  C CB  . VAL A 1 95  ? 8.482   -3.074  -10.091 1.00 72.24  ? 95   VAL A CB  1 
ATOM   571  C CG1 . VAL A 1 95  ? 7.167   -2.875  -10.818 1.00 75.22  ? 95   VAL A CG1 1 
ATOM   572  C CG2 . VAL A 1 95  ? 8.473   -4.419  -9.407  1.00 75.32  ? 95   VAL A CG2 1 
ATOM   573  N N   . ALA A 1 96  ? 9.891   -0.637  -11.553 1.00 72.45  ? 96   ALA A N   1 
ATOM   574  C CA  . ALA A 1 96  ? 9.781   0.576   -12.346 1.00 64.78  ? 96   ALA A CA  1 
ATOM   575  C C   . ALA A 1 96  ? 10.704  0.541   -13.573 1.00 64.01  ? 96   ALA A C   1 
ATOM   576  O O   . ALA A 1 96  ? 10.268  0.816   -14.687 1.00 62.69  ? 96   ALA A O   1 
ATOM   577  C CB  . ALA A 1 96  ? 10.053  1.789   -11.482 1.00 59.93  ? 96   ALA A CB  1 
ATOM   578  N N   . ALA A 1 97  ? 11.974  0.208   -13.360 1.00 62.48  ? 97   ALA A N   1 
ATOM   579  C CA  . ALA A 1 97  ? 12.921  0.045   -14.462 1.00 66.72  ? 97   ALA A CA  1 
ATOM   580  C C   . ALA A 1 97  ? 12.407  -0.940  -15.515 1.00 72.38  ? 97   ALA A C   1 
ATOM   581  O O   . ALA A 1 97  ? 12.379  -0.634  -16.696 1.00 76.26  ? 97   ALA A O   1 
ATOM   582  C CB  . ALA A 1 97  ? 14.293  -0.401  -13.930 1.00 56.95  ? 97   ALA A CB  1 
ATOM   583  N N   . ASP A 1 98  ? 11.961  -2.102  -15.074 1.00 75.67  ? 98   ASP A N   1 
ATOM   584  C CA  . ASP A 1 98  ? 11.429  -3.130  -15.954 1.00 75.60  ? 98   ASP A CA  1 
ATOM   585  C C   . ASP A 1 98  ? 10.212  -2.684  -16.743 1.00 73.47  ? 98   ASP A C   1 
ATOM   586  O O   . ASP A 1 98  ? 10.111  -2.932  -17.945 1.00 78.51  ? 98   ASP A O   1 
ATOM   587  C CB  . ASP A 1 98  ? 11.127  -4.421  -15.182 1.00 86.56  ? 98   ASP A CB  1 
ATOM   588  C CG  . ASP A 1 98  ? 12.314  -5.355  -15.113 1.00 96.18  ? 98   ASP A CG  1 
ATOM   589  O OD1 . ASP A 1 98  ? 13.240  -5.182  -15.938 1.00 103.15 ? 98   ASP A OD1 1 
ATOM   590  O OD2 . ASP A 1 98  ? 12.350  -6.218  -14.200 1.00 99.76  ? 98   ASP A OD2 1 
ATOM   591  N N   . MET A 1 99  ? 9.291   -2.013  -16.059 1.00 69.19  ? 99   MET A N   1 
ATOM   592  C CA  . MET A 1 99  ? 8.088   -1.496  -16.709 1.00 72.83  ? 99   MET A CA  1 
ATOM   593  C C   . MET A 1 99  ? 8.446   -0.631  -17.882 1.00 74.41  ? 99   MET A C   1 
ATOM   594  O O   . MET A 1 99  ? 7.720   -0.609  -18.871 1.00 79.47  ? 99   MET A O   1 
ATOM   595  C CB  . MET A 1 99  ? 7.226   -0.681  -15.732 1.00 67.27  ? 99   MET A CB  1 
ATOM   596  C CG  . MET A 1 99  ? 6.592   -1.527  -14.661 1.00 70.54  ? 99   MET A CG  1 
ATOM   597  S SD  . MET A 1 99  ? 5.458   -0.736  -13.515 1.00 67.54  ? 99   MET A SD  1 
ATOM   598  C CE  . MET A 1 99  ? 4.300   0.180   -14.525 1.00 63.58  ? 99   MET A CE  1 
ATOM   599  N N   . PHE A 1 100 ? 9.566   0.088   -17.770 1.00 74.30  ? 100  PHE A N   1 
ATOM   600  C CA  . PHE A 1 100 ? 9.937   0.998   -18.832 1.00 68.88  ? 100  PHE A CA  1 
ATOM   601  C C   . PHE A 1 100 ? 11.228  0.652   -19.583 1.00 75.76  ? 100  PHE A C   1 
ATOM   602  O O   . PHE A 1 100 ? 11.822  1.518   -20.227 1.00 75.78  ? 100  PHE A O   1 
ATOM   603  C CB  . PHE A 1 100 ? 10.012  2.410   -18.273 1.00 67.81  ? 100  PHE A CB  1 
ATOM   604  C CG  . PHE A 1 100 ? 8.707   2.895   -17.738 1.00 67.92  ? 100  PHE A CG  1 
ATOM   605  C CD1 . PHE A 1 100 ? 7.766   3.511   -18.572 1.00 64.69  ? 100  PHE A CD1 1 
ATOM   606  C CD2 . PHE A 1 100 ? 8.414   2.736   -16.381 1.00 61.10  ? 100  PHE A CD2 1 
ATOM   607  C CE1 . PHE A 1 100 ? 6.542   3.953   -18.068 1.00 61.29  ? 100  PHE A CE1 1 
ATOM   608  C CE2 . PHE A 1 100 ? 7.192   3.189   -15.862 1.00 62.36  ? 100  PHE A CE2 1 
ATOM   609  C CZ  . PHE A 1 100 ? 6.256   3.800   -16.708 1.00 59.91  ? 100  PHE A CZ  1 
ATOM   610  N N   . SER A 1 101 ? 11.667  -0.602  -19.502 1.00 78.14  ? 101  SER A N   1 
ATOM   611  C CA  . SER A 1 101 ? 12.951  -0.987  -20.088 1.00 77.95  ? 101  SER A CA  1 
ATOM   612  C C   . SER A 1 101 ? 12.918  -1.131  -21.632 1.00 83.32  ? 101  SER A C   1 
ATOM   613  O O   . SER A 1 101 ? 13.938  -0.962  -22.304 1.00 82.52  ? 101  SER A O   1 
ATOM   614  C CB  . SER A 1 101 ? 13.486  -2.273  -19.448 1.00 80.35  ? 101  SER A CB  1 
ATOM   615  O OG  . SER A 1 101 ? 12.538  -3.331  -19.582 1.00 86.76  ? 101  SER A OG  1 
ATOM   616  N N   . ASP A 1 102 ? 11.737  -1.385  -22.194 1.00 81.18  ? 102  ASP A N   1 
ATOM   617  C CA  . ASP A 1 102 ? 11.623  -1.581  -23.635 1.00 83.55  ? 102  ASP A CA  1 
ATOM   618  C C   . ASP A 1 102 ? 11.628  -0.253  -24.404 1.00 89.99  ? 102  ASP A C   1 
ATOM   619  O O   . ASP A 1 102 ? 11.514  -0.236  -25.646 1.00 87.32  ? 102  ASP A O   1 
ATOM   620  C CB  . ASP A 1 102 ? 10.397  -2.449  -23.983 1.00 79.37  ? 102  ASP A CB  1 
ATOM   621  C CG  . ASP A 1 102 ? 9.095   -1.863  -23.551 1.00 85.44  ? 102  ASP A CG  1 
ATOM   622  O OD1 . ASP A 1 102 ? 9.104   -0.749  -22.997 1.00 88.49  ? 102  ASP A OD1 1 
ATOM   623  O OD2 . ASP A 1 102 ? 8.057   -2.554  -23.743 1.00 83.24  ? 102  ASP A OD2 1 
ATOM   624  N N   . GLY A 1 103 ? 11.701  0.852   -23.659 1.00 85.45  ? 103  GLY A N   1 
ATOM   625  C CA  . GLY A 1 103 ? 11.809  2.183   -24.241 1.00 76.13  ? 103  GLY A CA  1 
ATOM   626  C C   . GLY A 1 103 ? 10.515  2.760   -24.733 1.00 84.26  ? 103  GLY A C   1 
ATOM   627  O O   . GLY A 1 103 ? 10.492  3.777   -25.445 1.00 82.43  ? 103  GLY A O   1 
ATOM   628  N N   . ASN A 1 104 ? 9.428   2.081   -24.390 1.00 84.60  ? 104  ASN A N   1 
ATOM   629  C CA  . ASN A 1 104 ? 8.107   2.601   -24.682 1.00 84.53  ? 104  ASN A CA  1 
ATOM   630  C C   . ASN A 1 104 ? 7.497   3.276   -23.482 1.00 86.06  ? 104  ASN A C   1 
ATOM   631  O O   . ASN A 1 104 ? 7.821   2.964   -22.341 1.00 88.63  ? 104  ASN A O   1 
ATOM   632  C CB  . ASN A 1 104 ? 7.211   1.500   -25.198 1.00 85.95  ? 104  ASN A CB  1 
ATOM   633  C CG  . ASN A 1 104 ? 7.631   1.060   -26.570 1.00 98.04  ? 104  ASN A CG  1 
ATOM   634  O OD1 . ASN A 1 104 ? 8.078   1.888   -27.399 1.00 90.52  ? 104  ASN A OD1 1 
ATOM   635  N ND2 . ASN A 1 104 ? 7.523   -0.242  -26.831 1.00 100.58 ? 104  ASN A ND2 1 
ATOM   636  N N   . PHE A 1 105 ? 6.680   4.271   -23.752 1.00 83.23  ? 105  PHE A N   1 
ATOM   637  C CA  . PHE A 1 105 ? 5.980   4.968   -22.706 1.00 81.34  ? 105  PHE A CA  1 
ATOM   638  C C   . PHE A 1 105 ? 4.555   5.071   -23.146 1.00 76.49  ? 105  PHE A C   1 
ATOM   639  O O   . PHE A 1 105 ? 4.282   5.177   -24.342 1.00 77.26  ? 105  PHE A O   1 
ATOM   640  C CB  . PHE A 1 105 ? 6.555   6.368   -22.470 1.00 79.81  ? 105  PHE A CB  1 
ATOM   641  C CG  . PHE A 1 105 ? 8.029   6.358   -22.214 1.00 78.21  ? 105  PHE A CG  1 
ATOM   642  C CD1 . PHE A 1 105 ? 8.515   6.178   -20.932 1.00 66.45  ? 105  PHE A CD1 1 
ATOM   643  C CD2 . PHE A 1 105 ? 8.941   6.494   -23.280 1.00 83.34  ? 105  PHE A CD2 1 
ATOM   644  C CE1 . PHE A 1 105 ? 9.905   6.153   -20.690 1.00 76.11  ? 105  PHE A CE1 1 
ATOM   645  C CE2 . PHE A 1 105 ? 10.325  6.475   -23.057 1.00 79.39  ? 105  PHE A CE2 1 
ATOM   646  C CZ  . PHE A 1 105 ? 10.810  6.305   -21.748 1.00 80.79  ? 105  PHE A CZ  1 
ATOM   647  N N   . ASN A 1 106 ? 3.649   4.988   -22.190 1.00 74.40  ? 106  ASN A N   1 
ATOM   648  C CA  . ASN A 1 106 ? 2.282   5.408   -22.455 1.00 75.84  ? 106  ASN A CA  1 
ATOM   649  C C   . ASN A 1 106 ? 1.635   5.751   -21.113 1.00 72.58  ? 106  ASN A C   1 
ATOM   650  O O   . ASN A 1 106 ? 2.166   5.367   -20.043 1.00 67.00  ? 106  ASN A O   1 
ATOM   651  C CB  . ASN A 1 106 ? 1.503   4.315   -23.192 1.00 75.78  ? 106  ASN A CB  1 
ATOM   652  C CG  . ASN A 1 106 ? 1.548   2.971   -22.467 1.00 83.98  ? 106  ASN A CG  1 
ATOM   653  O OD1 . ASN A 1 106 ? 0.972   2.808   -21.368 1.00 79.04  ? 106  ASN A OD1 1 
ATOM   654  N ND2 . ASN A 1 106 ? 2.254   1.997   -23.071 1.00 86.69  ? 106  ASN A ND2 1 
ATOM   655  N N   . TRP A 1 107 ? 0.504   6.453   -21.151 1.00 67.53  ? 107  TRP A N   1 
ATOM   656  C CA  . TRP A 1 107 ? -0.112  6.868   -19.904 1.00 67.71  ? 107  TRP A CA  1 
ATOM   657  C C   . TRP A 1 107 ? -0.549  5.684   -19.055 1.00 70.70  ? 107  TRP A C   1 
ATOM   658  O O   . TRP A 1 107 ? -0.501  5.766   -17.823 1.00 68.36  ? 107  TRP A O   1 
ATOM   659  C CB  . TRP A 1 107 ? -1.276  7.808   -20.163 1.00 67.53  ? 107  TRP A CB  1 
ATOM   660  C CG  . TRP A 1 107 ? -0.851  9.243   -20.510 1.00 72.84  ? 107  TRP A CG  1 
ATOM   661  C CD1 . TRP A 1 107 ? -1.081  9.924   -21.686 1.00 69.81  ? 107  TRP A CD1 1 
ATOM   662  C CD2 . TRP A 1 107 ? -0.129  10.163  -19.652 1.00 68.60  ? 107  TRP A CD2 1 
ATOM   663  N NE1 . TRP A 1 107 ? -0.564  11.196  -21.604 1.00 64.94  ? 107  TRP A NE1 1 
ATOM   664  C CE2 . TRP A 1 107 ? 0.027   11.373  -20.374 1.00 64.21  ? 107  TRP A CE2 1 
ATOM   665  C CE3 . TRP A 1 107 ? 0.376   10.085  -18.343 1.00 63.85  ? 107  TRP A CE3 1 
ATOM   666  C CZ2 . TRP A 1 107 ? 0.670   12.507  -19.825 1.00 62.57  ? 107  TRP A CZ2 1 
ATOM   667  C CZ3 . TRP A 1 107 ? 1.020   11.214  -17.798 1.00 62.66  ? 107  TRP A CZ3 1 
ATOM   668  C CH2 . TRP A 1 107 ? 1.162   12.404  -18.544 1.00 61.24  ? 107  TRP A CH2 1 
ATOM   669  N N   . GLY A 1 108 ? -0.963  4.587   -19.679 1.00 69.97  ? 108  GLY A N   1 
ATOM   670  C CA  . GLY A 1 108 ? -1.384  3.429   -18.901 1.00 67.30  ? 108  GLY A CA  1 
ATOM   671  C C   . GLY A 1 108 ? -0.283  2.903   -17.994 1.00 67.51  ? 108  GLY A C   1 
ATOM   672  O O   . GLY A 1 108 ? -0.549  2.550   -16.855 1.00 72.15  ? 108  GLY A O   1 
ATOM   673  N N   . ARG A 1 109 ? 0.957   2.839   -18.479 1.00 68.01  ? 109  ARG A N   1 
ATOM   674  C CA  . ARG A 1 109 ? 2.084   2.394   -17.636 1.00 70.26  ? 109  ARG A CA  1 
ATOM   675  C C   . ARG A 1 109 ? 2.324   3.368   -16.478 1.00 66.91  ? 109  ARG A C   1 
ATOM   676  O O   . ARG A 1 109 ? 2.677   2.944   -15.358 1.00 55.81  ? 109  ARG A O   1 
ATOM   677  C CB  . ARG A 1 109 ? 3.368   2.165   -18.432 1.00 66.46  ? 109  ARG A CB  1 
ATOM   678  C CG  . ARG A 1 109 ? 3.365   0.884   -19.245 1.00 72.04  ? 109  ARG A CG  1 
ATOM   679  C CD  . ARG A 1 109 ? 4.692   0.662   -19.919 1.00 78.12  ? 109  ARG A CD  1 
ATOM   680  N NE  . ARG A 1 109 ? 4.584   -0.407  -20.907 1.00 88.88  ? 109  ARG A NE  1 
ATOM   681  C CZ  . ARG A 1 109 ? 5.581   -0.874  -21.652 1.00 82.82  ? 109  ARG A CZ  1 
ATOM   682  N NH1 . ARG A 1 109 ? 6.810   -0.404  -21.515 1.00 81.12  ? 109  ARG A NH1 1 
ATOM   683  N NH2 . ARG A 1 109 ? 5.335   -1.838  -22.525 1.00 87.53  ? 109  ARG A NH2 1 
ATOM   684  N N   . VAL A 1 110 ? 2.166   4.671   -16.747 1.00 62.36  ? 110  VAL A N   1 
ATOM   685  C CA  . VAL A 1 110 ? 2.334   5.636   -15.664 1.00 63.62  ? 110  VAL A CA  1 
ATOM   686  C C   . VAL A 1 110 ? 1.291   5.427   -14.575 1.00 68.01  ? 110  VAL A C   1 
ATOM   687  O O   . VAL A 1 110 ? 1.646   5.259   -13.384 1.00 64.53  ? 110  VAL A O   1 
ATOM   688  C CB  . VAL A 1 110 ? 2.326   7.088   -16.179 1.00 60.66  ? 110  VAL A CB  1 
ATOM   689  C CG1 . VAL A 1 110 ? 2.430   8.093   -15.015 1.00 56.88  ? 110  VAL A CG1 1 
ATOM   690  C CG2 . VAL A 1 110 ? 3.405   7.275   -17.226 1.00 56.43  ? 110  VAL A CG2 1 
ATOM   691  N N   . VAL A 1 111 ? 0.036   5.310   -14.998 1.00 64.69  ? 111  VAL A N   1 
ATOM   692  C CA  . VAL A 1 111 ? -1.046  4.938   -14.101 1.00 64.95  ? 111  VAL A CA  1 
ATOM   693  C C   . VAL A 1 111 ? -0.694  3.663   -13.325 1.00 68.15  ? 111  VAL A C   1 
ATOM   694  O O   . VAL A 1 111 ? -0.801  3.624   -12.109 1.00 73.05  ? 111  VAL A O   1 
ATOM   695  C CB  . VAL A 1 111 ? -2.310  4.697   -14.851 1.00 71.20  ? 111  VAL A CB  1 
ATOM   696  C CG1 . VAL A 1 111 ? -3.370  4.162   -13.885 1.00 72.25  ? 111  VAL A CG1 1 
ATOM   697  C CG2 . VAL A 1 111 ? -2.731  5.989   -15.590 1.00 67.27  ? 111  VAL A CG2 1 
ATOM   698  N N   . ALA A 1 112 ? -0.275  2.621   -14.028 1.00 69.30  ? 112  ALA A N   1 
ATOM   699  C CA  . ALA A 1 112 ? 0.086   1.365   -13.382 1.00 72.18  ? 112  ALA A CA  1 
ATOM   700  C C   . ALA A 1 112 ? 1.168   1.584   -12.318 1.00 70.66  ? 112  ALA A C   1 
ATOM   701  O O   . ALA A 1 112 ? 1.132   0.985   -11.235 1.00 70.18  ? 112  ALA A O   1 
ATOM   702  C CB  . ALA A 1 112 ? 0.555   0.325   -14.425 1.00 70.30  ? 112  ALA A CB  1 
ATOM   703  N N   . LEU A 1 113 ? 2.130   2.454   -12.621 1.00 69.16  ? 113  LEU A N   1 
ATOM   704  C CA  . LEU A 1 113 ? 3.188   2.727   -11.660 1.00 65.40  ? 113  LEU A CA  1 
ATOM   705  C C   . LEU A 1 113 ? 2.630   3.371   -10.373 1.00 68.15  ? 113  LEU A C   1 
ATOM   706  O O   . LEU A 1 113 ? 2.971   2.960   -9.254  1.00 59.56  ? 113  LEU A O   1 
ATOM   707  C CB  . LEU A 1 113 ? 4.237   3.630   -12.284 1.00 61.35  ? 113  LEU A CB  1 
ATOM   708  C CG  . LEU A 1 113 ? 5.434   3.988   -11.434 1.00 63.47  ? 113  LEU A CG  1 
ATOM   709  C CD1 . LEU A 1 113 ? 6.151   2.697   -11.078 1.00 62.02  ? 113  LEU A CD1 1 
ATOM   710  C CD2 . LEU A 1 113 ? 6.306   5.005   -12.145 1.00 63.11  ? 113  LEU A CD2 1 
ATOM   711  N N   . PHE A 1 114 ? 1.733   4.347   -10.543 1.00 67.19  ? 114  PHE A N   1 
ATOM   712  C CA  . PHE A 1 114 ? 1.084   4.967   -9.397  1.00 71.89  ? 114  PHE A CA  1 
ATOM   713  C C   . PHE A 1 114 ? 0.347   3.969   -8.558  1.00 71.54  ? 114  PHE A C   1 
ATOM   714  O O   . PHE A 1 114 ? 0.515   3.961   -7.338  1.00 70.99  ? 114  PHE A O   1 
ATOM   715  C CB  . PHE A 1 114 ? 0.106   6.063   -9.825  1.00 73.13  ? 114  PHE A CB  1 
ATOM   716  C CG  . PHE A 1 114 ? 0.756   7.404   -10.084 1.00 71.58  ? 114  PHE A CG  1 
ATOM   717  C CD1 . PHE A 1 114 ? 2.108   7.502   -10.349 1.00 69.16  ? 114  PHE A CD1 1 
ATOM   718  C CD2 . PHE A 1 114 ? -0.005  8.569   -10.032 1.00 71.89  ? 114  PHE A CD2 1 
ATOM   719  C CE1 . PHE A 1 114 ? 2.701   8.735   -10.573 1.00 66.97  ? 114  PHE A CE1 1 
ATOM   720  C CE2 . PHE A 1 114 ? 0.565   9.800   -10.255 1.00 69.77  ? 114  PHE A CE2 1 
ATOM   721  C CZ  . PHE A 1 114 ? 1.930   9.887   -10.527 1.00 71.27  ? 114  PHE A CZ  1 
ATOM   722  N N   . TYR A 1 115 ? -0.396  3.079   -9.222  1.00 72.54  ? 115  TYR A N   1 
ATOM   723  C CA  . TYR A 1 115 ? -1.166  2.062   -8.511  1.00 74.41  ? 115  TYR A CA  1 
ATOM   724  C C   . TYR A 1 115 ? -0.182  1.238   -7.701  1.00 71.15  ? 115  TYR A C   1 
ATOM   725  O O   . TYR A 1 115 ? -0.339  1.068   -6.498  1.00 74.25  ? 115  TYR A O   1 
ATOM   726  C CB  . TYR A 1 115 ? -1.964  1.186   -9.474  1.00 75.83  ? 115  TYR A CB  1 
ATOM   727  C CG  . TYR A 1 115 ? -2.697  0.060   -8.771  1.00 85.93  ? 115  TYR A CG  1 
ATOM   728  C CD1 . TYR A 1 115 ? -3.964  0.273   -8.204  1.00 89.45  ? 115  TYR A CD1 1 
ATOM   729  C CD2 . TYR A 1 115 ? -2.124  -1.212  -8.654  1.00 75.20  ? 115  TYR A CD2 1 
ATOM   730  C CE1 . TYR A 1 115 ? -4.645  -0.743  -7.554  1.00 89.84  ? 115  TYR A CE1 1 
ATOM   731  C CE2 . TYR A 1 115 ? -2.801  -2.229  -8.001  1.00 89.14  ? 115  TYR A CE2 1 
ATOM   732  C CZ  . TYR A 1 115 ? -4.062  -1.987  -7.453  1.00 92.69  ? 115  TYR A CZ  1 
ATOM   733  O OH  . TYR A 1 115 ? -4.736  -2.996  -6.807  1.00 97.50  ? 115  TYR A OH  1 
ATOM   734  N N   . PHE A 1 116 ? 0.892   0.824   -8.347  1.00 68.78  ? 116  PHE A N   1 
ATOM   735  C CA  . PHE A 1 116 ? 1.932   0.083   -7.661  1.00 70.37  ? 116  PHE A CA  1 
ATOM   736  C C   . PHE A 1 116 ? 2.570   0.767   -6.463  1.00 73.01  ? 116  PHE A C   1 
ATOM   737  O O   . PHE A 1 116 ? 2.804   0.108   -5.440  1.00 70.36  ? 116  PHE A O   1 
ATOM   738  C CB  . PHE A 1 116 ? 3.010   -0.316  -8.657  1.00 67.93  ? 116  PHE A CB  1 
ATOM   739  C CG  . PHE A 1 116 ? 4.122   -1.068  -8.052  1.00 65.86  ? 116  PHE A CG  1 
ATOM   740  C CD1 . PHE A 1 116 ? 3.959   -2.313  -7.501  1.00 72.33  ? 116  PHE A CD1 1 
ATOM   741  C CD2 . PHE A 1 116 ? 5.393   -0.516  -8.116  1.00 66.19  ? 116  PHE A CD2 1 
ATOM   742  C CE1 . PHE A 1 116 ? 5.054   -2.978  -6.929  1.00 73.35  ? 116  PHE A CE1 1 
ATOM   743  C CE2 . PHE A 1 116 ? 6.477   -1.164  -7.590  1.00 71.77  ? 116  PHE A CE2 1 
ATOM   744  C CZ  . PHE A 1 116 ? 6.314   -2.410  -6.989  1.00 73.89  ? 116  PHE A CZ  1 
ATOM   745  N N   . ALA A 1 117 ? 2.865   2.060   -6.589  1.00 69.59  ? 117  ALA A N   1 
ATOM   746  C CA  . ALA A 1 117 ? 3.365   2.818   -5.454  1.00 73.84  ? 117  ALA A CA  1 
ATOM   747  C C   . ALA A 1 117 ? 2.423   2.778   -4.227  1.00 76.19  ? 117  ALA A C   1 
ATOM   748  O O   . ALA A 1 117 ? 2.876   2.475   -3.113  1.00 73.35  ? 117  ALA A O   1 
ATOM   749  C CB  . ALA A 1 117 ? 3.639   4.269   -5.866  1.00 70.51  ? 117  ALA A CB  1 
ATOM   750  N N   . SER A 1 118 ? 1.118   2.964   -4.444  1.00 70.18  ? 118  SER A N   1 
ATOM   751  C CA  . SER A 1 118 ? 0.147   2.897   -3.340  1.00 79.37  ? 118  SER A CA  1 
ATOM   752  C C   . SER A 1 118 ? 0.065   1.512   -2.703  1.00 79.65  ? 118  SER A C   1 
ATOM   753  O O   . SER A 1 118 ? -0.144  1.421   -1.498  1.00 83.49  ? 118  SER A O   1 
ATOM   754  C CB  . SER A 1 118 ? -1.251  3.336   -3.783  1.00 86.30  ? 118  SER A CB  1 
ATOM   755  O OG  . SER A 1 118 ? -1.985  2.258   -4.322  1.00 90.45  ? 118  SER A OG  1 
ATOM   756  N N   . LYS A 1 119 ? 0.177   0.449   -3.502  1.00 75.76  ? 119  LYS A N   1 
ATOM   757  C CA  . LYS A 1 119 ? 0.200   -0.917  -2.963  1.00 76.89  ? 119  LYS A CA  1 
ATOM   758  C C   . LYS A 1 119 ? 1.448   -1.140  -2.115  1.00 79.64  ? 119  LYS A C   1 
ATOM   759  O O   . LYS A 1 119 ? 1.390   -1.862  -1.132  1.00 86.07  ? 119  LYS A O   1 
ATOM   760  C CB  . LYS A 1 119 ? 0.113   -1.995  -4.047  1.00 76.80  ? 119  LYS A CB  1 
ATOM   761  C CG  . LYS A 1 119 ? -1.064  -1.844  -4.991  1.00 84.55  ? 119  LYS A CG  1 
ATOM   762  C CD  . LYS A 1 119 ? -2.422  -1.791  -4.285  1.00 86.46  ? 119  LYS A CD  1 
ATOM   763  C CE  . LYS A 1 119 ? -2.717  -3.081  -3.522  1.00 95.80  ? 119  LYS A CE  1 
ATOM   764  N NZ  . LYS A 1 119 ? -4.063  -3.056  -2.836  1.00 100.46 ? 119  LYS A NZ  1 
ATOM   765  N N   . LEU A 1 120 ? 2.579   -0.546  -2.486  1.00 78.97  ? 120  LEU A N   1 
ATOM   766  C CA  . LEU A 1 120 ? 3.788   -0.690  -1.659  1.00 82.49  ? 120  LEU A CA  1 
ATOM   767  C C   . LEU A 1 120 ? 3.598   -0.152  -0.251  1.00 78.84  ? 120  LEU A C   1 
ATOM   768  O O   . LEU A 1 120 ? 4.165   -0.708  0.686   1.00 79.49  ? 120  LEU A O   1 
ATOM   769  C CB  . LEU A 1 120 ? 5.001   -0.005  -2.306  1.00 79.51  ? 120  LEU A CB  1 
ATOM   770  C CG  . LEU A 1 120 ? 5.801   -0.910  -3.228  1.00 76.25  ? 120  LEU A CG  1 
ATOM   771  C CD1 . LEU A 1 120 ? 7.053   -0.255  -3.758  1.00 69.62  ? 120  LEU A CD1 1 
ATOM   772  C CD2 . LEU A 1 120 ? 6.204   -2.030  -2.314  1.00 79.31  ? 120  LEU A CD2 1 
ATOM   773  N N   . VAL A 1 121 ? 2.853   0.938   -0.111  1.00 71.45  ? 121  VAL A N   1 
ATOM   774  C CA  . VAL A 1 121 ? 2.624   1.521   1.193   1.00 78.38  ? 121  VAL A CA  1 
ATOM   775  C C   . VAL A 1 121 ? 1.916   0.503   2.096   1.00 83.83  ? 121  VAL A C   1 
ATOM   776  O O   . VAL A 1 121 ? 2.353   0.198   3.212   1.00 77.89  ? 121  VAL A O   1 
ATOM   777  C CB  . VAL A 1 121 ? 1.741   2.785   1.085   1.00 78.46  ? 121  VAL A CB  1 
ATOM   778  C CG1 . VAL A 1 121 ? 1.331   3.284   2.454   1.00 81.77  ? 121  VAL A CG1 1 
ATOM   779  C CG2 . VAL A 1 121 ? 2.460   3.868   0.277   1.00 81.33  ? 121  VAL A CG2 1 
ATOM   780  N N   . LEU A 1 122 ? 0.833   -0.051  1.572   1.00 84.20  ? 122  LEU A N   1 
ATOM   781  C CA  . LEU A 1 122 ? 0.038   -1.029  2.287   1.00 83.40  ? 122  LEU A CA  1 
ATOM   782  C C   . LEU A 1 122 ? 0.820   -2.310  2.559   1.00 82.73  ? 122  LEU A C   1 
ATOM   783  O O   . LEU A 1 122 ? 0.736   -2.896  3.640   1.00 80.73  ? 122  LEU A O   1 
ATOM   784  C CB  . LEU A 1 122 ? -1.247  -1.309  1.495   1.00 92.27  ? 122  LEU A CB  1 
ATOM   785  C CG  . LEU A 1 122 ? -2.058  -0.031  1.199   1.00 94.62  ? 122  LEU A CG  1 
ATOM   786  C CD1 . LEU A 1 122 ? -2.931  -0.158  -0.064  1.00 97.60  ? 122  LEU A CD1 1 
ATOM   787  C CD2 . LEU A 1 122 ? -2.915  0.366   2.405   1.00 101.32 ? 122  LEU A CD2 1 
ATOM   788  N N   . LYS A 1 123 ? 1.572   -2.750  1.556   1.00 81.44  ? 123  LYS A N   1 
ATOM   789  C CA  . LYS A 1 123 ? 2.395   -3.942  1.691   1.00 80.17  ? 123  LYS A CA  1 
ATOM   790  C C   . LYS A 1 123 ? 3.437   -3.787  2.792   1.00 87.23  ? 123  LYS A C   1 
ATOM   791  O O   . LYS A 1 123 ? 3.717   -4.728  3.544   1.00 93.31  ? 123  LYS A O   1 
ATOM   792  C CB  . LYS A 1 123 ? 3.087   -4.239  0.377   1.00 82.06  ? 123  LYS A CB  1 
ATOM   793  C CG  . LYS A 1 123 ? 3.362   -5.707  0.089   1.00 94.96  ? 123  LYS A CG  1 
ATOM   794  C CD  . LYS A 1 123 ? 2.087   -6.201  -0.639  1.00 93.42  ? 123  LYS A CD  1 
ATOM   795  C CE  . LYS A 1 123 ? 1.835   -7.686  -0.676  1.00 98.83  ? 123  LYS A CE  1 
ATOM   796  N NZ  . LYS A 1 123 ? 0.586   -7.872  -1.506  1.00 99.61  ? 123  LYS A NZ  1 
ATOM   797  N N   . ALA A 1 124 ? 4.005   -2.582  2.868   1.00 83.06  ? 124  ALA A N   1 
ATOM   798  C CA  . ALA A 1 124 ? 5.071   -2.252  3.805   1.00 84.26  ? 124  ALA A CA  1 
ATOM   799  C C   . ALA A 1 124 ? 4.552   -2.195  5.223   1.00 87.78  ? 124  ALA A C   1 
ATOM   800  O O   . ALA A 1 124 ? 5.196   -2.673  6.150   1.00 92.78  ? 124  ALA A O   1 
ATOM   801  C CB  . ALA A 1 124 ? 5.722   -0.951  3.436   1.00 87.51  ? 124  ALA A CB  1 
ATOM   802  N N   . LEU A 1 125 ? 3.365   -1.611  5.375   1.00 86.17  ? 125  LEU A N   1 
ATOM   803  C CA  . LEU A 1 125 ? 2.699   -1.550  6.668   1.00 91.06  ? 125  LEU A CA  1 
ATOM   804  C C   . LEU A 1 125 ? 2.468   -2.955  7.189   1.00 94.53  ? 125  LEU A C   1 
ATOM   805  O O   . LEU A 1 125 ? 2.726   -3.239  8.357   1.00 99.95  ? 125  LEU A O   1 
ATOM   806  C CB  . LEU A 1 125 ? 1.357   -0.834  6.564   1.00 84.74  ? 125  LEU A CB  1 
ATOM   807  C CG  . LEU A 1 125 ? 1.359   0.630   6.983   1.00 87.41  ? 125  LEU A CG  1 
ATOM   808  C CD1 . LEU A 1 125 ? -0.038  1.000   7.385   1.00 91.83  ? 125  LEU A CD1 1 
ATOM   809  C CD2 . LEU A 1 125 ? 2.360   0.940   8.087   1.00 91.19  ? 125  LEU A CD2 1 
ATOM   810  N N   . SER A 1 126 ? 2.033   -3.833  6.294   1.00 90.55  ? 126  SER A N   1 
ATOM   811  C CA  . SER A 1 126 ? 1.637   -5.180  6.637   1.00 91.00  ? 126  SER A CA  1 
ATOM   812  C C   . SER A 1 126 ? 2.794   -5.966  7.199   1.00 92.21  ? 126  SER A C   1 
ATOM   813  O O   . SER A 1 126 ? 2.588   -6.872  7.994   1.00 93.11  ? 126  SER A O   1 
ATOM   814  C CB  . SER A 1 126 ? 1.036   -5.908  5.427   1.00 92.38  ? 126  SER A CB  1 
ATOM   815  O OG  . SER A 1 126 ? -0.350  -5.645  5.296   1.00 96.47  ? 126  SER A OG  1 
ATOM   816  N N   . THR A 1 127 ? 4.014   -5.599  6.827   1.00 92.46  ? 127  THR A N   1 
ATOM   817  C CA  . THR A 1 127 ? 5.189   -6.291  7.371   1.00 99.62  ? 127  THR A CA  1 
ATOM   818  C C   . THR A 1 127 ? 5.645   -5.739  8.739   1.00 100.08 ? 127  THR A C   1 
ATOM   819  O O   . THR A 1 127 ? 6.399   -6.396  9.457   1.00 100.14 ? 127  THR A O   1 
ATOM   820  C CB  . THR A 1 127 ? 6.380   -6.279  6.365   1.00 99.16  ? 127  THR A CB  1 
ATOM   821  O OG1 . THR A 1 127 ? 6.921   -4.956  6.225   1.00 104.08 ? 127  THR A OG1 1 
ATOM   822  C CG2 . THR A 1 127 ? 5.923   -6.805  4.997   1.00 101.03 ? 127  THR A CG2 1 
ATOM   823  N N   . LYS A 1 128 ? 5.228   -4.520  9.066   1.00 97.88  ? 128  LYS A N   1 
ATOM   824  C CA  . LYS A 1 128 ? 5.540   -3.905  10.357  1.00 99.12  ? 128  LYS A CA  1 
ATOM   825  C C   . LYS A 1 128 ? 4.655   -4.512  11.451  1.00 97.24  ? 128  LYS A C   1 
ATOM   826  O O   . LYS A 1 128 ? 5.104   -4.777  12.567  1.00 97.49  ? 128  LYS A O   1 
ATOM   827  C CB  . LYS A 1 128 ? 5.371   -2.378  10.330  1.00 101.01 ? 128  LYS A CB  1 
ATOM   828  C CG  . LYS A 1 128 ? 6.341   -1.616  9.422   1.00 105.43 ? 128  LYS A CG  1 
ATOM   829  C CD  . LYS A 1 128 ? 7.800   -2.055  9.587   1.00 106.47 ? 128  LYS A CD  1 
ATOM   830  C CE  . LYS A 1 128 ? 8.673   -1.304  8.591   1.00 109.14 ? 128  LYS A CE  1 
ATOM   831  N NZ  . LYS A 1 128 ? 8.014   -1.305  7.244   1.00 100.36 ? 128  LYS A NZ  1 
ATOM   832  N N   . VAL A 1 129 ? 3.386   -4.699  11.113  1.00 92.57  ? 129  VAL A N   1 
ATOM   833  C CA  . VAL A 1 129 ? 2.369   -5.183  12.041  1.00 93.58  ? 129  VAL A CA  1 
ATOM   834  C C   . VAL A 1 129 ? 2.690   -6.359  12.956  1.00 95.24  ? 129  VAL A C   1 
ATOM   835  O O   . VAL A 1 129 ? 2.469   -6.261  14.166  1.00 93.77  ? 129  VAL A O   1 
ATOM   836  C CB  . VAL A 1 129 ? 1.080   -5.507  11.304  1.00 91.73  ? 129  VAL A CB  1 
ATOM   837  C CG1 . VAL A 1 129 ? 0.094   -6.210  12.247  1.00 86.25  ? 129  VAL A CG1 1 
ATOM   838  C CG2 . VAL A 1 129 ? 0.509   -4.240  10.706  1.00 87.34  ? 129  VAL A CG2 1 
ATOM   839  N N   . PRO A 1 130 ? 3.211   -7.463  12.407  1.00 95.92  ? 130  PRO A N   1 
ATOM   840  C CA  . PRO A 1 130 ? 3.433   -8.538  13.372  1.00 93.52  ? 130  PRO A CA  1 
ATOM   841  C C   . PRO A 1 130 ? 4.478   -8.157  14.395  1.00 87.30  ? 130  PRO A C   1 
ATOM   842  O O   . PRO A 1 130 ? 4.344   -8.536  15.551  1.00 91.90  ? 130  PRO A O   1 
ATOM   843  C CB  . PRO A 1 130 ? 3.939   -9.694  12.502  1.00 97.56  ? 130  PRO A CB  1 
ATOM   844  C CG  . PRO A 1 130 ? 4.585   -9.005  11.306  1.00 94.72  ? 130  PRO A CG  1 
ATOM   845  C CD  . PRO A 1 130 ? 3.707   -7.804  11.059  1.00 95.42  ? 130  PRO A CD  1 
ATOM   846  N N   . GLU A 1 131 ? 5.471   -7.381  13.997  1.00 88.51  ? 131  GLU A N   1 
ATOM   847  C CA  . GLU A 1 131 ? 6.569   -7.057  14.901  1.00 94.06  ? 131  GLU A CA  1 
ATOM   848  C C   . GLU A 1 131 ? 6.021   -6.109  15.966  1.00 90.44  ? 131  GLU A C   1 
ATOM   849  O O   . GLU A 1 131 ? 6.488   -6.084  17.103  1.00 87.29  ? 131  GLU A O   1 
ATOM   850  C CB  . GLU A 1 131 ? 7.734   -6.433  14.152  1.00 96.56  ? 131  GLU A CB  1 
ATOM   851  C CG  . GLU A 1 131 ? 8.980   -6.293  15.019  1.00 105.45 ? 131  GLU A CG  1 
ATOM   852  C CD  . GLU A 1 131 ? 9.832   -5.097  14.633  1.00 113.88 ? 131  GLU A CD  1 
ATOM   853  O OE1 . GLU A 1 131 ? 10.701  -5.278  13.743  1.00 113.69 ? 131  GLU A OE1 1 
ATOM   854  O OE2 . GLU A 1 131 ? 9.638   -3.992  15.203  1.00 109.18 ? 131  GLU A OE2 1 
ATOM   855  N N   . LEU A 1 132 ? 5.032   -5.321  15.562  1.00 91.30  ? 132  LEU A N   1 
ATOM   856  C CA  . LEU A 1 132 ? 4.410   -4.336  16.411  1.00 84.78  ? 132  LEU A CA  1 
ATOM   857  C C   . LEU A 1 132 ? 3.534   -5.037  17.446  1.00 83.62  ? 132  LEU A C   1 
ATOM   858  O O   . LEU A 1 132 ? 3.523   -4.681  18.632  1.00 81.54  ? 132  LEU A O   1 
ATOM   859  C CB  . LEU A 1 132 ? 3.556   -3.425  15.539  1.00 81.77  ? 132  LEU A CB  1 
ATOM   860  C CG  . LEU A 1 132 ? 3.213   -2.047  16.084  1.00 88.11  ? 132  LEU A CG  1 
ATOM   861  C CD1 . LEU A 1 132 ? 4.464   -1.399  16.646  1.00 90.62  ? 132  LEU A CD1 1 
ATOM   862  C CD2 . LEU A 1 132 ? 2.611   -1.165  14.977  1.00 84.72  ? 132  LEU A CD2 1 
ATOM   863  N N   . ILE A 1 133 ? 2.854   -6.083  17.011  1.00 78.80  ? 133  ILE A N   1 
ATOM   864  C CA  . ILE A 1 133 ? 2.017   -6.845  17.910  1.00 81.53  ? 133  ILE A CA  1 
ATOM   865  C C   . ILE A 1 133 ? 2.910   -7.534  18.938  1.00 80.94  ? 133  ILE A C   1 
ATOM   866  O O   . ILE A 1 133 ? 2.586   -7.592  20.110  1.00 78.98  ? 133  ILE A O   1 
ATOM   867  C CB  . ILE A 1 133 ? 1.188   -7.891  17.140  1.00 81.24  ? 133  ILE A CB  1 
ATOM   868  C CG1 . ILE A 1 133 ? 0.050   -7.206  16.383  1.00 80.37  ? 133  ILE A CG1 1 
ATOM   869  C CG2 . ILE A 1 133 ? 0.649   -8.959  18.086  1.00 78.41  ? 133  ILE A CG2 1 
ATOM   870  C CD1 . ILE A 1 133 ? -0.729  -8.122  15.482  1.00 77.88  ? 133  ILE A CD1 1 
ATOM   871  N N   . ARG A 1 134 ? 4.072   -7.978  18.486  1.00 83.16  ? 134  ARG A N   1 
ATOM   872  C CA  . ARG A 1 134 ? 5.045   -8.672  19.315  1.00 80.98  ? 134  ARG A CA  1 
ATOM   873  C C   . ARG A 1 134 ? 5.625   -7.729  20.369  1.00 77.32  ? 134  ARG A C   1 
ATOM   874  O O   . ARG A 1 134 ? 5.776   -8.114  21.533  1.00 77.00  ? 134  ARG A O   1 
ATOM   875  C CB  . ARG A 1 134 ? 6.151   -9.268  18.429  1.00 90.20  ? 134  ARG A CB  1 
ATOM   876  C CG  . ARG A 1 134 ? 6.558   -10.691 18.810  1.00 100.77 ? 134  ARG A CG  1 
ATOM   877  C CD  . ARG A 1 134 ? 7.530   -11.354 17.813  1.00 104.18 ? 134  ARG A CD  1 
ATOM   878  N NE  . ARG A 1 134 ? 6.938   -11.517 16.480  1.00 104.97 ? 134  ARG A NE  1 
ATOM   879  C CZ  . ARG A 1 134 ? 7.410   -10.997 15.345  1.00 104.87 ? 134  ARG A CZ  1 
ATOM   880  N NH1 . ARG A 1 134 ? 8.515   -10.243 15.337  1.00 104.87 ? 134  ARG A NH1 1 
ATOM   881  N NH2 . ARG A 1 134 ? 6.760   -11.235 14.210  1.00 94.24  ? 134  ARG A NH2 1 
ATOM   882  N N   . THR A 1 135 ? 6.030   -6.538  19.956  1.00 72.53  ? 135  THR A N   1 
ATOM   883  C CA  . THR A 1 135 ? 6.569   -5.554  20.879  1.00 72.79  ? 135  THR A CA  1 
ATOM   884  C C   . THR A 1 135 ? 5.547   -5.165  21.978  1.00 75.57  ? 135  THR A C   1 
ATOM   885  O O   . THR A 1 135 ? 5.879   -5.047  23.165  1.00 67.97  ? 135  THR A O   1 
ATOM   886  C CB  . THR A 1 135 ? 7.007   -4.335  20.109  1.00 75.22  ? 135  THR A CB  1 
ATOM   887  O OG1 . THR A 1 135 ? 8.039   -4.750  19.211  1.00 80.90  ? 135  THR A OG1 1 
ATOM   888  C CG2 . THR A 1 135 ? 7.575   -3.268  21.020  1.00 69.00  ? 135  THR A CG2 1 
ATOM   889  N N   . ILE A 1 136 ? 4.297   -4.971  21.574  1.00 73.85  ? 136  ILE A N   1 
ATOM   890  C CA  . ILE A 1 136 ? 3.283   -4.498  22.503  1.00 72.20  ? 136  ILE A CA  1 
ATOM   891  C C   . ILE A 1 136 ? 2.798   -5.595  23.415  1.00 70.05  ? 136  ILE A C   1 
ATOM   892  O O   . ILE A 1 136 ? 2.513   -5.374  24.598  1.00 63.84  ? 136  ILE A O   1 
ATOM   893  C CB  . ILE A 1 136 ? 2.131   -3.845  21.756  1.00 73.51  ? 136  ILE A CB  1 
ATOM   894  C CG1 . ILE A 1 136 ? 2.661   -2.552  21.137  1.00 74.10  ? 136  ILE A CG1 1 
ATOM   895  C CG2 . ILE A 1 136 ? 0.975   -3.528  22.698  1.00 69.64  ? 136  ILE A CG2 1 
ATOM   896  C CD1 . ILE A 1 136 ? 1.590   -1.656  20.650  1.00 83.23  ? 136  ILE A CD1 1 
ATOM   897  N N   . MET A 1 137 ? 2.693   -6.789  22.854  1.00 70.95  ? 137  MET A N   1 
ATOM   898  C CA  . MET A 1 137 ? 2.414   -7.948  23.670  1.00 68.83  ? 137  MET A CA  1 
ATOM   899  C C   . MET A 1 137 ? 3.528   -8.119  24.719  1.00 69.44  ? 137  MET A C   1 
ATOM   900  O O   . MET A 1 137 ? 3.239   -8.376  25.882  1.00 68.60  ? 137  MET A O   1 
ATOM   901  C CB  . MET A 1 137 ? 2.323   -9.203  22.818  1.00 73.23  ? 137  MET A CB  1 
ATOM   902  C CG  . MET A 1 137 ? 0.951   -9.359  22.213  1.00 74.48  ? 137  MET A CG  1 
ATOM   903  S SD  . MET A 1 137 ? 0.833   -10.812 21.199  1.00 83.24  ? 137  MET A SD  1 
ATOM   904  C CE  . MET A 1 137 ? 0.812   -12.107 22.427  1.00 82.67  ? 137  MET A CE  1 
ATOM   905  N N   . GLY A 1 138 ? 4.781   -7.893  24.320  1.00 65.59  ? 138  GLY A N   1 
ATOM   906  C CA  . GLY A 1 138 ? 5.890   -7.905  25.249  1.00 57.59  ? 138  GLY A CA  1 
ATOM   907  C C   . GLY A 1 138 ? 5.689   -7.021  26.463  1.00 65.19  ? 138  GLY A C   1 
ATOM   908  O O   . GLY A 1 138 ? 5.780   -7.501  27.599  1.00 68.51  ? 138  GLY A O   1 
ATOM   909  N N   . TRP A 1 139 ? 5.307   -5.772  26.236  1.00 64.63  ? 139  TRP A N   1 
ATOM   910  C CA  . TRP A 1 139 ? 5.075   -4.820  27.320  1.00 64.80  ? 139  TRP A CA  1 
ATOM   911  C C   . TRP A 1 139 ? 3.967   -5.296  28.240  1.00 61.49  ? 139  TRP A C   1 
ATOM   912  O O   . TRP A 1 139 ? 4.069   -5.233  29.462  1.00 58.70  ? 139  TRP A O   1 
ATOM   913  C CB  . TRP A 1 139 ? 4.647   -3.464  26.771  1.00 60.83  ? 139  TRP A CB  1 
ATOM   914  C CG  . TRP A 1 139 ? 5.591   -2.887  25.791  1.00 68.14  ? 139  TRP A CG  1 
ATOM   915  C CD1 . TRP A 1 139 ? 6.911   -3.194  25.637  1.00 62.31  ? 139  TRP A CD1 1 
ATOM   916  C CD2 . TRP A 1 139 ? 5.302   -1.855  24.853  1.00 67.97  ? 139  TRP A CD2 1 
ATOM   917  N NE1 . TRP A 1 139 ? 7.461   -2.431  24.640  1.00 62.58  ? 139  TRP A NE1 1 
ATOM   918  C CE2 . TRP A 1 139 ? 6.498   -1.600  24.134  1.00 70.02  ? 139  TRP A CE2 1 
ATOM   919  C CE3 . TRP A 1 139 ? 4.148   -1.120  24.540  1.00 68.42  ? 139  TRP A CE3 1 
ATOM   920  C CZ2 . TRP A 1 139 ? 6.576   -0.633  23.109  1.00 72.43  ? 139  TRP A CZ2 1 
ATOM   921  C CZ3 . TRP A 1 139 ? 4.221   -0.154  23.508  1.00 75.36  ? 139  TRP A CZ3 1 
ATOM   922  C CH2 . TRP A 1 139 ? 5.433   0.083   22.815  1.00 71.96  ? 139  TRP A CH2 1 
ATOM   923  N N   . THR A 1 140 ? 2.892   -5.744  27.621  1.00 60.40  ? 140  THR A N   1 
ATOM   924  C CA  . THR A 1 140 ? 1.674   -6.061  28.321  1.00 62.40  ? 140  THR A CA  1 
ATOM   925  C C   . THR A 1 140 ? 1.873   -7.285  29.226  1.00 62.77  ? 140  THR A C   1 
ATOM   926  O O   . THR A 1 140 ? 1.457   -7.290  30.391  1.00 61.06  ? 140  THR A O   1 
ATOM   927  C CB  . THR A 1 140 ? 0.564   -6.337  27.300  1.00 61.08  ? 140  THR A CB  1 
ATOM   928  O OG1 . THR A 1 140 ? 0.499   -5.225  26.401  1.00 55.35  ? 140  THR A OG1 1 
ATOM   929  C CG2 . THR A 1 140 ? -0.771  -6.579  27.956  1.00 55.67  ? 140  THR A CG2 1 
ATOM   930  N N   . LEU A 1 141 ? 2.545   -8.297  28.693  1.00 62.43  ? 141  LEU A N   1 
ATOM   931  C CA  . LEU A 1 141 ? 2.792   -9.557  29.392  1.00 58.43  ? 141  LEU A CA  1 
ATOM   932  C C   . LEU A 1 141 ? 3.821   -9.365  30.499  1.00 59.22  ? 141  LEU A C   1 
ATOM   933  O O   . LEU A 1 141 ? 3.761   -10.007 31.542  1.00 58.89  ? 141  LEU A O   1 
ATOM   934  C CB  . LEU A 1 141 ? 3.228   -10.625 28.398  1.00 55.31  ? 141  LEU A CB  1 
ATOM   935  C CG  . LEU A 1 141 ? 2.114   -11.047 27.432  1.00 64.24  ? 141  LEU A CG  1 
ATOM   936  C CD1 . LEU A 1 141 ? 2.626   -11.954 26.323  1.00 57.44  ? 141  LEU A CD1 1 
ATOM   937  C CD2 . LEU A 1 141 ? 1.021   -11.780 28.212  1.00 58.21  ? 141  LEU A CD2 1 
ATOM   938  N N   . ASP A 1 142 ? 4.770   -8.456  30.258  1.00 59.52  ? 142  ASP A N   1 
ATOM   939  C CA  . ASP A 1 142 ? 5.768   -8.093  31.256  1.00 54.20  ? 142  ASP A CA  1 
ATOM   940  C C   . ASP A 1 142 ? 5.114   -7.413  32.450  1.00 62.28  ? 142  ASP A C   1 
ATOM   941  O O   . ASP A 1 142 ? 5.257   -7.880  33.621  1.00 63.16  ? 142  ASP A O   1 
ATOM   942  C CB  . ASP A 1 142 ? 6.798   -7.197  30.589  1.00 55.45  ? 142  ASP A CB  1 
ATOM   943  C CG  . ASP A 1 142 ? 7.973   -6.915  31.449  1.00 59.60  ? 142  ASP A CG  1 
ATOM   944  O OD1 . ASP A 1 142 ? 8.279   -7.780  32.303  1.00 61.79  ? 142  ASP A OD1 1 
ATOM   945  O OD2 . ASP A 1 142 ? 8.566   -5.807  31.305  1.00 59.76  ? 142  ASP A OD2 1 
ATOM   946  N N   . PHE A 1 143 ? 4.249   -6.444  32.145  1.00 58.49  ? 143  PHE A N   1 
ATOM   947  C CA  . PHE A 1 143 ? 3.464   -5.760  33.164  1.00 57.65  ? 143  PHE A CA  1 
ATOM   948  C C   . PHE A 1 143 ? 2.557   -6.768  33.882  1.00 58.24  ? 143  PHE A C   1 
ATOM   949  O O   . PHE A 1 143 ? 2.424   -6.756  35.111  1.00 56.36  ? 143  PHE A O   1 
ATOM   950  C CB  . PHE A 1 143 ? 2.620   -4.624  32.559  1.00 60.73  ? 143  PHE A CB  1 
ATOM   951  C CG  . PHE A 1 143 ? 1.809   -3.843  33.574  1.00 57.56  ? 143  PHE A CG  1 
ATOM   952  C CD1 . PHE A 1 143 ? 2.334   -2.709  34.183  1.00 59.55  ? 143  PHE A CD1 1 
ATOM   953  C CD2 . PHE A 1 143 ? 0.505   -4.214  33.870  1.00 58.16  ? 143  PHE A CD2 1 
ATOM   954  C CE1 . PHE A 1 143 ? 1.589   -1.976  35.102  1.00 57.92  ? 143  PHE A CE1 1 
ATOM   955  C CE2 . PHE A 1 143 ? -0.248  -3.493  34.797  1.00 55.81  ? 143  PHE A CE2 1 
ATOM   956  C CZ  . PHE A 1 143 ? 0.302   -2.379  35.404  1.00 57.68  ? 143  PHE A CZ  1 
ATOM   957  N N   . LEU A 1 144 ? 1.932   -7.653  33.110  1.00 58.82  ? 144  LEU A N   1 
ATOM   958  C CA  . LEU A 1 144 ? 1.028   -8.610  33.718  1.00 62.18  ? 144  LEU A CA  1 
ATOM   959  C C   . LEU A 1 144 ? 1.766   -9.538  34.705  1.00 61.44  ? 144  LEU A C   1 
ATOM   960  O O   . LEU A 1 144 ? 1.328   -9.688  35.852  1.00 54.33  ? 144  LEU A O   1 
ATOM   961  C CB  . LEU A 1 144 ? 0.336   -9.408  32.613  1.00 57.76  ? 144  LEU A CB  1 
ATOM   962  C CG  . LEU A 1 144 ? -0.795  -10.349 33.040  1.00 60.40  ? 144  LEU A CG  1 
ATOM   963  C CD1 . LEU A 1 144 ? -1.975  -10.307 32.060  1.00 56.20  ? 144  LEU A CD1 1 
ATOM   964  C CD2 . LEU A 1 144 ? -0.277  -11.776 33.156  1.00 55.98  ? 144  LEU A CD2 1 
ATOM   965  N N   . ARG A 1 145 ? 2.927   -10.069 34.305  1.00 63.80  ? 145  ARG A N   1 
ATOM   966  C CA  . ARG A 1 145 ? 3.735   -10.932 35.178  1.00 61.84  ? 145  ARG A CA  1 
ATOM   967  C C   . ARG A 1 145 ? 4.156   -10.232 36.472  1.00 58.39  ? 145  ARG A C   1 
ATOM   968  O O   . ARG A 1 145 ? 4.032   -10.763 37.563  1.00 56.12  ? 145  ARG A O   1 
ATOM   969  C CB  . ARG A 1 145 ? 4.980   -11.458 34.453  1.00 66.30  ? 145  ARG A CB  1 
ATOM   970  C CG  . ARG A 1 145 ? 5.760   -12.627 35.109  1.00 64.51  ? 145  ARG A CG  1 
ATOM   971  C CD  . ARG A 1 145 ? 6.800   -13.139 34.080  1.00 72.46  ? 145  ARG A CD  1 
ATOM   972  N NE  . ARG A 1 145 ? 7.456   -14.383 34.483  1.00 87.55  ? 145  ARG A NE  1 
ATOM   973  C CZ  . ARG A 1 145 ? 8.461   -14.470 35.361  1.00 89.03  ? 145  ARG A CZ  1 
ATOM   974  N NH1 . ARG A 1 145 ? 8.940   -13.373 35.954  1.00 85.41  ? 145  ARG A NH1 1 
ATOM   975  N NH2 . ARG A 1 145 ? 8.989   -15.658 35.652  1.00 84.28  ? 145  ARG A NH2 1 
ATOM   976  N N   . GLU A 1 146 ? 4.621   -9.003  36.352  1.00 57.40  ? 146  GLU A N   1 
ATOM   977  C CA  . GLU A 1 146 ? 5.209   -8.398  37.518  1.00 55.07  ? 146  GLU A CA  1 
ATOM   978  C C   . GLU A 1 146 ? 4.130   -7.740  38.383  1.00 58.66  ? 146  GLU A C   1 
ATOM   979  O O   . GLU A 1 146 ? 4.323   -7.553  39.576  1.00 61.11  ? 146  GLU A O   1 
ATOM   980  C CB  . GLU A 1 146 ? 6.317   -7.406  37.149  1.00 58.27  ? 146  GLU A CB  1 
ATOM   981  C CG  . GLU A 1 146 ? 7.407   -8.051  36.241  1.00 62.14  ? 146  GLU A CG  1 
ATOM   982  C CD  . GLU A 1 146 ? 7.873   -9.470  36.650  1.00 65.06  ? 146  GLU A CD  1 
ATOM   983  O OE1 . GLU A 1 146 ? 8.123   -9.759  37.850  1.00 57.74  ? 146  GLU A OE1 1 
ATOM   984  O OE2 . GLU A 1 146 ? 8.038   -10.301 35.710  1.00 69.98  ? 146  GLU A OE2 1 
ATOM   985  N N   . ARG A 1 147 ? 2.959   -7.441  37.816  1.00 60.63  ? 147  ARG A N   1 
ATOM   986  C CA  . ARG A 1 147 ? 2.049   -6.606  38.589  1.00 55.39  ? 147  ARG A CA  1 
ATOM   987  C C   . ARG A 1 147 ? 0.670   -7.216  38.861  1.00 56.56  ? 147  ARG A C   1 
ATOM   988  O O   . ARG A 1 147 ? 0.075   -6.946  39.883  1.00 62.38  ? 147  ARG A O   1 
ATOM   989  C CB  . ARG A 1 147 ? 1.926   -5.250  37.880  1.00 55.66  ? 147  ARG A CB  1 
ATOM   990  C CG  . ARG A 1 147 ? 3.346   -4.578  37.765  1.00 60.66  ? 147  ARG A CG  1 
ATOM   991  C CD  . ARG A 1 147 ? 3.939   -4.077  39.083  1.00 56.38  ? 147  ARG A CD  1 
ATOM   992  N NE  . ARG A 1 147 ? 2.952   -3.253  39.775  1.00 67.66  ? 147  ARG A NE  1 
ATOM   993  C CZ  . ARG A 1 147 ? 2.730   -1.965  39.522  1.00 71.34  ? 147  ARG A CZ  1 
ATOM   994  N NH1 . ARG A 1 147 ? 3.498   -1.300  38.637  1.00 68.02  ? 147  ARG A NH1 1 
ATOM   995  N NH2 . ARG A 1 147 ? 1.787   -1.328  40.219  1.00 69.10  ? 147  ARG A NH2 1 
ATOM   996  N N   . LEU A 1 148 ? 0.195   -8.100  37.985  1.00 61.55  ? 148  LEU A N   1 
ATOM   997  C CA  . LEU A 1 148 ? -1.182  -8.616  38.057  1.00 52.80  ? 148  LEU A CA  1 
ATOM   998  C C   . LEU A 1 148 ? -1.221  -10.113 38.358  1.00 51.39  ? 148  LEU A C   1 
ATOM   999  O O   . LEU A 1 148 ? -2.263  -10.648 38.708  1.00 55.23  ? 148  LEU A O   1 
ATOM   1000 C CB  . LEU A 1 148 ? -1.938  -8.341  36.738  1.00 57.42  ? 148  LEU A CB  1 
ATOM   1001 C CG  . LEU A 1 148 ? -1.988  -6.875  36.276  1.00 60.20  ? 148  LEU A CG  1 
ATOM   1002 C CD1 . LEU A 1 148 ? -2.700  -6.752  34.973  1.00 59.71  ? 148  LEU A CD1 1 
ATOM   1003 C CD2 . LEU A 1 148 ? -2.680  -5.967  37.307  1.00 56.42  ? 148  LEU A CD2 1 
ATOM   1004 N N   . LEU A 1 149 ? -0.105  -10.796 38.162  1.00 51.79  ? 149  LEU A N   1 
ATOM   1005 C CA  . LEU A 1 149 ? -0.081  -12.266 38.251  1.00 55.34  ? 149  LEU A CA  1 
ATOM   1006 C C   . LEU A 1 149 ? -0.546  -12.747 39.635  1.00 52.64  ? 149  LEU A C   1 
ATOM   1007 O O   . LEU A 1 149 ? -1.332  -13.704 39.744  1.00 54.49  ? 149  LEU A O   1 
ATOM   1008 C CB  . LEU A 1 149 ? 1.335   -12.825 37.951  1.00 55.77  ? 149  LEU A CB  1 
ATOM   1009 C CG  . LEU A 1 149 ? 1.628   -14.340 37.785  1.00 55.03  ? 149  LEU A CG  1 
ATOM   1010 C CD1 . LEU A 1 149 ? 1.606   -15.108 39.061  1.00 50.50  ? 149  LEU A CD1 1 
ATOM   1011 C CD2 . LEU A 1 149 ? 0.647   -14.987 36.951  1.00 60.33  ? 149  LEU A CD2 1 
ATOM   1012 N N   . GLY A 1 150 ? -0.035  -12.106 40.690  1.00 50.95  ? 150  GLY A N   1 
ATOM   1013 C CA  . GLY A 1 150 ? -0.393  -12.500 42.047  1.00 49.52  ? 150  GLY A CA  1 
ATOM   1014 C C   . GLY A 1 150 ? -1.907  -12.426 42.189  1.00 55.61  ? 150  GLY A C   1 
ATOM   1015 O O   . GLY A 1 150 ? -2.571  -13.404 42.598  1.00 54.22  ? 150  GLY A O   1 
ATOM   1016 N N   . TRP A 1 151 ? -2.478  -11.311 41.751  1.00 50.91  ? 151  TRP A N   1 
ATOM   1017 C CA  . TRP A 1 151 ? -3.910  -11.180 41.850  1.00 57.47  ? 151  TRP A CA  1 
ATOM   1018 C C   . TRP A 1 151 ? -4.651  -12.190 40.982  1.00 62.29  ? 151  TRP A C   1 
ATOM   1019 O O   . TRP A 1 151 ? -5.664  -12.755 41.431  1.00 59.31  ? 151  TRP A O   1 
ATOM   1020 C CB  . TRP A 1 151 ? -4.361  -9.765  41.486  1.00 58.14  ? 151  TRP A CB  1 
ATOM   1021 C CG  . TRP A 1 151 ? -5.871  -9.637  41.555  1.00 71.64  ? 151  TRP A CG  1 
ATOM   1022 C CD1 . TRP A 1 151 ? -6.621  -9.370  42.670  1.00 71.70  ? 151  TRP A CD1 1 
ATOM   1023 C CD2 . TRP A 1 151 ? -6.802  -9.675  40.455  1.00 72.62  ? 151  TRP A CD2 1 
ATOM   1024 N NE1 . TRP A 1 151 ? -7.960  -9.309  42.345  1.00 70.99  ? 151  TRP A NE1 1 
ATOM   1025 C CE2 . TRP A 1 151 ? -8.100  -9.463  40.995  1.00 72.89  ? 151  TRP A CE2 1 
ATOM   1026 C CE3 . TRP A 1 151 ? -6.668  -9.870  39.075  1.00 65.72  ? 151  TRP A CE3 1 
ATOM   1027 C CZ2 . TRP A 1 151 ? -9.254  -9.443  40.204  1.00 69.64  ? 151  TRP A CZ2 1 
ATOM   1028 C CZ3 . TRP A 1 151 ? -7.820  -9.856  38.286  1.00 67.67  ? 151  TRP A CZ3 1 
ATOM   1029 C CH2 . TRP A 1 151 ? -9.097  -9.652  38.857  1.00 70.68  ? 151  TRP A CH2 1 
ATOM   1030 N N   . ILE A 1 152 ? -4.149  -12.432 39.768  1.00 59.10  ? 152  ILE A N   1 
ATOM   1031 C CA  . ILE A 1 152 ? -4.763  -13.420 38.893  1.00 57.25  ? 152  ILE A CA  1 
ATOM   1032 C C   . ILE A 1 152 ? -4.721  -14.804 39.530  1.00 60.93  ? 152  ILE A C   1 
ATOM   1033 O O   . ILE A 1 152 ? -5.729  -15.553 39.442  1.00 56.01  ? 152  ILE A O   1 
ATOM   1034 C CB  . ILE A 1 152 ? -4.163  -13.428 37.490  1.00 58.08  ? 152  ILE A CB  1 
ATOM   1035 C CG1 . ILE A 1 152 ? -4.429  -12.107 36.793  1.00 57.73  ? 152  ILE A CG1 1 
ATOM   1036 C CG2 . ILE A 1 152 ? -4.697  -14.644 36.684  1.00 61.93  ? 152  ILE A CG2 1 
ATOM   1037 C CD1 . ILE A 1 152 ? -3.704  -11.975 35.472  1.00 54.75  ? 152  ILE A CD1 1 
ATOM   1038 N N   . GLN A 1 153 ? -3.592  -15.139 40.194  1.00 53.76  ? 153  GLN A N   1 
ATOM   1039 C CA  . GLN A 1 153 ? -3.540  -16.429 40.919  1.00 56.89  ? 153  GLN A CA  1 
ATOM   1040 C C   . GLN A 1 153 ? -4.591  -16.517 41.993  1.00 56.16  ? 153  GLN A C   1 
ATOM   1041 O O   . GLN A 1 153 ? -5.295  -17.513 42.083  1.00 57.58  ? 153  GLN A O   1 
ATOM   1042 C CB  . GLN A 1 153 ? -2.167  -16.730 41.595  1.00 48.84  ? 153  GLN A CB  1 
ATOM   1043 C CG  . GLN A 1 153 ? -1.047  -17.123 40.679  1.00 60.66  ? 153  GLN A CG  1 
ATOM   1044 C CD  . GLN A 1 153 ? 0.146   -17.811 41.384  1.00 59.80  ? 153  GLN A CD  1 
ATOM   1045 O OE1 . GLN A 1 153 ? 0.606   -17.397 42.453  1.00 59.71  ? 153  GLN A OE1 1 
ATOM   1046 N NE2 . GLN A 1 153 ? 0.559   -18.944 40.824  1.00 58.83  ? 153  GLN A NE2 1 
ATOM   1047 N N   . ASP A 1 154 ? -4.783  -15.435 42.727  1.00 53.25  ? 154  ASP A N   1 
ATOM   1048 C CA  . ASP A 1 154 ? -5.834  -15.436 43.721  1.00 59.13  ? 154  ASP A CA  1 
ATOM   1049 C C   . ASP A 1 154 ? -7.242  -15.742 43.149  1.00 61.64  ? 154  ASP A C   1 
ATOM   1050 O O   . ASP A 1 154 ? -8.050  -16.331 43.871  1.00 60.05  ? 154  ASP A O   1 
ATOM   1051 C CB  . ASP A 1 154 ? -5.870  -14.085 44.444  1.00 58.25  ? 154  ASP A CB  1 
ATOM   1052 C CG  . ASP A 1 154 ? -4.703  -13.909 45.443  1.00 62.99  ? 154  ASP A CG  1 
ATOM   1053 O OD1 . ASP A 1 154 ? -3.977  -14.888 45.774  1.00 63.09  ? 154  ASP A OD1 1 
ATOM   1054 O OD2 . ASP A 1 154 ? -4.548  -12.773 45.942  1.00 65.37  ? 154  ASP A OD2 1 
ATOM   1055 N N   . GLN A 1 155 ? -7.482  -15.489 41.851  1.00 58.63  ? 155  GLN A N   1 
ATOM   1056 C CA  . GLN A 1 155 ? -8.782  -15.798 41.214  1.00 57.21  ? 155  GLN A CA  1 
ATOM   1057 C C   . GLN A 1 155 ? -8.858  -17.258 40.723  1.00 62.08  ? 155  GLN A C   1 
ATOM   1058 O O   . GLN A 1 155 ? -9.910  -17.710 40.217  1.00 52.75  ? 155  GLN A O   1 
ATOM   1059 C CB  . GLN A 1 155 ? -9.030  -14.889 40.013  1.00 54.34  ? 155  GLN A CB  1 
ATOM   1060 C CG  . GLN A 1 155 ? -8.755  -13.441 40.285  1.00 59.62  ? 155  GLN A CG  1 
ATOM   1061 C CD  . GLN A 1 155 ? -9.486  -12.949 41.518  1.00 67.29  ? 155  GLN A CD  1 
ATOM   1062 O OE1 . GLN A 1 155 ? -10.706 -13.101 41.652  1.00 68.69  ? 155  GLN A OE1 1 
ATOM   1063 N NE2 . GLN A 1 155 ? -8.720  -12.405 42.463  1.00 68.21  ? 155  GLN A NE2 1 
ATOM   1064 N N   . GLY A 1 156 ? -7.749  -17.985 40.900  1.00 59.92  ? 156  GLY A N   1 
ATOM   1065 C CA  . GLY A 1 156 ? -7.566  -19.305 40.323  1.00 56.26  ? 156  GLY A CA  1 
ATOM   1066 C C   . GLY A 1 156 ? -7.277  -19.159 38.837  1.00 58.15  ? 156  GLY A C   1 
ATOM   1067 O O   . GLY A 1 156 ? -7.679  -19.980 38.025  1.00 57.55  ? 156  GLY A O   1 
ATOM   1068 N N   . GLY A 1 157 ? -6.499  -18.140 38.476  1.00 61.99  ? 157  GLY A N   1 
ATOM   1069 C CA  . GLY A 1 157 ? -6.133  -17.967 37.082  1.00 61.02  ? 157  GLY A CA  1 
ATOM   1070 C C   . GLY A 1 157 ? -7.256  -17.451 36.188  1.00 63.44  ? 157  GLY A C   1 
ATOM   1071 O O   . GLY A 1 157 ? -8.230  -16.842 36.647  1.00 64.19  ? 157  GLY A O   1 
ATOM   1072 N N   . TRP A 1 158 ? -7.086  -17.647 34.887  1.00 64.71  ? 158  TRP A N   1 
ATOM   1073 C CA  . TRP A 1 158 ? -8.012  -17.114 33.899  1.00 61.30  ? 158  TRP A CA  1 
ATOM   1074 C C   . TRP A 1 158 ? -9.380  -17.757 33.941  1.00 60.64  ? 158  TRP A C   1 
ATOM   1075 O O   . TRP A 1 158 ? -10.336 -17.160 33.480  1.00 68.93  ? 158  TRP A O   1 
ATOM   1076 C CB  . TRP A 1 158 ? -7.426  -17.182 32.472  1.00 56.35  ? 158  TRP A CB  1 
ATOM   1077 C CG  . TRP A 1 158 ? -6.245  -16.292 32.266  1.00 58.27  ? 158  TRP A CG  1 
ATOM   1078 C CD1 . TRP A 1 158 ? -4.905  -16.641 32.360  1.00 59.58  ? 158  TRP A CD1 1 
ATOM   1079 C CD2 . TRP A 1 158 ? -6.272  -14.897 31.976  1.00 53.98  ? 158  TRP A CD2 1 
ATOM   1080 N NE1 . TRP A 1 158 ? -4.111  -15.547 32.107  1.00 59.49  ? 158  TRP A NE1 1 
ATOM   1081 C CE2 . TRP A 1 158 ? -4.921  -14.460 31.884  1.00 59.03  ? 158  TRP A CE2 1 
ATOM   1082 C CE3 . TRP A 1 158 ? -7.299  -13.972 31.786  1.00 52.14  ? 158  TRP A CE3 1 
ATOM   1083 C CZ2 . TRP A 1 158 ? -4.583  -13.133 31.596  1.00 59.68  ? 158  TRP A CZ2 1 
ATOM   1084 C CZ3 . TRP A 1 158 ? -6.971  -12.653 31.503  1.00 52.86  ? 158  TRP A CZ3 1 
ATOM   1085 C CH2 . TRP A 1 158 ? -5.624  -12.244 31.405  1.00 57.82  ? 158  TRP A CH2 1 
ATOM   1086 N N   . ASP A 1 159 ? -9.513  -18.901 34.592  1.00 62.77  ? 159  ASP A N   1 
ATOM   1087 C CA  . ASP A 1 159 ? -10.847 -19.482 34.765  1.00 65.91  ? 159  ASP A CA  1 
ATOM   1088 C C   . ASP A 1 159 ? -11.756 -18.565 35.554  1.00 67.89  ? 159  ASP A C   1 
ATOM   1089 O O   . ASP A 1 159 ? -12.959 -18.660 35.450  1.00 76.04  ? 159  ASP A O   1 
ATOM   1090 C CB  . ASP A 1 159 ? -10.794 -20.834 35.495  1.00 61.69  ? 159  ASP A CB  1 
ATOM   1091 C CG  . ASP A 1 159 ? -10.309 -21.975 34.620  1.00 62.94  ? 159  ASP A CG  1 
ATOM   1092 O OD1 . ASP A 1 159 ? -9.693  -21.746 33.543  1.00 64.97  ? 159  ASP A OD1 1 
ATOM   1093 O OD2 . ASP A 1 159 ? -10.610 -23.116 35.004  1.00 64.17  ? 159  ASP A OD2 1 
ATOM   1094 N N   . GLY A 1 160 ? -11.165 -17.685 36.348  1.00 65.30  ? 160  GLY A N   1 
ATOM   1095 C CA  . GLY A 1 160 ? -11.887 -16.714 37.141  1.00 61.42  ? 160  GLY A CA  1 
ATOM   1096 C C   . GLY A 1 160 ? -12.561 -15.707 36.260  1.00 70.63  ? 160  GLY A C   1 
ATOM   1097 O O   . GLY A 1 160 ? -13.627 -15.191 36.595  1.00 67.54  ? 160  GLY A O   1 
ATOM   1098 N N   . LEU A 1 161 ? -11.925 -15.432 35.124  1.00 71.63  ? 161  LEU A N   1 
ATOM   1099 C CA  . LEU A 1 161 ? -12.487 -14.540 34.125  1.00 72.85  ? 161  LEU A CA  1 
ATOM   1100 C C   . LEU A 1 161 ? -13.707 -15.222 33.453  1.00 76.52  ? 161  LEU A C   1 
ATOM   1101 O O   . LEU A 1 161 ? -14.655 -14.550 33.092  1.00 80.61  ? 161  LEU A O   1 
ATOM   1102 C CB  . LEU A 1 161 ? -11.425 -14.125 33.102  1.00 64.73  ? 161  LEU A CB  1 
ATOM   1103 C CG  . LEU A 1 161 ? -11.916 -13.086 32.096  1.00 71.30  ? 161  LEU A CG  1 
ATOM   1104 C CD1 . LEU A 1 161 ? -12.353 -11.820 32.786  1.00 69.72  ? 161  LEU A CD1 1 
ATOM   1105 C CD2 . LEU A 1 161 ? -10.830 -12.721 31.088  1.00 73.75  ? 161  LEU A CD2 1 
ATOM   1106 N N   . LEU A 1 162 ? -13.679 -16.543 33.276  1.00 76.80  ? 162  LEU A N   1 
ATOM   1107 C CA  . LEU A 1 162 ? -14.872 -17.273 32.837  1.00 82.86  ? 162  LEU A CA  1 
ATOM   1108 C C   . LEU A 1 162 ? -16.073 -17.080 33.791  1.00 86.21  ? 162  LEU A C   1 
ATOM   1109 O O   . LEU A 1 162 ? -17.190 -16.801 33.349  1.00 89.28  ? 162  LEU A O   1 
ATOM   1110 C CB  . LEU A 1 162 ? -14.579 -18.787 32.709  1.00 79.74  ? 162  LEU A CB  1 
ATOM   1111 C CG  . LEU A 1 162 ? -13.904 -19.334 31.441  1.00 84.27  ? 162  LEU A CG  1 
ATOM   1112 C CD1 . LEU A 1 162 ? -13.637 -20.843 31.549  1.00 84.38  ? 162  LEU A CD1 1 
ATOM   1113 C CD2 . LEU A 1 162 ? -14.719 -19.025 30.192  1.00 85.50  ? 162  LEU A CD2 1 
ATOM   1114 N N   . SER A 1 163 ? -15.816 -17.179 35.096  1.00 82.85  ? 163  SER A N   1 
ATOM   1115 C CA  . SER A 1 163 ? -16.814 -16.945 36.148  1.00 84.95  ? 163  SER A CA  1 
ATOM   1116 C C   . SER A 1 163 ? -17.398 -15.547 36.053  1.00 86.86  ? 163  SER A C   1 
ATOM   1117 O O   . SER A 1 163 ? -18.603 -15.356 36.168  1.00 93.26  ? 163  SER A O   1 
ATOM   1118 C CB  . SER A 1 163 ? -16.181 -17.141 37.523  1.00 78.73  ? 163  SER A CB  1 
ATOM   1119 O OG  . SER A 1 163 ? -15.914 -18.511 37.718  1.00 78.49  ? 163  SER A OG  1 
ATOM   1120 N N   . TYR A 1 164 ? -16.503 -14.581 35.894  1.00 80.95  ? 164  TYR A N   1 
ATOM   1121 C CA  . TYR A 1 164 ? -16.822 -13.178 35.804  1.00 77.97  ? 164  TYR A CA  1 
ATOM   1122 C C   . TYR A 1 164 ? -17.795 -12.934 34.672  1.00 88.55  ? 164  TYR A C   1 
ATOM   1123 O O   . TYR A 1 164 ? -18.763 -12.169 34.816  1.00 88.26  ? 164  TYR A O   1 
ATOM   1124 C CB  . TYR A 1 164 ? -15.526 -12.400 35.597  1.00 75.75  ? 164  TYR A CB  1 
ATOM   1125 C CG  . TYR A 1 164 ? -15.623 -10.897 35.450  1.00 80.79  ? 164  TYR A CG  1 
ATOM   1126 C CD1 . TYR A 1 164 ? -15.629 -10.063 36.584  1.00 76.73  ? 164  TYR A CD1 1 
ATOM   1127 C CD2 . TYR A 1 164 ? -15.593 -10.300 34.192  1.00 78.14  ? 164  TYR A CD2 1 
ATOM   1128 C CE1 . TYR A 1 164 ? -15.669 -8.689  36.456  1.00 74.40  ? 164  TYR A CE1 1 
ATOM   1129 C CE2 . TYR A 1 164 ? -15.632 -8.923  34.058  1.00 74.43  ? 164  TYR A CE2 1 
ATOM   1130 C CZ  . TYR A 1 164 ? -15.666 -8.125  35.190  1.00 75.66  ? 164  TYR A CZ  1 
ATOM   1131 O OH  . TYR A 1 164 ? -15.700 -6.756  35.053  1.00 79.52  ? 164  TYR A OH  1 
ATOM   1132 N N   . PHE A 1 165 ? -17.486 -13.535 33.526  1.00 89.24  ? 165  PHE A N   1 
ATOM   1133 C CA  . PHE A 1 165 ? -18.350 -13.467 32.359  1.00 90.01  ? 165  PHE A CA  1 
ATOM   1134 C C   . PHE A 1 165 ? -19.618 -14.331 32.487  1.00 96.20  ? 165  PHE A C   1 
ATOM   1135 O O   . PHE A 1 165 ? -20.533 -14.234 31.655  1.00 101.31 ? 165  PHE A O   1 
ATOM   1136 C CB  . PHE A 1 165 ? -17.579 -13.847 31.101  1.00 87.03  ? 165  PHE A CB  1 
ATOM   1137 C CG  . PHE A 1 165 ? -16.584 -12.823 30.675  1.00 86.29  ? 165  PHE A CG  1 
ATOM   1138 C CD1 . PHE A 1 165 ? -16.922 -11.480 30.651  1.00 85.44  ? 165  PHE A CD1 1 
ATOM   1139 C CD2 . PHE A 1 165 ? -15.309 -13.214 30.249  1.00 86.08  ? 165  PHE A CD2 1 
ATOM   1140 C CE1 . PHE A 1 165 ? -15.993 -10.527 30.238  1.00 89.25  ? 165  PHE A CE1 1 
ATOM   1141 C CE2 . PHE A 1 165 ? -14.374 -12.282 29.826  1.00 80.41  ? 165  PHE A CE2 1 
ATOM   1142 C CZ  . PHE A 1 165 ? -14.714 -10.930 29.824  1.00 90.04  ? 165  PHE A CZ  1 
ATOM   1143 N N   . GLY A 1 166 ? -19.655 -15.141 33.550  1.00 95.88  ? 166  GLY A N   1 
ATOM   1144 C CA  . GLY A 1 166 ? -20.793 -15.993 33.900  1.00 99.39  ? 166  GLY A CA  1 
ATOM   1145 C C   . GLY A 1 166 ? -20.860 -17.279 33.073  1.00 105.07 ? 166  GLY A C   1 
ATOM   1146 O O   . GLY A 1 166 ? -21.951 -17.846 32.839  1.00 106.18 ? 166  GLY A O   1 
ATOM   1147 N N   . THR A 1 167 ? -19.698 -17.746 32.624  1.00 105.15 ? 167  THR A N   1 
ATOM   1148 C CA  . THR A 1 167 ? -19.593 -18.972 31.832  1.00 107.40 ? 167  THR A CA  1 
ATOM   1149 C C   . THR A 1 167 ? -19.342 -20.185 32.749  1.00 103.18 ? 167  THR A C   1 
ATOM   1150 O O   . THR A 1 167 ? -18.537 -21.076 32.453  1.00 102.41 ? 167  THR A O   1 
ATOM   1151 C CB  . THR A 1 167 ? -18.433 -18.858 30.750  1.00 103.95 ? 167  THR A CB  1 
ATOM   1152 O OG1 . THR A 1 167 ? -18.425 -17.547 30.159  1.00 99.04  ? 167  THR A OG1 1 
ATOM   1153 C CG2 . THR A 1 167 ? -18.633 -19.857 29.622  1.00 104.80 ? 167  THR A CG2 1 
ATOM   1154 N N   . ALA B 2 7   ? 13.421  -12.251 -7.613  1.00 104.03 ? 54   ALA C N   1 
ATOM   1155 C CA  . ALA B 2 7   ? 13.155  -13.264 -8.633  1.00 109.36 ? 54   ALA C CA  1 
ATOM   1156 C C   . ALA B 2 7   ? 11.816  -13.033 -9.323  1.00 104.81 ? 54   ALA C C   1 
ATOM   1157 O O   . ALA B 2 7   ? 11.748  -12.981 -10.546 1.00 104.85 ? 54   ALA C O   1 
ATOM   1158 C CB  . ALA B 2 7   ? 13.205  -14.674 -8.023  1.00 109.07 ? 54   ALA C CB  1 
ATOM   1159 N N   . SER B 2 8   ? 10.751  -12.891 -8.536  1.00 106.19 ? 55   SER C N   1 
ATOM   1160 C CA  . SER B 2 8   ? 9.408   -12.775 -9.103  1.00 104.03 ? 55   SER C CA  1 
ATOM   1161 C C   . SER B 2 8   ? 8.899   -11.342 -9.223  1.00 102.98 ? 55   SER C C   1 
ATOM   1162 O O   . SER B 2 8   ? 7.706   -11.116 -9.473  1.00 100.63 ? 55   SER C O   1 
ATOM   1163 C CB  . SER B 2 8   ? 8.397   -13.601 -8.313  1.00 106.83 ? 55   SER C CB  1 
ATOM   1164 O OG  . SER B 2 8   ? 7.138   -13.577 -8.975  1.00 105.72 ? 55   SER C OG  1 
ATOM   1165 N N   . THR B 2 9   ? 9.793   -10.377 -9.036  1.00 102.68 ? 56   THR C N   1 
ATOM   1166 C CA  . THR B 2 9   ? 9.482   -8.992  -9.375  1.00 96.96  ? 56   THR C CA  1 
ATOM   1167 C C   . THR B 2 9   ? 9.304   -8.915  -10.880 1.00 98.36  ? 56   THR C C   1 
ATOM   1168 O O   . THR B 2 9   ? 8.484   -8.140  -11.390 1.00 96.93  ? 56   THR C O   1 
ATOM   1169 C CB  . THR B 2 9   ? 10.607  -8.039  -8.966  1.00 97.00  ? 56   THR C CB  1 
ATOM   1170 O OG1 . THR B 2 9   ? 11.867  -8.728  -8.995  1.00 102.78 ? 56   THR C OG1 1 
ATOM   1171 C CG2 . THR B 2 9   ? 10.370  -7.528  -7.581  1.00 93.37  ? 56   THR C CG2 1 
ATOM   1172 N N   . LYS B 2 10  ? 10.083  -9.742  -11.575 1.00 97.75  ? 57   LYS C N   1 
ATOM   1173 C CA  . LYS B 2 10  ? 10.057  -9.852  -13.027 1.00 97.28  ? 57   LYS C CA  1 
ATOM   1174 C C   . LYS B 2 10  ? 8.627   -10.024 -13.547 1.00 94.63  ? 57   LYS C C   1 
ATOM   1175 O O   . LYS B 2 10  ? 8.234   -9.390  -14.530 1.00 90.92  ? 57   LYS C O   1 
ATOM   1176 C CB  . LYS B 2 10  ? 10.914  -11.050 -13.433 1.00 99.07  ? 57   LYS C CB  1 
ATOM   1177 C CG  . LYS B 2 10  ? 11.577  -10.978 -14.798 1.00 100.29 ? 57   LYS C CG  1 
ATOM   1178 C CD  . LYS B 2 10  ? 12.540  -12.171 -14.936 1.00 108.05 ? 57   LYS C CD  1 
ATOM   1179 C CE  . LYS B 2 10  ? 12.553  -12.787 -16.340 1.00 107.96 ? 57   LYS C CE  1 
ATOM   1180 N NZ  . LYS B 2 10  ? 13.485  -12.098 -17.282 1.00 97.47  ? 57   LYS C NZ  1 
ATOM   1181 N N   . LYS B 2 11  ? 7.844   -10.852 -12.853 1.00 95.61  ? 58   LYS C N   1 
ATOM   1182 C CA  . LYS B 2 11  ? 6.533   -11.287 -13.341 1.00 91.59  ? 58   LYS C CA  1 
ATOM   1183 C C   . LYS B 2 11  ? 5.439   -10.293 -13.033 1.00 89.42  ? 58   LYS C C   1 
ATOM   1184 O O   . LYS B 2 11  ? 4.421   -10.251 -13.719 1.00 91.91  ? 58   LYS C O   1 
ATOM   1185 C CB  . LYS B 2 11  ? 6.158   -12.649 -12.753 1.00 99.66  ? 58   LYS C CB  1 
ATOM   1186 C CG  . LYS B 2 11  ? 7.263   -13.710 -12.872 1.00 105.46 ? 58   LYS C CG  1 
ATOM   1187 C CD  . LYS B 2 11  ? 6.889   -15.026 -12.158 1.00 109.13 ? 58   LYS C CD  1 
ATOM   1188 C CE  . LYS B 2 11  ? 5.890   -15.876 -12.961 1.00 107.42 ? 58   LYS C CE  1 
ATOM   1189 N NZ  . LYS B 2 11  ? 6.482   -16.550 -14.167 1.00 97.01  ? 58   LYS C NZ  1 
ATOM   1190 N N   . LEU B 2 12  ? 5.643   -9.497  -11.990 1.00 91.63  ? 59   LEU C N   1 
ATOM   1191 C CA  . LEU B 2 12  ? 4.715   -8.411  -11.662 1.00 85.54  ? 59   LEU C CA  1 
ATOM   1192 C C   . LEU B 2 12  ? 4.960   -7.206  -12.573 1.00 81.72  ? 59   LEU C C   1 
ATOM   1193 O O   . LEU B 2 12  ? 4.029   -6.475  -12.915 1.00 72.85  ? 59   LEU C O   1 
ATOM   1194 C CB  . LEU B 2 12  ? 4.864   -8.030  -10.191 1.00 87.64  ? 59   LEU C CB  1 
ATOM   1195 C CG  . LEU B 2 12  ? 4.241   -6.760  -9.618  1.00 83.64  ? 59   LEU C CG  1 
ATOM   1196 C CD1 . LEU B 2 12  ? 2.724   -6.807  -9.641  1.00 84.78  ? 59   LEU C CD1 1 
ATOM   1197 C CD2 . LEU B 2 12  ? 4.756   -6.565  -8.204  1.00 83.25  ? 59   LEU C CD2 1 
ATOM   1198 N N   . SER B 2 13  ? 6.214   -7.010  -12.979 1.00 83.74  ? 60   SER C N   1 
ATOM   1199 C CA  . SER B 2 13  ? 6.522   -5.965  -13.951 1.00 82.64  ? 60   SER C CA  1 
ATOM   1200 C C   . SER B 2 13  ? 5.724   -6.205  -15.222 1.00 82.58  ? 60   SER C C   1 
ATOM   1201 O O   . SER B 2 13  ? 4.982   -5.319  -15.675 1.00 78.37  ? 60   SER C O   1 
ATOM   1202 C CB  . SER B 2 13  ? 8.011   -5.920  -14.279 1.00 83.40  ? 60   SER C CB  1 
ATOM   1203 O OG  . SER B 2 13  ? 8.795   -6.125  -13.116 1.00 90.45  ? 60   SER C OG  1 
ATOM   1204 N N   . GLU B 2 14  ? 5.874   -7.407  -15.784 1.00 86.70  ? 61   GLU C N   1 
ATOM   1205 C CA  . GLU B 2 14  ? 5.158   -7.790  -17.006 1.00 84.61  ? 61   GLU C CA  1 
ATOM   1206 C C   . GLU B 2 14  ? 3.661   -7.677  -16.787 1.00 79.15  ? 61   GLU C C   1 
ATOM   1207 O O   . GLU B 2 14  ? 2.915   -7.162  -17.626 1.00 77.82  ? 61   GLU C O   1 
ATOM   1208 C CB  . GLU B 2 14  ? 5.539   -9.209  -17.435 1.00 89.46  ? 61   GLU C CB  1 
ATOM   1209 C CG  . GLU B 2 14  ? 7.004   -9.342  -17.896 1.00 93.83  ? 61   GLU C CG  1 
ATOM   1210 C CD  . GLU B 2 14  ? 7.273   -8.665  -19.252 1.00 100.54 ? 61   GLU C CD  1 
ATOM   1211 O OE1 . GLU B 2 14  ? 6.290   -8.304  -19.962 1.00 96.79  ? 61   GLU C OE1 1 
ATOM   1212 O OE2 . GLU B 2 14  ? 8.471   -8.496  -19.604 1.00 96.91  ? 61   GLU C OE2 1 
ATOM   1213 N N   . CYS B 2 15  ? 3.230   -8.129  -15.627 1.00 77.57  ? 62   CYS C N   1 
ATOM   1214 C CA  . CYS B 2 15  ? 1.830   -8.018  -15.269 1.00 82.66  ? 62   CYS C CA  1 
ATOM   1215 C C   . CYS B 2 15  ? 1.367   -6.544  -15.295 1.00 80.62  ? 62   CYS C C   1 
ATOM   1216 O O   . CYS B 2 15  ? 0.250   -6.240  -15.722 1.00 82.93  ? 62   CYS C O   1 
ATOM   1217 C CB  . CYS B 2 15  ? 1.614   -8.678  -13.900 1.00 84.91  ? 62   CYS C CB  1 
ATOM   1218 S SG  . CYS B 2 15  ? -0.043  -8.573  -13.234 1.00 87.73  ? 62   CYS C SG  1 
ATOM   1219 N N   . LEU B 2 16  ? 2.239   -5.628  -14.872 1.00 80.33  ? 63   LEU C N   1 
ATOM   1220 C CA  . LEU B 2 16  ? 1.905   -4.192  -14.836 1.00 75.39  ? 63   LEU C CA  1 
ATOM   1221 C C   . LEU B 2 16  ? 2.084   -3.512  -16.200 1.00 72.09  ? 63   LEU C C   1 
ATOM   1222 O O   . LEU B 2 16  ? 1.292   -2.621  -16.551 1.00 64.39  ? 63   LEU C O   1 
ATOM   1223 C CB  . LEU B 2 16  ? 2.686   -3.468  -13.726 1.00 75.27  ? 63   LEU C CB  1 
ATOM   1224 C CG  . LEU B 2 16  ? 2.261   -3.678  -12.256 1.00 74.45  ? 63   LEU C CG  1 
ATOM   1225 C CD1 . LEU B 2 16  ? 3.395   -3.377  -11.305 1.00 71.52  ? 63   LEU C CD1 1 
ATOM   1226 C CD2 . LEU B 2 16  ? 1.049   -2.806  -11.876 1.00 75.40  ? 63   LEU C CD2 1 
ATOM   1227 N N   . LYS B 2 17  ? 3.095   -3.946  -16.971 1.00 75.30  ? 64   LYS C N   1 
ATOM   1228 C CA  . LYS B 2 17  ? 3.230   -3.542  -18.391 1.00 78.22  ? 64   LYS C CA  1 
ATOM   1229 C C   . LYS B 2 17  ? 1.982   -3.870  -19.187 1.00 80.47  ? 64   LYS C C   1 
ATOM   1230 O O   . LYS B 2 17  ? 1.429   -2.994  -19.874 1.00 80.55  ? 64   LYS C O   1 
ATOM   1231 C CB  . LYS B 2 17  ? 4.417   -4.206  -19.078 1.00 77.75  ? 64   LYS C CB  1 
ATOM   1232 C CG  . LYS B 2 17  ? 5.756   -3.594  -18.759 1.00 84.23  ? 64   LYS C CG  1 
ATOM   1233 C CD  . LYS B 2 17  ? 6.906   -4.587  -18.964 1.00 86.06  ? 64   LYS C CD  1 
ATOM   1234 C CE  . LYS B 2 17  ? 7.182   -4.887  -20.440 1.00 90.39  ? 64   LYS C CE  1 
ATOM   1235 N NZ  . LYS B 2 17  ? 8.507   -5.597  -20.546 1.00 94.16  ? 64   LYS C NZ  1 
ATOM   1236 N N   . ARG B 2 18  ? 1.527   -5.125  -19.084 1.00 82.96  ? 65   ARG C N   1 
ATOM   1237 C CA  . ARG B 2 18  ? 0.331   -5.549  -19.835 1.00 88.86  ? 65   ARG C CA  1 
ATOM   1238 C C   . ARG B 2 18  ? -0.946  -4.862  -19.331 1.00 81.53  ? 65   ARG C C   1 
ATOM   1239 O O   . ARG B 2 18  ? -1.851  -4.555  -20.108 1.00 81.26  ? 65   ARG C O   1 
ATOM   1240 C CB  . ARG B 2 18  ? 0.200   -7.097  -19.990 1.00 88.12  ? 65   ARG C CB  1 
ATOM   1241 C CG  . ARG B 2 18  ? 0.169   -7.951  -18.703 1.00 89.88  ? 65   ARG C CG  1 
ATOM   1242 C CD  . ARG B 2 18  ? 0.447   -9.456  -18.988 1.00 87.29  ? 65   ARG C CD  1 
ATOM   1243 N NE  . ARG B 2 18  ? 0.439   -10.288 -17.779 1.00 89.34  ? 65   ARG C NE  1 
ATOM   1244 C CZ  . ARG B 2 18  ? -0.678  -10.728 -17.186 1.00 100.99 ? 65   ARG C CZ  1 
ATOM   1245 N NH1 . ARG B 2 18  ? -1.867  -10.410 -17.687 1.00 99.87  ? 65   ARG C NH1 1 
ATOM   1246 N NH2 . ARG B 2 18  ? -0.619  -11.480 -16.087 1.00 100.10 ? 65   ARG C NH2 1 
ATOM   1247 N N   . ILE B 2 19  ? -1.004  -4.565  -18.044 1.00 77.45  ? 66   ILE C N   1 
ATOM   1248 C CA  . ILE B 2 19  ? -2.119  -3.757  -17.575 1.00 84.47  ? 66   ILE C CA  1 
ATOM   1249 C C   . ILE B 2 19  ? -2.088  -2.347  -18.168 1.00 86.25  ? 66   ILE C C   1 
ATOM   1250 O O   . ILE B 2 19  ? -3.128  -1.787  -18.556 1.00 88.96  ? 66   ILE C O   1 
ATOM   1251 C CB  . ILE B 2 19  ? -2.157  -3.669  -16.057 1.00 87.44  ? 66   ILE C CB  1 
ATOM   1252 C CG1 . ILE B 2 19  ? -2.582  -5.026  -15.484 1.00 84.62  ? 66   ILE C CG1 1 
ATOM   1253 C CG2 . ILE B 2 19  ? -3.098  -2.536  -15.629 1.00 87.55  ? 66   ILE C CG2 1 
ATOM   1254 C CD1 . ILE B 2 19  ? -3.165  -4.970  -14.104 1.00 88.25  ? 66   ILE C CD1 1 
ATOM   1255 N N   . GLY B 2 20  ? -0.885  -1.787  -18.255 1.00 82.80  ? 67   GLY C N   1 
ATOM   1256 C CA  . GLY B 2 20  ? -0.717  -0.464  -18.813 1.00 78.07  ? 67   GLY C CA  1 
ATOM   1257 C C   . GLY B 2 20  ? -1.231  -0.403  -20.231 1.00 82.31  ? 67   GLY C C   1 
ATOM   1258 O O   . GLY B 2 20  ? -2.036  0.462   -20.560 1.00 83.95  ? 67   GLY C O   1 
ATOM   1259 N N   . ASP B 2 21  ? -0.783  -1.332  -21.074 1.00 87.48  ? 68   ASP C N   1 
ATOM   1260 C CA  . ASP B 2 21  ? -1.200  -1.331  -22.479 1.00 87.59  ? 68   ASP C CA  1 
ATOM   1261 C C   . ASP B 2 21  ? -2.694  -1.594  -22.636 1.00 86.46  ? 68   ASP C C   1 
ATOM   1262 O O   . ASP B 2 21  ? -3.369  -0.917  -23.422 1.00 86.65  ? 68   ASP C O   1 
ATOM   1263 C CB  . ASP B 2 21  ? -0.414  -2.353  -23.278 1.00 84.91  ? 68   ASP C CB  1 
ATOM   1264 C CG  . ASP B 2 21  ? 1.046   -2.330  -22.950 1.00 89.65  ? 68   ASP C CG  1 
ATOM   1265 O OD1 . ASP B 2 21  ? 1.583   -1.208  -22.759 1.00 89.43  ? 68   ASP C OD1 1 
ATOM   1266 O OD2 . ASP B 2 21  ? 1.640   -3.435  -22.861 1.00 85.98  ? 68   ASP C OD2 1 
ATOM   1267 N N   . GLU B 2 22  ? -3.200  -2.559  -21.872 1.00 87.57  ? 69   GLU C N   1 
ATOM   1268 C CA  . GLU B 2 22  ? -4.630  -2.870  -21.874 1.00 94.30  ? 69   GLU C CA  1 
ATOM   1269 C C   . GLU B 2 22  ? -5.413  -1.570  -21.746 1.00 96.14  ? 69   GLU C C   1 
ATOM   1270 O O   . GLU B 2 22  ? -6.382  -1.331  -22.470 1.00 94.74  ? 69   GLU C O   1 
ATOM   1271 C CB  . GLU B 2 22  ? -4.988  -3.822  -20.723 1.00 87.42  ? 69   GLU C CB  1 
ATOM   1272 C CG  . GLU B 2 22  ? -6.052  -3.271  -19.765 1.00 95.03  ? 69   GLU C CG  1 
ATOM   1273 C CD  . GLU B 2 22  ? -6.394  -4.223  -18.609 1.00 105.67 ? 69   GLU C CD  1 
ATOM   1274 O OE1 . GLU B 2 22  ? -6.078  -5.438  -18.721 1.00 102.79 ? 69   GLU C OE1 1 
ATOM   1275 O OE2 . GLU B 2 22  ? -6.977  -3.745  -17.591 1.00 102.75 ? 69   GLU C OE2 1 
ATOM   1276 N N   . LEU B 2 23  ? -4.924  -0.709  -20.859 1.00 95.81  ? 70   LEU C N   1 
ATOM   1277 C CA  . LEU B 2 23  ? -5.610  0.509   -20.481 1.00 92.73  ? 70   LEU C CA  1 
ATOM   1278 C C   . LEU B 2 23  ? -5.731  1.505   -21.633 1.00 91.72  ? 70   LEU C C   1 
ATOM   1279 O O   . LEU B 2 23  ? -6.771  2.148   -21.803 1.00 93.07  ? 70   LEU C O   1 
ATOM   1280 C CB  . LEU B 2 23  ? -4.858  1.120   -19.317 1.00 87.95  ? 70   LEU C CB  1 
ATOM   1281 C CG  . LEU B 2 23  ? -5.634  1.985   -18.345 1.00 90.17  ? 70   LEU C CG  1 
ATOM   1282 C CD1 . LEU B 2 23  ? -7.109  1.602   -18.334 1.00 97.56  ? 70   LEU C CD1 1 
ATOM   1283 C CD2 . LEU B 2 23  ? -5.013  1.812   -16.965 1.00 83.82  ? 70   LEU C CD2 1 
ATOM   1284 N N   . ASP B 2 24  ? -4.672  1.611   -22.432 1.00 91.12  ? 71   ASP C N   1 
ATOM   1285 C CA  . ASP B 2 24  ? -4.627  2.543   -23.572 1.00 93.74  ? 71   ASP C CA  1 
ATOM   1286 C C   . ASP B 2 24  ? -5.548  2.175   -24.728 1.00 99.49  ? 71   ASP C C   1 
ATOM   1287 O O   . ASP B 2 24  ? -5.924  3.044   -25.524 1.00 98.51  ? 71   ASP C O   1 
ATOM   1288 C CB  . ASP B 2 24  ? -3.204  2.634   -24.116 1.00 93.32  ? 71   ASP C CB  1 
ATOM   1289 C CG  . ASP B 2 24  ? -2.184  2.770   -23.019 1.00 89.72  ? 71   ASP C CG  1 
ATOM   1290 O OD1 . ASP B 2 24  ? -2.593  3.070   -21.881 1.00 87.75  ? 71   ASP C OD1 1 
ATOM   1291 O OD2 . ASP B 2 24  ? -0.987  2.583   -23.285 1.00 81.36  ? 71   ASP C OD2 1 
ATOM   1292 N N   . SER B 2 25  ? -5.865  0.885   -24.843 1.00 102.05 ? 72   SER C N   1 
ATOM   1293 C CA  . SER B 2 25  ? -6.849  0.402   -25.815 1.00 104.51 ? 72   SER C CA  1 
ATOM   1294 C C   . SER B 2 25  ? -8.181  1.169   -25.700 1.00 101.46 ? 72   SER C C   1 
ATOM   1295 O O   . SER B 2 25  ? -8.835  1.444   -26.702 1.00 102.00 ? 72   SER C O   1 
ATOM   1296 C CB  . SER B 2 25  ? -7.089  -1.095  -25.624 1.00 104.83 ? 72   SER C CB  1 
ATOM   1297 O OG  . SER B 2 25  ? -7.730  -1.339  -24.381 1.00 105.68 ? 72   SER C OG  1 
ATOM   1298 N N   . ASN B 2 26  ? -8.560  1.525   -24.476 1.00 99.22  ? 73   ASN C N   1 
ATOM   1299 C CA  . ASN B 2 26  ? -9.709  2.398   -24.249 1.00 106.31 ? 73   ASN C CA  1 
ATOM   1300 C C   . ASN B 2 26  ? -9.331  3.886   -24.292 1.00 102.28 ? 73   ASN C C   1 
ATOM   1301 O O   . ASN B 2 26  ? -9.289  4.506   -25.362 1.00 98.39  ? 73   ASN C O   1 
ATOM   1302 C CB  . ASN B 2 26  ? -10.371 2.063   -22.905 1.00 111.94 ? 73   ASN C CB  1 
ATOM   1303 C CG  . ASN B 2 26  ? -9.941  0.695   -22.364 1.00 107.76 ? 73   ASN C CG  1 
ATOM   1304 O OD1 . ASN B 2 26  ? -9.040  0.049   -22.919 1.00 101.23 ? 73   ASN C OD1 1 
ATOM   1305 N ND2 . ASN B 2 26  ? -10.574 0.259   -21.269 1.00 105.66 ? 73   ASN C ND2 1 
HETATM 1306 O O   . HOH C 3 .   ? 14.870  7.411   -4.663  1.00 57.88  ? 2001 HOH A O   1 
HETATM 1307 O O   . HOH C 3 .   ? 16.240  -2.666  -7.167  1.00 75.00  ? 2002 HOH A O   1 
HETATM 1308 O O   . HOH C 3 .   ? 0.046   6.945   -23.882 1.00 63.71  ? 2003 HOH A O   1 
HETATM 1309 O O   . HOH C 3 .   ? 8.359   -10.029 33.312  1.00 60.94  ? 2004 HOH A O   1 
HETATM 1310 O O   . HOH C 3 .   ? 2.501   -9.537  41.027  1.00 66.96  ? 2005 HOH A O   1 
HETATM 1311 O O   . HOH C 3 .   ? 9.103   -8.495  39.808  1.00 61.97  ? 2006 HOH A O   1 
HETATM 1312 O O   . HOH C 3 .   ? -1.099  -8.872  41.735  1.00 57.46  ? 2007 HOH A O   1 
HETATM 1313 O O   . HOH C 3 .   ? -12.253 -16.695 40.825  1.00 59.05  ? 2008 HOH A O   1 
HETATM 1314 O O   . HOH D 3 .   ? 2.728   -11.470 -16.401 1.00 85.98  ? 2001 HOH C O   1 
# 
